data_4M27
#
_entry.id   4M27
#
_cell.length_a   68.584
_cell.length_b   117.005
_cell.length_c   96.312
_cell.angle_alpha   90.00
_cell.angle_beta   92.18
_cell.angle_gamma   90.00
#
_symmetry.space_group_name_H-M   'P 1 21 1'
#
loop_
_entity.id
_entity.type
_entity.pdbx_description
1 polymer 'L-arginine beta-hydroxylase'
2 non-polymer 'FE (III) ION'
3 non-polymer ARGININE
4 non-polymer 'SUCCINIC ACID'
5 water water
#
_entity_poly.entity_id   1
_entity_poly.type   'polypeptide(L)'
_entity_poly.pdbx_seq_one_letter_code
;MGSSHHHHHHSSGLVPRGSHMSNLTDQSTPSYSLTPAEASAVAELTLELAAAYGSFGDPVLLRDLPRLAARLPEGVQDFL
REFKLADRHGHTVIRGHDFDQRRIGPTPDHWRGRVRPGPEFPEELLLMLYSALLGEPFGWATQQDGHLVHDIFPIRSHEN
DQLGMGSKQLLTWHTEDAFHPYRSDYLILGALRNPDHVPTTVGELDLSSLSAEDIDVLFEPRYHIAPDESHLPKNNTIAT
EEEAARFATIQRMIDERPLGPLLYGSRLDPYMRLDPYFTSVPQDDTDARRAYDALFKVVDSGMREVVADQGDVLFIDNHR
AVHGRLPFQARYDGTDRWLKRVCVTSDLRRSREMRATSATRLLG
;
_entity_poly.pdbx_strand_id   A,B,C,D
#
# COMPACT_ATOMS: atom_id res chain seq x y z
N THR A 29 -12.41 13.73 40.56
CA THR A 29 -12.05 12.82 39.44
C THR A 29 -12.11 13.58 38.11
N PRO A 30 -10.98 13.68 37.39
CA PRO A 30 -10.94 14.48 36.17
C PRO A 30 -11.67 13.78 35.03
N SER A 31 -12.34 14.58 34.20
CA SER A 31 -13.00 14.07 33.01
C SER A 31 -12.69 14.96 31.80
N TYR A 32 -13.17 14.56 30.64
CA TYR A 32 -12.97 15.31 29.42
C TYR A 32 -14.30 15.47 28.71
N SER A 33 -14.65 16.71 28.41
CA SER A 33 -15.86 17.01 27.66
C SER A 33 -15.48 17.48 26.27
N LEU A 34 -15.89 16.72 25.26
CA LEU A 34 -15.71 17.10 23.86
C LEU A 34 -16.48 18.38 23.55
N THR A 35 -15.84 19.33 22.86
CA THR A 35 -16.56 20.42 22.22
C THR A 35 -17.32 19.83 21.04
N PRO A 36 -18.44 20.47 20.62
CA PRO A 36 -19.13 19.97 19.44
C PRO A 36 -18.23 19.75 18.23
N ALA A 37 -17.17 20.56 18.08
CA ALA A 37 -16.20 20.39 17.01
C ALA A 37 -15.39 19.09 17.13
N GLU A 38 -14.89 18.81 18.33
CA GLU A 38 -14.19 17.56 18.61
C GLU A 38 -15.13 16.36 18.38
N ALA A 39 -16.37 16.48 18.86
CA ALA A 39 -17.40 15.45 18.66
C ALA A 39 -17.63 15.16 17.18
N SER A 40 -17.68 16.22 16.37
CA SER A 40 -17.86 16.12 14.94
C SER A 40 -16.66 15.46 14.26
N ALA A 41 -15.45 15.86 14.66
CA ALA A 41 -14.23 15.28 14.09
C ALA A 41 -14.11 13.79 14.43
N VAL A 42 -14.45 13.44 15.66
CA VAL A 42 -14.38 12.05 16.13
C VAL A 42 -15.31 11.14 15.31
N ALA A 43 -16.57 11.56 15.16
CA ALA A 43 -17.55 10.83 14.37
C ALA A 43 -17.16 10.66 12.90
N GLU A 44 -16.64 11.73 12.28
CA GLU A 44 -16.15 11.70 10.90
C GLU A 44 -15.06 10.63 10.74
N LEU A 45 -14.02 10.72 11.56
CA LEU A 45 -12.91 9.77 11.53
C LEU A 45 -13.45 8.34 11.67
N THR A 46 -14.32 8.17 12.65
CA THR A 46 -14.94 6.91 12.96
C THR A 46 -15.77 6.33 11.78
N LEU A 47 -16.47 7.19 11.04
CA LEU A 47 -17.20 6.77 9.84
C LEU A 47 -16.27 6.37 8.69
N GLU A 48 -15.20 7.16 8.50
CA GLU A 48 -14.18 6.89 7.49
C GLU A 48 -13.55 5.51 7.72
N LEU A 49 -13.15 5.24 8.95
CA LEU A 49 -12.51 3.98 9.30
C LEU A 49 -13.47 2.79 9.15
N ALA A 50 -14.73 2.99 9.51
CA ALA A 50 -15.75 1.97 9.33
C ALA A 50 -15.92 1.56 7.88
N ALA A 51 -15.79 2.52 6.97
CA ALA A 51 -15.90 2.27 5.53
C ALA A 51 -14.63 1.66 4.92
N ALA A 52 -13.46 2.07 5.41
CA ALA A 52 -12.18 1.60 4.88
C ALA A 52 -11.82 0.19 5.33
N TYR A 53 -12.37 -0.23 6.47
CA TYR A 53 -12.08 -1.55 7.00
C TYR A 53 -13.35 -2.41 7.04
N GLY A 54 -13.20 -3.70 6.72
CA GLY A 54 -14.34 -4.62 6.63
C GLY A 54 -14.91 -4.98 7.98
N SER A 55 -14.07 -5.55 8.83
CA SER A 55 -14.46 -5.98 10.17
C SER A 55 -13.25 -6.01 11.08
N PHE A 56 -13.44 -6.48 12.31
CA PHE A 56 -12.33 -6.73 13.22
C PHE A 56 -11.58 -8.01 12.85
N GLY A 57 -12.20 -8.82 12.00
CA GLY A 57 -11.55 -10.03 11.46
C GLY A 57 -10.40 -9.71 10.53
N ASP A 58 -10.25 -8.42 10.22
CA ASP A 58 -9.18 -7.90 9.40
C ASP A 58 -7.95 -7.62 10.28
N PRO A 59 -6.87 -8.41 10.09
CA PRO A 59 -5.64 -8.28 10.90
C PRO A 59 -4.95 -6.92 10.74
N VAL A 60 -5.12 -6.31 9.57
CA VAL A 60 -4.52 -5.00 9.27
C VAL A 60 -5.11 -3.89 10.14
N LEU A 61 -6.40 -3.98 10.44
CA LEU A 61 -7.05 -3.05 11.36
C LEU A 61 -6.45 -3.11 12.77
N LEU A 62 -6.29 -4.33 13.28
CA LEU A 62 -5.63 -4.56 14.56
C LEU A 62 -4.20 -4.01 14.55
N ARG A 63 -3.48 -4.29 13.47
CA ARG A 63 -2.16 -3.73 13.23
C ARG A 63 -2.15 -2.20 13.25
N ASP A 64 -3.10 -1.56 12.55
CA ASP A 64 -3.10 -0.10 12.35
C ASP A 64 -3.67 0.73 13.51
N LEU A 65 -4.24 0.05 14.50
CA LEU A 65 -5.03 0.70 15.55
C LEU A 65 -4.38 1.94 16.20
N PRO A 66 -3.13 1.79 16.72
CA PRO A 66 -2.54 2.95 17.43
C PRO A 66 -2.11 4.10 16.51
N ARG A 67 -1.75 3.79 15.26
CA ARG A 67 -1.48 4.84 14.26
C ARG A 67 -2.78 5.57 13.92
N LEU A 68 -3.87 4.81 13.84
CA LEU A 68 -5.21 5.35 13.60
C LEU A 68 -5.67 6.22 14.77
N ALA A 69 -5.38 5.78 16.00
CA ALA A 69 -5.78 6.52 17.19
C ALA A 69 -5.10 7.89 17.25
N ALA A 70 -3.96 8.00 16.59
CA ALA A 70 -3.22 9.26 16.54
C ALA A 70 -3.92 10.32 15.68
N ARG A 71 -5.05 9.92 15.06
CA ARG A 71 -5.85 10.85 14.26
C ARG A 71 -7.00 11.47 15.06
N LEU A 72 -7.19 11.00 16.29
CA LEU A 72 -8.16 11.59 17.23
C LEU A 72 -7.76 13.02 17.63
N PRO A 73 -8.74 13.87 18.01
CA PRO A 73 -8.42 15.20 18.54
C PRO A 73 -7.29 15.13 19.56
N GLU A 74 -6.37 16.10 19.48
CA GLU A 74 -5.12 16.03 20.24
C GLU A 74 -5.31 16.18 21.74
N GLY A 75 -6.29 16.99 22.14
CA GLY A 75 -6.66 17.13 23.54
C GLY A 75 -7.01 15.80 24.17
N VAL A 76 -7.79 15.00 23.44
CA VAL A 76 -8.25 13.68 23.87
C VAL A 76 -7.06 12.74 24.11
N GLN A 77 -6.19 12.65 23.10
CA GLN A 77 -4.96 11.86 23.21
C GLN A 77 -4.15 12.25 24.42
N ASP A 78 -3.91 13.55 24.60
CA ASP A 78 -3.14 14.05 25.73
C ASP A 78 -3.82 13.72 27.06
N PHE A 79 -5.15 13.75 27.06
CA PHE A 79 -5.94 13.47 28.25
C PHE A 79 -5.78 12.02 28.74
N LEU A 80 -5.92 11.07 27.81
CA LEU A 80 -5.77 9.64 28.12
C LEU A 80 -4.35 9.28 28.49
N ARG A 81 -3.38 9.88 27.81
CA ARG A 81 -1.97 9.67 28.09
C ARG A 81 -1.64 10.10 29.51
N GLU A 82 -2.11 11.29 29.90
CA GLU A 82 -1.95 11.78 31.26
C GLU A 82 -2.66 10.88 32.27
N PHE A 83 -3.83 10.38 31.91
CA PHE A 83 -4.55 9.45 32.77
C PHE A 83 -3.75 8.17 32.98
N LYS A 84 -3.26 7.60 31.89
CA LYS A 84 -2.48 6.38 31.88
C LYS A 84 -1.20 6.49 32.71
N LEU A 85 -0.50 7.61 32.55
CA LEU A 85 0.82 7.81 33.18
C LEU A 85 0.76 8.31 34.61
N ALA A 86 -0.28 9.06 34.95
CA ALA A 86 -0.44 9.58 36.30
C ALA A 86 -0.57 8.47 37.35
N ASP A 87 -1.27 7.39 36.98
CA ASP A 87 -1.41 6.20 37.83
C ASP A 87 -1.84 6.60 39.24
N ARG A 88 -2.89 7.41 39.29
CA ARG A 88 -3.38 8.00 40.52
C ARG A 88 -4.89 7.76 40.61
N HIS A 89 -5.65 8.30 39.66
CA HIS A 89 -7.09 8.11 39.62
C HIS A 89 -7.45 6.78 39.02
N GLY A 90 -8.55 6.20 39.49
CA GLY A 90 -8.94 4.84 39.13
C GLY A 90 -9.95 4.77 38.02
N HIS A 91 -10.53 5.91 37.66
CA HIS A 91 -11.42 5.99 36.52
C HIS A 91 -11.47 7.38 35.96
N THR A 92 -11.87 7.48 34.71
CA THR A 92 -12.13 8.77 34.05
C THR A 92 -13.23 8.59 33.01
N VAL A 93 -13.79 9.70 32.53
CA VAL A 93 -14.85 9.67 31.54
C VAL A 93 -14.59 10.70 30.44
N ILE A 94 -14.79 10.30 29.20
CA ILE A 94 -14.86 11.25 28.08
C ILE A 94 -16.32 11.38 27.64
N ARG A 95 -16.84 12.60 27.74
CA ARG A 95 -18.23 12.90 27.48
C ARG A 95 -18.42 13.78 26.25
N GLY A 96 -19.59 13.66 25.63
CA GLY A 96 -19.98 14.51 24.52
C GLY A 96 -19.78 13.95 23.12
N HIS A 97 -19.66 12.62 22.99
CA HIS A 97 -19.58 11.99 21.69
C HIS A 97 -20.88 12.06 20.95
N ASP A 98 -20.80 12.23 19.63
CA ASP A 98 -21.97 12.15 18.79
C ASP A 98 -22.17 10.70 18.33
N PHE A 99 -23.08 10.01 19.01
CA PHE A 99 -23.50 8.67 18.61
C PHE A 99 -24.85 8.78 17.92
N ASP A 100 -24.83 8.67 16.59
CA ASP A 100 -26.00 8.90 15.74
C ASP A 100 -27.02 7.77 15.89
N GLN A 101 -28.16 8.09 16.52
CA GLN A 101 -29.17 7.10 16.87
C GLN A 101 -29.90 6.49 15.66
N ARG A 102 -30.10 7.28 14.61
CA ARG A 102 -30.71 6.78 13.39
C ARG A 102 -29.87 5.71 12.71
N ARG A 103 -28.55 5.94 12.67
CA ARG A 103 -27.61 5.00 12.04
C ARG A 103 -27.39 3.74 12.89
N ILE A 104 -27.31 3.92 14.21
CA ILE A 104 -27.03 2.82 15.13
C ILE A 104 -28.15 1.78 15.12
N GLY A 105 -29.40 2.24 15.15
CA GLY A 105 -30.54 1.36 15.09
C GLY A 105 -31.05 0.88 16.44
N PRO A 106 -32.04 -0.03 16.43
CA PRO A 106 -32.63 -0.61 17.64
C PRO A 106 -31.64 -1.45 18.45
N THR A 107 -31.80 -1.43 19.76
CA THR A 107 -31.03 -2.32 20.63
C THR A 107 -31.46 -3.75 20.31
N PRO A 108 -30.49 -4.62 19.97
CA PRO A 108 -30.81 -5.99 19.52
C PRO A 108 -31.41 -6.85 20.63
N ASP A 109 -32.05 -7.94 20.22
CA ASP A 109 -32.64 -8.92 21.13
C ASP A 109 -31.57 -9.82 21.76
N HIS A 110 -30.50 -10.06 20.99
CA HIS A 110 -29.43 -10.97 21.41
C HIS A 110 -28.16 -10.62 20.68
N TRP A 111 -27.02 -11.08 21.19
CA TRP A 111 -25.74 -10.93 20.48
C TRP A 111 -25.48 -12.02 19.48
N ARG A 112 -26.06 -13.20 19.69
N ARG A 112 -26.06 -13.20 19.70
CA ARG A 112 -25.89 -14.32 18.77
CA ARG A 112 -25.93 -14.33 18.79
C ARG A 112 -26.71 -14.11 17.50
C ARG A 112 -26.71 -14.10 17.50
N GLY A 113 -26.14 -14.51 16.37
CA GLY A 113 -26.81 -14.43 15.08
C GLY A 113 -26.98 -13.03 14.48
N ARG A 114 -26.20 -12.08 14.96
CA ARG A 114 -26.17 -10.74 14.37
C ARG A 114 -25.21 -10.71 13.20
N VAL A 115 -25.54 -9.91 12.19
CA VAL A 115 -24.60 -9.62 11.11
C VAL A 115 -23.40 -8.89 11.71
N ARG A 116 -22.21 -9.38 11.40
CA ARG A 116 -20.97 -8.72 11.76
C ARG A 116 -20.34 -8.05 10.54
N PRO A 117 -19.96 -6.76 10.67
CA PRO A 117 -20.24 -5.91 11.81
C PRO A 117 -21.61 -5.26 11.68
N GLY A 118 -22.13 -4.74 12.78
CA GLY A 118 -23.42 -4.07 12.77
C GLY A 118 -23.33 -2.64 12.32
N PRO A 119 -24.48 -1.95 12.24
CA PRO A 119 -24.54 -0.53 11.88
C PRO A 119 -23.83 0.38 12.90
N GLU A 120 -23.55 -0.16 14.08
CA GLU A 120 -22.84 0.57 15.14
C GLU A 120 -21.32 0.32 15.12
N PHE A 121 -20.85 -0.31 14.05
CA PHE A 121 -19.41 -0.52 13.82
C PHE A 121 -18.56 0.71 14.13
N PRO A 122 -18.96 1.91 13.64
CA PRO A 122 -18.14 3.09 13.95
C PRO A 122 -17.84 3.28 15.46
N GLU A 123 -18.84 3.05 16.30
CA GLU A 123 -18.70 3.18 17.75
C GLU A 123 -17.77 2.12 18.35
N GLU A 124 -17.75 0.94 17.73
CA GLU A 124 -16.88 -0.13 18.17
C GLU A 124 -15.42 0.24 17.88
N LEU A 125 -15.19 0.83 16.72
CA LEU A 125 -13.85 1.28 16.32
C LEU A 125 -13.32 2.33 17.27
N LEU A 126 -14.18 3.27 17.63
CA LEU A 126 -13.84 4.30 18.59
C LEU A 126 -13.28 3.69 19.88
N LEU A 127 -13.97 2.70 20.43
CA LEU A 127 -13.51 2.05 21.64
C LEU A 127 -12.21 1.27 21.41
N MET A 128 -12.05 0.73 20.22
CA MET A 128 -10.82 0.03 19.87
C MET A 128 -9.65 0.99 19.66
N LEU A 129 -9.94 2.20 19.20
CA LEU A 129 -8.92 3.26 19.09
C LEU A 129 -8.48 3.69 20.48
N TYR A 130 -9.45 3.86 21.38
CA TYR A 130 -9.19 4.25 22.76
C TYR A 130 -8.38 3.20 23.52
N SER A 131 -8.71 1.93 23.30
CA SER A 131 -8.01 0.83 23.95
C SER A 131 -6.55 0.83 23.52
N ALA A 132 -6.34 1.13 22.23
CA ALA A 132 -5.00 1.18 21.66
C ALA A 132 -4.15 2.32 22.23
N LEU A 133 -4.79 3.37 22.75
CA LEU A 133 -4.07 4.42 23.47
C LEU A 133 -3.66 4.00 24.89
N LEU A 134 -4.29 2.96 25.43
CA LEU A 134 -3.98 2.48 26.79
C LEU A 134 -3.18 1.18 26.80
N GLY A 135 -3.24 0.42 25.71
CA GLY A 135 -2.56 -0.87 25.64
C GLY A 135 -3.02 -1.65 24.45
N GLU A 136 -3.38 -2.91 24.67
CA GLU A 136 -3.86 -3.77 23.59
C GLU A 136 -5.24 -4.32 23.93
N PRO A 137 -6.19 -4.24 22.98
CA PRO A 137 -7.46 -4.91 23.23
C PRO A 137 -7.30 -6.42 23.21
N PHE A 138 -8.03 -7.11 24.08
CA PHE A 138 -7.98 -8.57 24.16
C PHE A 138 -9.33 -9.08 24.65
N GLY A 139 -9.60 -10.36 24.42
CA GLY A 139 -10.84 -10.96 24.89
C GLY A 139 -10.67 -12.35 25.45
N TRP A 140 -11.79 -12.93 25.86
CA TRP A 140 -11.85 -14.28 26.39
C TRP A 140 -12.56 -15.14 25.39
N ALA A 141 -11.87 -16.19 24.95
CA ALA A 141 -12.36 -17.04 23.85
C ALA A 141 -13.81 -17.51 23.96
N THR A 142 -14.25 -17.83 25.17
CA THR A 142 -15.59 -18.39 25.39
C THR A 142 -16.66 -17.32 25.60
N GLN A 143 -16.26 -16.05 25.62
CA GLN A 143 -17.21 -14.96 25.86
C GLN A 143 -17.66 -14.28 24.57
N GLN A 144 -18.97 -14.17 24.42
CA GLN A 144 -19.61 -13.59 23.24
C GLN A 144 -18.91 -13.89 21.90
N ASP A 145 -18.72 -15.19 21.62
CA ASP A 145 -18.10 -15.67 20.38
C ASP A 145 -16.62 -15.26 20.19
N GLY A 146 -16.04 -14.64 21.21
CA GLY A 146 -14.65 -14.17 21.14
C GLY A 146 -14.46 -12.81 20.50
N HIS A 147 -15.54 -12.02 20.42
CA HIS A 147 -15.48 -10.66 19.91
C HIS A 147 -14.73 -9.77 20.86
N LEU A 148 -13.85 -8.93 20.31
CA LEU A 148 -13.07 -7.98 21.14
C LEU A 148 -13.94 -6.93 21.81
N VAL A 149 -14.96 -6.45 21.12
CA VAL A 149 -15.91 -5.49 21.66
C VAL A 149 -17.18 -6.24 22.07
N HIS A 150 -17.50 -6.18 23.35
CA HIS A 150 -18.66 -6.89 23.92
C HIS A 150 -19.91 -6.07 23.87
N ASP A 151 -21.05 -6.73 23.68
CA ASP A 151 -22.35 -6.08 23.83
C ASP A 151 -22.84 -6.13 25.27
N ILE A 152 -23.47 -5.05 25.72
CA ILE A 152 -24.09 -4.98 27.04
C ILE A 152 -25.50 -4.41 26.88
N PHE A 153 -26.47 -5.30 26.73
CA PHE A 153 -27.89 -4.96 26.65
C PHE A 153 -28.76 -6.09 27.22
N PRO A 154 -30.01 -5.80 27.63
CA PRO A 154 -30.82 -6.83 28.27
C PRO A 154 -31.24 -7.92 27.29
N ILE A 155 -31.03 -9.18 27.68
CA ILE A 155 -31.53 -10.32 26.93
C ILE A 155 -32.59 -11.01 27.79
N ARG A 156 -33.80 -11.12 27.24
CA ARG A 156 -34.96 -11.62 27.98
C ARG A 156 -34.69 -12.94 28.70
N SER A 157 -34.20 -13.94 27.96
CA SER A 157 -33.89 -15.26 28.53
C SER A 157 -32.82 -15.23 29.64
N HIS A 158 -32.10 -14.11 29.75
CA HIS A 158 -31.02 -13.94 30.73
C HIS A 158 -31.43 -13.13 31.94
N GLU A 159 -32.70 -12.78 32.05
CA GLU A 159 -33.12 -11.78 33.04
C GLU A 159 -33.15 -12.27 34.50
N ASN A 160 -33.02 -13.58 34.70
CA ASN A 160 -32.95 -14.15 36.05
C ASN A 160 -31.51 -14.33 36.54
N ASP A 161 -31.04 -13.40 37.36
CA ASP A 161 -29.74 -13.44 38.06
C ASP A 161 -28.70 -12.38 37.67
N GLN A 162 -27.57 -12.43 38.38
CA GLN A 162 -26.52 -11.41 38.31
C GLN A 162 -25.51 -11.64 37.18
N LEU A 163 -25.49 -10.72 36.22
CA LEU A 163 -24.52 -10.69 35.12
C LEU A 163 -24.60 -9.36 34.38
N GLY A 164 -23.79 -9.20 33.33
CA GLY A 164 -23.76 -7.99 32.53
C GLY A 164 -24.75 -7.97 31.36
N MET A 165 -25.55 -9.03 31.24
CA MET A 165 -26.51 -9.16 30.15
C MET A 165 -27.96 -9.25 30.63
N GLY A 166 -28.14 -9.40 31.95
CA GLY A 166 -29.47 -9.40 32.56
C GLY A 166 -30.04 -7.99 32.63
N SER A 167 -30.76 -7.71 33.72
CA SER A 167 -31.34 -6.39 33.95
C SER A 167 -31.93 -6.25 35.36
N LYS A 168 -32.80 -7.17 35.72
CA LYS A 168 -33.61 -7.11 36.95
C LYS A 168 -32.83 -7.13 38.27
N GLN A 169 -31.63 -7.69 38.26
CA GLN A 169 -30.92 -8.00 39.52
C GLN A 169 -29.58 -7.30 39.70
N LEU A 170 -29.24 -7.04 40.97
CA LEU A 170 -28.07 -6.26 41.37
C LEU A 170 -26.73 -6.89 40.99
N LEU A 171 -25.85 -6.07 40.42
CA LEU A 171 -24.47 -6.47 40.14
C LEU A 171 -23.55 -5.82 41.18
N THR A 172 -23.35 -6.53 42.29
CA THR A 172 -22.45 -6.10 43.36
C THR A 172 -21.03 -5.96 42.84
N TRP A 173 -20.33 -4.92 43.33
CA TRP A 173 -19.06 -4.50 42.76
C TRP A 173 -17.92 -5.48 42.90
N HIS A 174 -16.89 -5.28 42.06
CA HIS A 174 -15.70 -6.12 42.08
C HIS A 174 -14.61 -5.67 41.12
N THR A 175 -13.41 -6.20 41.34
CA THR A 175 -12.33 -6.17 40.37
C THR A 175 -12.65 -7.24 39.34
N GLU A 176 -12.43 -6.93 38.07
CA GLU A 176 -12.62 -7.91 36.99
C GLU A 176 -11.59 -9.03 37.05
N ASP A 177 -12.07 -10.26 37.20
CA ASP A 177 -11.24 -11.47 37.21
C ASP A 177 -10.05 -11.41 38.17
N ALA A 178 -10.32 -10.90 39.38
CA ALA A 178 -9.29 -10.61 40.38
C ALA A 178 -8.28 -11.72 40.59
N PHE A 179 -8.76 -12.96 40.52
CA PHE A 179 -7.94 -14.15 40.68
C PHE A 179 -6.87 -14.32 39.59
N HIS A 180 -7.20 -13.90 38.38
CA HIS A 180 -6.43 -14.24 37.18
C HIS A 180 -5.20 -13.39 37.02
N PRO A 181 -4.03 -14.03 36.79
CA PRO A 181 -2.77 -13.29 36.64
C PRO A 181 -2.77 -12.39 35.40
N TYR A 182 -3.62 -12.70 34.42
CA TYR A 182 -3.69 -11.96 33.17
C TYR A 182 -5.04 -11.26 32.99
N ARG A 183 -5.64 -10.83 34.11
CA ARG A 183 -6.87 -10.06 34.08
C ARG A 183 -6.64 -8.71 33.39
N SER A 184 -7.73 -8.03 33.04
CA SER A 184 -7.67 -6.73 32.41
C SER A 184 -6.90 -5.74 33.28
N ASP A 185 -6.15 -4.85 32.63
CA ASP A 185 -5.55 -3.71 33.31
C ASP A 185 -6.50 -2.53 33.26
N TYR A 186 -7.25 -2.43 32.17
CA TYR A 186 -8.28 -1.40 31.99
C TYR A 186 -9.56 -1.95 31.34
N LEU A 187 -10.69 -1.33 31.65
CA LEU A 187 -11.93 -1.61 30.94
C LEU A 187 -12.45 -0.32 30.35
N ILE A 188 -13.01 -0.41 29.16
CA ILE A 188 -13.58 0.75 28.49
C ILE A 188 -15.04 0.45 28.18
N LEU A 189 -15.93 1.28 28.71
CA LEU A 189 -17.37 1.12 28.50
C LEU A 189 -17.91 2.30 27.73
N GLY A 190 -18.50 2.03 26.58
CA GLY A 190 -19.11 3.08 25.77
C GLY A 190 -20.63 2.96 25.74
N ALA A 191 -21.30 4.06 26.05
CA ALA A 191 -22.77 4.08 26.13
C ALA A 191 -23.40 4.54 24.81
N LEU A 192 -23.80 3.58 24.00
CA LEU A 192 -24.54 3.84 22.77
C LEU A 192 -25.91 4.47 23.07
N ARG A 193 -26.63 3.91 24.03
CA ARG A 193 -27.85 4.54 24.58
C ARG A 193 -28.09 4.17 26.03
N ASN A 194 -28.76 5.07 26.74
CA ASN A 194 -29.12 4.90 28.15
C ASN A 194 -30.33 5.78 28.48
N PRO A 195 -31.49 5.50 27.84
CA PRO A 195 -32.64 6.43 27.91
C PRO A 195 -33.13 6.75 29.32
N ASP A 196 -32.96 5.83 30.27
CA ASP A 196 -33.40 6.05 31.66
C ASP A 196 -32.25 6.39 32.62
N HIS A 197 -31.06 6.59 32.06
CA HIS A 197 -29.89 7.06 32.79
C HIS A 197 -29.51 6.13 33.91
N VAL A 198 -29.46 4.83 33.62
CA VAL A 198 -29.06 3.84 34.61
C VAL A 198 -27.54 3.93 34.80
N PRO A 199 -27.10 4.29 36.01
CA PRO A 199 -25.69 4.52 36.25
C PRO A 199 -24.88 3.24 36.40
N THR A 200 -23.57 3.40 36.37
CA THR A 200 -22.62 2.34 36.67
C THR A 200 -21.99 2.72 37.99
N THR A 201 -21.85 1.74 38.89
CA THR A 201 -21.16 1.99 40.15
C THR A 201 -19.66 1.75 39.98
N VAL A 202 -18.86 2.68 40.48
CA VAL A 202 -17.41 2.53 40.52
C VAL A 202 -16.88 3.06 41.86
N GLY A 203 -15.92 2.34 42.43
CA GLY A 203 -15.35 2.71 43.72
C GLY A 203 -13.85 2.58 43.78
N GLU A 204 -13.22 3.51 44.47
CA GLU A 204 -11.77 3.56 44.62
C GLU A 204 -11.35 3.40 46.08
N LEU A 205 -10.04 3.30 46.32
CA LEU A 205 -9.49 3.11 47.66
C LEU A 205 -9.00 4.43 48.27
N ASP A 206 -9.67 4.88 49.33
CA ASP A 206 -9.22 6.02 50.11
C ASP A 206 -8.27 5.52 51.22
N LEU A 207 -6.98 5.45 50.87
CA LEU A 207 -5.93 4.85 51.70
C LEU A 207 -5.84 5.39 53.14
N SER A 208 -6.24 6.65 53.33
CA SER A 208 -6.20 7.28 54.65
C SER A 208 -7.29 6.76 55.60
N SER A 209 -8.23 5.99 55.06
CA SER A 209 -9.32 5.42 55.86
C SER A 209 -8.91 4.10 56.54
N LEU A 210 -7.71 3.62 56.23
CA LEU A 210 -7.20 2.38 56.82
C LEU A 210 -6.02 2.66 57.75
N SER A 211 -5.86 1.82 58.77
CA SER A 211 -4.72 1.89 59.68
C SER A 211 -3.47 1.31 59.00
N ALA A 212 -2.31 1.81 59.41
CA ALA A 212 -1.02 1.35 58.86
C ALA A 212 -0.83 -0.15 59.08
N GLU A 213 -1.32 -0.63 60.22
CA GLU A 213 -1.26 -2.04 60.60
C GLU A 213 -2.07 -2.91 59.63
N ASP A 214 -3.30 -2.48 59.33
CA ASP A 214 -4.18 -3.20 58.42
C ASP A 214 -3.67 -3.24 56.98
N ILE A 215 -3.01 -2.16 56.54
CA ILE A 215 -2.40 -2.09 55.22
C ILE A 215 -1.28 -3.13 55.06
N ASP A 216 -0.41 -3.23 56.06
CA ASP A 216 0.68 -4.23 56.07
C ASP A 216 0.17 -5.66 55.92
N VAL A 217 -0.98 -5.95 56.56
CA VAL A 217 -1.60 -7.28 56.47
C VAL A 217 -2.14 -7.55 55.06
N LEU A 218 -2.73 -6.53 54.45
CA LEU A 218 -3.34 -6.65 53.13
C LEU A 218 -2.30 -6.82 52.00
N PHE A 219 -1.09 -6.30 52.23
CA PHE A 219 0.03 -6.51 51.32
C PHE A 219 0.64 -7.90 51.42
N GLU A 220 0.27 -8.64 52.47
CA GLU A 220 0.85 -9.95 52.69
C GLU A 220 0.01 -11.07 52.04
N PRO A 221 0.66 -12.20 51.67
CA PRO A 221 -0.03 -13.29 51.00
C PRO A 221 -0.87 -14.14 51.97
N ARG A 222 -2.04 -13.64 52.33
CA ARG A 222 -2.86 -14.24 53.37
C ARG A 222 -4.29 -14.54 52.92
N TYR A 223 -4.59 -14.33 51.64
CA TYR A 223 -5.95 -14.42 51.15
C TYR A 223 -6.08 -15.34 49.96
N HIS A 224 -7.21 -16.05 49.87
CA HIS A 224 -7.50 -16.89 48.72
C HIS A 224 -8.53 -16.26 47.82
N ILE A 225 -8.19 -16.09 46.55
CA ILE A 225 -9.16 -15.62 45.57
C ILE A 225 -9.46 -16.75 44.59
N ALA A 226 -10.73 -17.12 44.52
CA ALA A 226 -11.18 -18.22 43.67
C ALA A 226 -11.62 -17.72 42.30
N PRO A 227 -11.31 -18.49 41.24
CA PRO A 227 -11.75 -18.15 39.89
C PRO A 227 -13.27 -18.21 39.72
N ASP A 228 -13.78 -17.37 38.81
CA ASP A 228 -15.15 -17.47 38.34
C ASP A 228 -15.29 -18.78 37.57
N GLU A 229 -16.44 -19.43 37.68
CA GLU A 229 -16.69 -20.74 37.05
C GLU A 229 -16.32 -20.80 35.56
N SER A 230 -16.41 -19.65 34.89
CA SER A 230 -16.08 -19.53 33.47
C SER A 230 -14.61 -19.80 33.13
N HIS A 231 -13.73 -19.69 34.13
CA HIS A 231 -12.29 -19.85 33.92
C HIS A 231 -11.78 -21.22 34.29
N LEU A 232 -12.65 -22.04 34.87
CA LEU A 232 -12.30 -23.39 35.30
C LEU A 232 -11.97 -24.30 34.10
N PRO A 233 -10.75 -24.87 34.07
CA PRO A 233 -10.27 -25.73 32.97
C PRO A 233 -11.13 -26.96 32.70
N LYS A 234 -11.84 -27.44 33.73
CA LYS A 234 -12.73 -28.60 33.60
C LYS A 234 -13.99 -28.31 32.80
N ASN A 235 -14.21 -27.03 32.48
CA ASN A 235 -15.36 -26.58 31.68
C ASN A 235 -15.21 -26.94 30.21
N ASN A 236 -14.02 -26.71 29.66
CA ASN A 236 -13.70 -27.04 28.27
C ASN A 236 -13.17 -28.46 28.09
N THR A 237 -12.85 -28.83 26.86
CA THR A 237 -12.49 -30.21 26.48
C THR A 237 -11.23 -30.73 27.18
N ILE A 238 -11.18 -32.04 27.42
CA ILE A 238 -10.05 -32.71 28.07
C ILE A 238 -9.00 -33.15 27.03
N ALA A 239 -9.31 -32.95 25.75
CA ALA A 239 -8.51 -33.46 24.65
C ALA A 239 -7.19 -32.72 24.41
N THR A 240 -6.18 -33.48 23.98
CA THR A 240 -4.86 -32.98 23.53
C THR A 240 -3.97 -32.32 24.59
N GLU A 241 -2.68 -32.24 24.27
CA GLU A 241 -1.67 -31.60 25.11
C GLU A 241 -1.76 -30.07 25.00
N GLU A 242 -2.04 -29.59 23.79
CA GLU A 242 -2.09 -28.15 23.49
C GLU A 242 -3.11 -27.41 24.35
N GLU A 243 -4.27 -28.05 24.56
CA GLU A 243 -5.33 -27.47 25.38
C GLU A 243 -5.06 -27.64 26.87
N ALA A 244 -4.41 -28.75 27.24
CA ALA A 244 -4.06 -29.02 28.64
C ALA A 244 -3.03 -28.02 29.19
N ALA A 245 -2.00 -27.74 28.39
CA ALA A 245 -0.97 -26.77 28.76
C ALA A 245 -1.50 -25.34 28.81
N ARG A 246 -2.55 -25.07 28.02
CA ARG A 246 -3.17 -23.75 27.92
C ARG A 246 -3.95 -23.38 29.19
N PHE A 247 -4.24 -24.38 30.02
CA PHE A 247 -4.97 -24.18 31.26
C PHE A 247 -4.19 -24.67 32.50
N ALA A 248 -2.94 -25.11 32.25
CA ALA A 248 -2.10 -25.74 33.28
C ALA A 248 -1.75 -24.84 34.48
N THR A 249 -1.58 -23.54 34.24
CA THR A 249 -1.28 -22.59 35.32
C THR A 249 -2.51 -22.31 36.19
N ILE A 250 -3.67 -22.19 35.54
CA ILE A 250 -4.94 -22.00 36.24
C ILE A 250 -5.27 -23.24 37.06
N GLN A 251 -5.07 -24.41 36.46
CA GLN A 251 -5.31 -25.70 37.13
C GLN A 251 -4.40 -25.85 38.34
N ARG A 252 -3.16 -25.39 38.23
CA ARG A 252 -2.21 -25.40 39.34
C ARG A 252 -2.70 -24.52 40.50
N MET A 253 -3.26 -23.36 40.18
CA MET A 253 -3.81 -22.44 41.17
C MET A 253 -5.02 -23.03 41.91
N ILE A 254 -5.78 -23.87 41.22
CA ILE A 254 -6.93 -24.52 41.83
C ILE A 254 -6.48 -25.66 42.74
N ASP A 255 -5.44 -26.39 42.33
CA ASP A 255 -4.94 -27.54 43.08
C ASP A 255 -4.14 -27.16 44.32
N GLU A 256 -3.29 -26.14 44.20
CA GLU A 256 -2.42 -25.71 45.29
C GLU A 256 -3.10 -24.70 46.21
N ARG A 257 -4.15 -24.05 45.70
CA ARG A 257 -4.83 -22.96 46.39
C ARG A 257 -3.89 -21.95 47.07
N PRO A 258 -2.97 -21.34 46.30
CA PRO A 258 -2.02 -20.42 46.92
C PRO A 258 -2.72 -19.20 47.49
N LEU A 259 -2.18 -18.69 48.59
CA LEU A 259 -2.71 -17.48 49.21
C LEU A 259 -2.04 -16.27 48.58
N GLY A 260 -2.79 -15.17 48.46
CA GLY A 260 -2.28 -13.96 47.84
C GLY A 260 -2.65 -12.66 48.54
N PRO A 261 -1.95 -11.56 48.17
CA PRO A 261 -2.27 -10.25 48.75
C PRO A 261 -3.53 -9.65 48.13
N LEU A 262 -4.14 -8.71 48.83
CA LEU A 262 -5.25 -7.95 48.28
C LEU A 262 -4.80 -6.55 47.87
N LEU A 263 -3.63 -6.14 48.35
CA LEU A 263 -3.01 -4.87 47.96
C LEU A 263 -1.58 -5.09 47.49
N TYR A 264 -1.16 -4.33 46.48
CA TYR A 264 0.18 -4.46 45.91
C TYR A 264 0.59 -3.17 45.20
N GLY A 265 1.78 -3.17 44.60
CA GLY A 265 2.36 -1.95 44.05
C GLY A 265 3.17 -1.22 45.11
N SER A 266 2.86 0.05 45.34
CA SER A 266 3.56 0.82 46.37
C SER A 266 2.69 1.01 47.60
N ARG A 267 3.31 0.89 48.76
CA ARG A 267 2.62 0.98 50.05
C ARG A 267 1.96 2.34 50.28
N LEU A 268 2.42 3.33 49.52
CA LEU A 268 1.91 4.71 49.61
C LEU A 268 0.62 4.91 48.80
N ASP A 269 0.56 4.31 47.62
CA ASP A 269 -0.57 4.45 46.71
C ASP A 269 -0.81 3.13 46.00
N PRO A 270 -1.46 2.18 46.68
CA PRO A 270 -1.44 0.77 46.26
C PRO A 270 -2.52 0.37 45.26
N TYR A 271 -2.19 -0.62 44.44
CA TYR A 271 -3.16 -1.32 43.61
C TYR A 271 -3.96 -2.29 44.47
N MET A 272 -5.17 -2.60 44.04
CA MET A 272 -6.02 -3.56 44.76
C MET A 272 -6.65 -4.55 43.80
N ARG A 273 -6.93 -5.75 44.32
CA ARG A 273 -7.76 -6.74 43.64
C ARG A 273 -8.77 -7.31 44.64
N LEU A 274 -10.02 -6.88 44.49
CA LEU A 274 -11.05 -7.19 45.45
C LEU A 274 -12.32 -7.66 44.76
N ASP A 275 -12.55 -8.96 44.81
CA ASP A 275 -13.80 -9.55 44.39
C ASP A 275 -14.40 -10.30 45.58
N PRO A 276 -15.20 -9.60 46.40
CA PRO A 276 -15.69 -10.10 47.68
C PRO A 276 -16.37 -11.47 47.62
N TYR A 277 -17.08 -11.75 46.53
CA TYR A 277 -17.78 -13.02 46.37
C TYR A 277 -16.85 -14.22 46.25
N PHE A 278 -15.63 -14.00 45.77
CA PHE A 278 -14.68 -15.07 45.49
C PHE A 278 -13.44 -15.02 46.38
N THR A 279 -13.48 -14.17 47.39
CA THR A 279 -12.38 -14.01 48.32
C THR A 279 -12.66 -14.78 49.61
N SER A 280 -11.70 -15.61 50.02
CA SER A 280 -11.79 -16.38 51.25
C SER A 280 -10.73 -15.91 52.22
N VAL A 281 -11.17 -15.46 53.38
CA VAL A 281 -10.25 -15.16 54.47
C VAL A 281 -10.20 -16.42 55.34
N PRO A 282 -9.01 -17.08 55.40
CA PRO A 282 -8.87 -18.30 56.19
C PRO A 282 -9.31 -18.10 57.64
N GLN A 283 -10.07 -19.05 58.17
CA GLN A 283 -10.78 -18.89 59.45
C GLN A 283 -9.92 -18.47 60.65
N ASP A 284 -8.75 -19.10 60.78
CA ASP A 284 -7.88 -18.86 61.93
C ASP A 284 -6.99 -17.61 61.83
N ASP A 285 -6.97 -16.96 60.67
CA ASP A 285 -6.21 -15.72 60.52
C ASP A 285 -7.04 -14.51 60.95
N THR A 286 -6.86 -14.11 62.19
CA THR A 286 -7.66 -13.05 62.82
C THR A 286 -7.23 -11.66 62.36
N ASP A 287 -5.93 -11.51 62.09
CA ASP A 287 -5.39 -10.24 61.61
C ASP A 287 -5.89 -9.93 60.21
N ALA A 288 -5.98 -10.97 59.37
CA ALA A 288 -6.52 -10.87 58.02
C ALA A 288 -8.01 -10.49 58.00
N ARG A 289 -8.78 -11.11 58.90
CA ARG A 289 -10.21 -10.85 59.01
C ARG A 289 -10.52 -9.40 59.37
N ARG A 290 -9.78 -8.87 60.33
CA ARG A 290 -9.92 -7.49 60.78
C ARG A 290 -9.56 -6.52 59.64
N ALA A 291 -8.44 -6.79 58.97
CA ALA A 291 -7.97 -5.97 57.87
C ALA A 291 -8.91 -6.00 56.66
N TYR A 292 -9.45 -7.17 56.36
CA TYR A 292 -10.40 -7.34 55.26
C TYR A 292 -11.70 -6.57 55.52
N ASP A 293 -12.31 -6.80 56.66
CA ASP A 293 -13.54 -6.11 57.03
C ASP A 293 -13.34 -4.60 56.89
N ALA A 294 -12.19 -4.13 57.35
CA ALA A 294 -11.82 -2.71 57.24
C ALA A 294 -11.76 -2.26 55.78
N LEU A 295 -11.04 -3.02 54.94
CA LEU A 295 -10.96 -2.73 53.52
C LEU A 295 -12.33 -2.77 52.83
N PHE A 296 -13.16 -3.72 53.23
CA PHE A 296 -14.51 -3.84 52.66
C PHE A 296 -15.39 -2.63 52.96
N LYS A 297 -15.38 -2.15 54.20
CA LYS A 297 -16.19 -1.00 54.60
C LYS A 297 -15.81 0.27 53.84
N VAL A 298 -14.51 0.51 53.72
CA VAL A 298 -13.96 1.68 53.02
C VAL A 298 -14.39 1.71 51.55
N VAL A 299 -14.21 0.59 50.87
CA VAL A 299 -14.55 0.48 49.45
C VAL A 299 -16.07 0.51 49.23
N ASP A 300 -16.82 -0.09 50.14
CA ASP A 300 -18.28 -0.11 50.04
C ASP A 300 -18.88 1.29 50.20
N SER A 301 -18.32 2.07 51.12
CA SER A 301 -18.84 3.41 51.40
C SER A 301 -18.35 4.46 50.40
N GLY A 302 -17.24 4.17 49.73
CA GLY A 302 -16.72 5.05 48.70
C GLY A 302 -17.35 4.86 47.33
N MET A 303 -18.25 3.87 47.20
CA MET A 303 -18.91 3.57 45.93
C MET A 303 -19.66 4.78 45.39
N ARG A 304 -19.31 5.17 44.17
CA ARG A 304 -19.92 6.31 43.50
C ARG A 304 -20.72 5.82 42.33
N GLU A 305 -21.84 6.49 42.07
CA GLU A 305 -22.61 6.26 40.85
C GLU A 305 -22.07 7.19 39.77
N VAL A 306 -21.69 6.61 38.65
CA VAL A 306 -21.22 7.35 37.50
C VAL A 306 -22.16 7.02 36.36
N VAL A 307 -22.88 8.03 35.89
CA VAL A 307 -23.81 7.79 34.79
C VAL A 307 -23.05 7.83 33.48
N ALA A 308 -23.15 6.73 32.74
CA ALA A 308 -22.61 6.66 31.41
C ALA A 308 -23.79 6.90 30.49
N ASP A 309 -24.10 8.17 30.27
CA ASP A 309 -25.18 8.56 29.38
C ASP A 309 -24.76 8.39 27.92
N GLN A 310 -25.73 8.48 27.02
CA GLN A 310 -25.48 8.42 25.59
C GLN A 310 -24.34 9.37 25.22
N GLY A 311 -23.33 8.85 24.53
CA GLY A 311 -22.16 9.65 24.17
C GLY A 311 -21.04 9.64 25.20
N ASP A 312 -21.24 8.93 26.30
CA ASP A 312 -20.22 8.81 27.35
C ASP A 312 -19.39 7.54 27.20
N VAL A 313 -18.08 7.68 27.43
CA VAL A 313 -17.16 6.56 27.41
C VAL A 313 -16.39 6.52 28.74
N LEU A 314 -16.60 5.45 29.50
CA LEU A 314 -16.00 5.29 30.81
C LEU A 314 -14.74 4.42 30.73
N PHE A 315 -13.68 4.91 31.35
CA PHE A 315 -12.44 4.16 31.45
C PHE A 315 -12.28 3.76 32.92
N ILE A 316 -12.02 2.47 33.15
CA ILE A 316 -11.80 1.99 34.50
C ILE A 316 -10.42 1.35 34.59
N ASP A 317 -9.65 1.80 35.58
CA ASP A 317 -8.37 1.17 35.94
C ASP A 317 -8.68 -0.06 36.81
N ASN A 318 -8.47 -1.25 36.25
CA ASN A 318 -8.80 -2.49 36.94
C ASN A 318 -7.85 -2.80 38.12
N HIS A 319 -6.82 -1.97 38.29
CA HIS A 319 -5.89 -2.09 39.42
C HIS A 319 -6.14 -1.07 40.50
N ARG A 320 -7.07 -0.13 40.27
CA ARG A 320 -7.30 0.96 41.20
C ARG A 320 -8.79 1.22 41.48
N ALA A 321 -9.66 0.51 40.77
CA ALA A 321 -11.09 0.69 40.95
C ALA A 321 -11.86 -0.61 40.86
N VAL A 322 -12.97 -0.67 41.61
CA VAL A 322 -13.94 -1.74 41.47
C VAL A 322 -15.18 -1.20 40.76
N HIS A 323 -15.99 -2.11 40.23
CA HIS A 323 -17.16 -1.74 39.44
C HIS A 323 -18.28 -2.73 39.57
N GLY A 324 -19.51 -2.23 39.43
CA GLY A 324 -20.71 -3.06 39.35
C GLY A 324 -21.79 -2.32 38.58
N ARG A 325 -22.98 -2.92 38.49
CA ARG A 325 -24.11 -2.25 37.87
C ARG A 325 -25.36 -2.34 38.73
N LEU A 326 -26.25 -1.36 38.56
CA LEU A 326 -27.52 -1.34 39.26
C LEU A 326 -28.57 -2.14 38.51
N PRO A 327 -29.52 -2.76 39.23
CA PRO A 327 -30.65 -3.42 38.59
C PRO A 327 -31.60 -2.40 37.97
N PHE A 328 -32.14 -2.73 36.80
CA PHE A 328 -33.10 -1.87 36.14
C PHE A 328 -34.13 -2.69 35.38
N GLN A 329 -35.33 -2.12 35.22
CA GLN A 329 -36.38 -2.78 34.44
C GLN A 329 -36.17 -2.58 32.94
N ALA A 330 -36.09 -3.70 32.22
CA ALA A 330 -35.91 -3.70 30.77
C ALA A 330 -37.25 -3.73 30.04
N ARG A 331 -37.27 -3.22 28.81
CA ARG A 331 -38.47 -3.19 27.99
C ARG A 331 -38.48 -4.23 26.87
N TYR A 332 -37.28 -4.63 26.44
CA TYR A 332 -37.08 -5.63 25.36
C TYR A 332 -37.73 -5.26 24.02
N ASP A 333 -37.83 -3.95 23.76
CA ASP A 333 -38.53 -3.47 22.56
C ASP A 333 -37.61 -2.77 21.56
N GLY A 334 -36.30 -2.87 21.77
CA GLY A 334 -35.33 -2.22 20.88
C GLY A 334 -34.94 -0.83 21.31
N THR A 335 -35.36 -0.42 22.51
CA THR A 335 -35.07 0.91 23.01
C THR A 335 -34.22 0.88 24.28
N ASP A 336 -33.84 -0.31 24.72
CA ASP A 336 -33.10 -0.48 25.97
C ASP A 336 -31.68 0.02 25.92
N ARG A 337 -31.16 0.32 27.12
CA ARG A 337 -29.75 0.58 27.38
C ARG A 337 -28.85 -0.36 26.59
N TRP A 338 -27.78 0.21 26.03
CA TRP A 338 -26.86 -0.52 25.17
C TRP A 338 -25.47 0.02 25.39
N LEU A 339 -24.60 -0.80 25.98
CA LEU A 339 -23.21 -0.42 26.13
C LEU A 339 -22.28 -1.33 25.34
N LYS A 340 -21.14 -0.79 24.95
CA LYS A 340 -20.08 -1.60 24.36
C LYS A 340 -18.94 -1.70 25.35
N ARG A 341 -18.27 -2.84 25.40
CA ARG A 341 -17.21 -3.06 26.37
C ARG A 341 -15.96 -3.69 25.73
N VAL A 342 -14.82 -3.07 26.00
CA VAL A 342 -13.52 -3.59 25.54
C VAL A 342 -12.61 -3.81 26.74
N CYS A 343 -11.87 -4.93 26.73
CA CYS A 343 -10.86 -5.22 27.74
C CYS A 343 -9.46 -4.90 27.23
N VAL A 344 -8.70 -4.16 28.02
CA VAL A 344 -7.35 -3.72 27.63
C VAL A 344 -6.28 -4.41 28.48
N THR A 345 -5.26 -4.94 27.80
CA THR A 345 -4.04 -5.41 28.50
C THR A 345 -2.83 -4.54 28.16
N SER A 346 -2.00 -4.29 29.16
CA SER A 346 -0.77 -3.53 28.98
C SER A 346 0.38 -4.40 28.46
N ASP A 347 0.21 -5.71 28.47
CA ASP A 347 1.26 -6.65 28.05
C ASP A 347 0.67 -7.94 27.50
N LEU A 348 0.42 -7.94 26.20
CA LEU A 348 -0.23 -9.05 25.53
C LEU A 348 0.57 -10.37 25.60
N ARG A 349 1.90 -10.28 25.53
CA ARG A 349 2.75 -11.49 25.49
C ARG A 349 2.89 -12.21 26.83
N ARG A 350 2.58 -11.50 27.92
CA ARG A 350 2.55 -12.09 29.25
C ARG A 350 1.57 -13.28 29.34
N SER A 351 0.48 -13.22 28.56
CA SER A 351 -0.55 -14.25 28.59
C SER A 351 -0.41 -15.27 27.47
N ARG A 352 0.77 -15.37 26.88
CA ARG A 352 1.00 -16.24 25.72
C ARG A 352 0.59 -17.70 25.96
N GLU A 353 0.96 -18.25 27.12
CA GLU A 353 0.67 -19.65 27.47
C GLU A 353 -0.81 -20.04 27.38
N MET A 354 -1.70 -19.08 27.56
N MET A 354 -1.70 -19.07 27.57
CA MET A 354 -3.14 -19.31 27.54
CA MET A 354 -3.14 -19.31 27.54
C MET A 354 -3.79 -18.90 26.22
C MET A 354 -3.79 -18.95 26.20
N ARG A 355 -2.97 -18.63 25.22
CA ARG A 355 -3.47 -18.27 23.88
C ARG A 355 -3.05 -19.29 22.85
N ALA A 356 -4.00 -19.70 22.01
CA ALA A 356 -3.78 -20.75 20.99
C ALA A 356 -2.60 -20.47 20.06
N THR A 357 -2.51 -19.22 19.58
CA THR A 357 -1.45 -18.81 18.65
C THR A 357 -0.84 -17.49 19.14
N SER A 358 0.21 -17.05 18.47
CA SER A 358 0.81 -15.75 18.73
C SER A 358 -0.10 -14.61 18.27
N ALA A 359 -0.81 -14.83 17.18
CA ALA A 359 -1.69 -13.81 16.60
C ALA A 359 -2.95 -13.54 17.42
N THR A 360 -3.55 -14.58 17.98
CA THR A 360 -4.86 -14.45 18.63
C THR A 360 -4.78 -13.59 19.90
N ARG A 361 -5.82 -12.78 20.10
CA ARG A 361 -5.93 -11.94 21.28
C ARG A 361 -6.89 -12.55 22.29
N LEU A 362 -7.28 -13.80 22.05
CA LEU A 362 -8.26 -14.48 22.92
C LEU A 362 -7.62 -15.52 23.83
N LEU A 363 -7.79 -15.32 25.13
CA LEU A 363 -7.36 -16.31 26.12
C LEU A 363 -8.39 -17.43 26.19
N GLY A 364 -7.90 -18.67 26.24
CA GLY A 364 -8.74 -19.85 26.40
C GLY A 364 -8.73 -20.78 25.21
N THR B 29 15.16 -13.39 8.40
CA THR B 29 14.90 -12.20 9.27
C THR B 29 14.52 -10.97 8.44
N PRO B 30 13.22 -10.61 8.45
CA PRO B 30 12.72 -9.37 7.84
C PRO B 30 13.45 -8.13 8.33
N SER B 31 13.72 -7.22 7.40
CA SER B 31 14.32 -5.94 7.71
C SER B 31 13.67 -4.86 6.86
N TYR B 32 13.85 -3.61 7.25
CA TYR B 32 13.26 -2.49 6.51
C TYR B 32 14.34 -1.53 6.04
N SER B 33 14.32 -1.22 4.75
CA SER B 33 15.27 -0.30 4.15
C SER B 33 14.61 1.02 3.80
N LEU B 34 15.01 2.07 4.50
CA LEU B 34 14.53 3.41 4.25
C LEU B 34 14.98 3.92 2.90
N THR B 35 14.05 4.55 2.17
CA THR B 35 14.36 5.28 0.95
C THR B 35 15.03 6.59 1.37
N PRO B 36 15.71 7.27 0.44
CA PRO B 36 16.23 8.60 0.76
C PRO B 36 15.15 9.54 1.30
N ALA B 37 13.97 9.52 0.69
CA ALA B 37 12.83 10.33 1.17
C ALA B 37 12.40 9.97 2.59
N GLU B 38 12.29 8.68 2.89
CA GLU B 38 11.95 8.26 4.25
C GLU B 38 13.02 8.72 5.22
N ALA B 39 14.28 8.49 4.84
CA ALA B 39 15.44 8.90 5.65
C ALA B 39 15.52 10.40 5.89
N SER B 40 15.11 11.19 4.90
CA SER B 40 15.13 12.65 5.04
C SER B 40 14.02 13.13 5.98
N ALA B 41 12.82 12.57 5.80
CA ALA B 41 11.70 12.86 6.69
C ALA B 41 12.02 12.51 8.14
N VAL B 42 12.57 11.32 8.36
CA VAL B 42 12.99 10.87 9.71
C VAL B 42 14.01 11.82 10.32
N ALA B 43 15.05 12.17 9.55
CA ALA B 43 16.06 13.11 10.01
C ALA B 43 15.46 14.49 10.35
N GLU B 44 14.59 15.01 9.47
CA GLU B 44 13.94 16.31 9.68
C GLU B 44 13.10 16.36 10.96
N LEU B 45 12.22 15.37 11.13
CA LEU B 45 11.37 15.27 12.32
C LEU B 45 12.22 15.20 13.58
N THR B 46 13.25 14.37 13.52
CA THR B 46 14.22 14.19 14.60
C THR B 46 14.95 15.49 15.01
N LEU B 47 15.18 16.39 14.05
CA LEU B 47 15.77 17.71 14.35
C LEU B 47 14.75 18.71 14.89
N GLU B 48 13.52 18.66 14.36
CA GLU B 48 12.43 19.52 14.82
C GLU B 48 12.11 19.26 16.31
N LEU B 49 12.06 17.99 16.69
CA LEU B 49 11.80 17.59 18.07
C LEU B 49 12.91 18.01 19.03
N ALA B 50 14.15 17.78 18.63
CA ALA B 50 15.32 18.19 19.40
C ALA B 50 15.34 19.69 19.73
N ALA B 51 14.89 20.51 18.78
CA ALA B 51 14.80 21.95 18.97
C ALA B 51 13.60 22.33 19.83
N ALA B 52 12.56 21.50 19.80
CA ALA B 52 11.31 21.77 20.51
C ALA B 52 11.33 21.40 22.00
N TYR B 53 12.08 20.36 22.35
CA TYR B 53 12.14 19.88 23.74
C TYR B 53 13.54 20.04 24.36
N GLY B 54 13.57 20.31 25.66
CA GLY B 54 14.84 20.50 26.38
C GLY B 54 15.73 19.27 26.39
N SER B 55 15.22 18.21 27.00
CA SER B 55 15.94 16.94 27.12
C SER B 55 14.92 15.83 27.41
N PHE B 56 15.41 14.65 27.80
CA PHE B 56 14.53 13.59 28.31
C PHE B 56 14.08 13.91 29.72
N GLY B 57 14.75 14.90 30.33
CA GLY B 57 14.36 15.44 31.63
C GLY B 57 13.07 16.24 31.51
N ASP B 58 12.69 16.54 30.28
CA ASP B 58 11.41 17.18 29.99
C ASP B 58 10.29 16.14 30.10
N PRO B 59 9.40 16.30 31.10
CA PRO B 59 8.34 15.30 31.30
C PRO B 59 7.31 15.30 30.16
N VAL B 60 7.13 16.46 29.54
CA VAL B 60 6.15 16.61 28.45
C VAL B 60 6.58 15.85 27.18
N LEU B 61 7.89 15.67 26.98
CA LEU B 61 8.39 14.87 25.87
C LEU B 61 8.07 13.38 26.05
N LEU B 62 8.27 12.89 27.28
CA LEU B 62 7.94 11.50 27.62
C LEU B 62 6.45 11.23 27.42
N ARG B 63 5.63 12.23 27.75
CA ARG B 63 4.19 12.17 27.54
C ARG B 63 3.86 12.07 26.05
N ASP B 64 4.40 13.01 25.26
CA ASP B 64 4.05 13.16 23.84
C ASP B 64 4.60 12.07 22.92
N LEU B 65 5.55 11.29 23.43
CA LEU B 65 6.30 10.29 22.66
C LEU B 65 5.51 9.42 21.66
N PRO B 66 4.42 8.74 22.13
CA PRO B 66 3.62 7.90 21.21
C PRO B 66 2.93 8.70 20.10
N ARG B 67 2.44 9.90 20.45
CA ARG B 67 1.82 10.78 19.46
C ARG B 67 2.89 11.28 18.48
N LEU B 68 4.07 11.58 19.00
CA LEU B 68 5.21 12.03 18.18
C LEU B 68 5.69 10.93 17.22
N ALA B 69 5.75 9.70 17.72
CA ALA B 69 6.14 8.55 16.89
C ALA B 69 5.19 8.29 15.72
N ALA B 70 3.97 8.82 15.80
CA ALA B 70 2.99 8.66 14.71
C ALA B 70 3.30 9.59 13.52
N ARG B 71 4.24 10.52 13.72
CA ARG B 71 4.69 11.43 12.67
C ARG B 71 5.82 10.82 11.83
N LEU B 72 6.29 9.64 12.22
CA LEU B 72 7.30 8.89 11.45
C LEU B 72 6.66 8.37 10.17
N PRO B 73 7.49 8.02 9.14
CA PRO B 73 6.91 7.47 7.91
C PRO B 73 6.09 6.24 8.21
N GLU B 74 4.93 6.13 7.57
CA GLU B 74 3.94 5.11 7.87
C GLU B 74 4.45 3.69 7.69
N GLY B 75 5.30 3.48 6.68
CA GLY B 75 5.89 2.16 6.39
C GLY B 75 6.76 1.66 7.53
N VAL B 76 7.42 2.60 8.22
CA VAL B 76 8.28 2.30 9.35
C VAL B 76 7.45 1.89 10.56
N GLN B 77 6.39 2.65 10.83
CA GLN B 77 5.46 2.30 11.91
C GLN B 77 4.81 0.96 11.66
N ASP B 78 4.39 0.71 10.42
CA ASP B 78 3.73 -0.53 10.07
C ASP B 78 4.65 -1.73 10.26
N PHE B 79 5.87 -1.60 9.75
CA PHE B 79 6.92 -2.62 9.88
C PHE B 79 7.17 -3.03 11.33
N LEU B 80 7.40 -2.04 12.19
CA LEU B 80 7.66 -2.30 13.60
C LEU B 80 6.47 -2.96 14.29
N ARG B 81 5.28 -2.50 13.95
CA ARG B 81 4.05 -3.02 14.52
C ARG B 81 3.88 -4.51 14.18
N GLU B 82 4.19 -4.87 12.95
CA GLU B 82 4.16 -6.26 12.51
C GLU B 82 5.19 -7.14 13.22
N PHE B 83 6.36 -6.57 13.47
CA PHE B 83 7.40 -7.25 14.24
C PHE B 83 6.90 -7.57 15.66
N LYS B 84 6.34 -6.54 16.30
CA LYS B 84 5.82 -6.64 17.66
C LYS B 84 4.68 -7.65 17.78
N LEU B 85 3.75 -7.58 16.84
CA LEU B 85 2.55 -8.43 16.88
C LEU B 85 2.83 -9.86 16.42
N ALA B 86 3.69 -10.01 15.40
CA ALA B 86 4.02 -11.34 14.87
C ALA B 86 4.61 -12.24 15.95
N ASP B 87 5.46 -11.68 16.81
CA ASP B 87 6.02 -12.40 17.94
C ASP B 87 6.64 -13.72 17.47
N ARG B 88 7.46 -13.63 16.42
CA ARG B 88 8.05 -14.80 15.78
C ARG B 88 9.58 -14.71 15.72
N HIS B 89 10.09 -13.58 15.25
CA HIS B 89 11.53 -13.35 15.07
C HIS B 89 12.19 -12.77 16.29
N GLY B 90 13.44 -13.17 16.50
CA GLY B 90 14.24 -12.71 17.64
C GLY B 90 14.80 -11.30 17.47
N HIS B 91 14.94 -10.86 16.22
CA HIS B 91 15.46 -9.53 15.93
C HIS B 91 15.01 -9.00 14.59
N THR B 92 15.10 -7.68 14.42
CA THR B 92 14.85 -7.04 13.14
C THR B 92 15.68 -5.75 13.01
N VAL B 93 15.93 -5.32 11.76
CA VAL B 93 16.72 -4.12 11.53
C VAL B 93 16.02 -3.11 10.61
N ILE B 94 16.03 -1.84 11.02
CA ILE B 94 15.69 -0.75 10.12
C ILE B 94 16.98 -0.08 9.64
N ARG B 95 17.23 -0.18 8.34
CA ARG B 95 18.48 0.26 7.73
C ARG B 95 18.31 1.50 6.88
N GLY B 96 19.35 2.34 6.86
CA GLY B 96 19.41 3.49 5.95
C GLY B 96 19.08 4.84 6.53
N HIS B 97 19.17 4.99 7.85
CA HIS B 97 18.98 6.28 8.48
C HIS B 97 20.06 7.24 8.07
N ASP B 98 19.77 8.54 8.16
CA ASP B 98 20.77 9.57 7.90
C ASP B 98 21.28 10.15 9.22
N PHE B 99 22.37 9.57 9.71
CA PHE B 99 23.02 10.01 10.94
C PHE B 99 24.19 10.94 10.61
N ASP B 100 23.89 12.24 10.57
CA ASP B 100 24.85 13.28 10.20
C ASP B 100 26.13 13.21 11.04
N GLN B 101 27.22 12.75 10.43
CA GLN B 101 28.49 12.52 11.14
C GLN B 101 29.16 13.83 11.59
N ARG B 102 28.94 14.91 10.86
CA ARG B 102 29.49 16.21 11.21
C ARG B 102 28.84 16.77 12.48
N ARG B 103 27.51 16.71 12.53
CA ARG B 103 26.75 17.17 13.71
C ARG B 103 26.99 16.31 14.95
N ILE B 104 27.01 14.99 14.78
CA ILE B 104 27.17 14.05 15.90
C ILE B 104 28.50 14.29 16.62
N GLY B 105 29.54 14.58 15.84
CA GLY B 105 30.85 14.89 16.39
C GLY B 105 31.60 13.64 16.81
N PRO B 106 32.79 13.82 17.41
CA PRO B 106 33.67 12.70 17.73
C PRO B 106 33.12 11.86 18.88
N THR B 107 33.38 10.55 18.80
CA THR B 107 33.03 9.60 19.85
C THR B 107 33.78 10.00 21.12
N PRO B 108 33.04 10.34 22.19
CA PRO B 108 33.67 10.82 23.43
C PRO B 108 34.48 9.75 24.17
N ASP B 109 35.25 10.19 25.16
CA ASP B 109 36.09 9.30 25.97
C ASP B 109 35.25 8.44 26.91
N HIS B 110 34.33 9.09 27.63
CA HIS B 110 33.53 8.41 28.64
C HIS B 110 32.11 8.93 28.62
N TRP B 111 31.24 8.31 29.42
CA TRP B 111 29.86 8.77 29.58
C TRP B 111 29.67 9.68 30.78
N ARG B 112 30.43 9.42 31.85
CA ARG B 112 30.25 10.17 33.10
C ARG B 112 30.90 11.55 33.07
N GLY B 113 30.18 12.54 33.61
CA GLY B 113 30.62 13.92 33.61
C GLY B 113 30.28 14.65 32.32
N ARG B 114 29.92 13.87 31.29
CA ARG B 114 29.55 14.39 29.98
C ARG B 114 28.16 15.04 30.01
N VAL B 115 28.09 16.27 29.54
CA VAL B 115 26.85 17.07 29.50
C VAL B 115 25.81 16.41 28.60
N ARG B 116 24.61 16.21 29.16
CA ARG B 116 23.47 15.66 28.43
C ARG B 116 22.35 16.69 28.34
N PRO B 117 21.76 16.87 27.15
CA PRO B 117 22.01 16.13 25.91
C PRO B 117 23.15 16.67 25.05
N GLY B 118 23.77 15.80 24.26
CA GLY B 118 24.81 16.20 23.33
C GLY B 118 24.28 16.57 21.96
N PRO B 119 25.18 16.80 20.98
CA PRO B 119 24.75 17.14 19.63
C PRO B 119 24.05 15.98 18.93
N GLU B 120 24.22 14.77 19.47
CA GLU B 120 23.57 13.57 18.94
C GLU B 120 22.17 13.33 19.53
N PHE B 121 21.64 14.36 20.20
CA PHE B 121 20.28 14.35 20.75
C PHE B 121 19.21 13.89 19.75
N PRO B 122 19.24 14.41 18.51
CA PRO B 122 18.34 13.93 17.48
C PRO B 122 18.22 12.41 17.39
N GLU B 123 19.36 11.70 17.41
CA GLU B 123 19.39 10.26 17.24
C GLU B 123 18.84 9.52 18.45
N GLU B 124 19.11 10.08 19.64
CA GLU B 124 18.59 9.53 20.88
C GLU B 124 17.06 9.62 20.88
N LEU B 125 16.56 10.76 20.43
CA LEU B 125 15.12 10.96 20.26
C LEU B 125 14.52 9.90 19.35
N LEU B 126 15.17 9.63 18.23
CA LEU B 126 14.70 8.61 17.30
C LEU B 126 14.49 7.26 18.00
N LEU B 127 15.46 6.83 18.81
CA LEU B 127 15.35 5.55 19.50
C LEU B 127 14.22 5.57 20.52
N MET B 128 14.00 6.73 21.14
CA MET B 128 12.91 6.91 22.10
C MET B 128 11.56 6.88 21.40
N LEU B 129 11.53 7.39 20.16
CA LEU B 129 10.32 7.31 19.35
C LEU B 129 10.01 5.87 18.98
N TYR B 130 11.04 5.13 18.56
CA TYR B 130 10.88 3.71 18.23
C TYR B 130 10.48 2.92 19.47
N SER B 131 11.00 3.30 20.64
CA SER B 131 10.69 2.61 21.88
C SER B 131 9.21 2.77 22.22
N ALA B 132 8.68 3.97 21.93
CA ALA B 132 7.28 4.31 22.16
C ALA B 132 6.34 3.55 21.23
N LEU B 133 6.86 3.03 20.12
CA LEU B 133 6.08 2.18 19.23
C LEU B 133 6.02 0.73 19.70
N LEU B 134 7.00 0.32 20.51
CA LEU B 134 7.08 -1.04 21.04
C LEU B 134 6.60 -1.16 22.49
N GLY B 135 6.49 -0.04 23.19
CA GLY B 135 6.10 -0.06 24.59
C GLY B 135 6.45 1.23 25.29
N GLU B 136 7.20 1.13 26.39
CA GLU B 136 7.67 2.30 27.11
C GLU B 136 9.17 2.21 27.33
N PRO B 137 9.89 3.34 27.12
CA PRO B 137 11.29 3.39 27.52
C PRO B 137 11.43 3.38 29.05
N PHE B 138 12.38 2.60 29.55
CA PHE B 138 12.71 2.55 30.96
C PHE B 138 14.21 2.32 31.12
N GLY B 139 14.72 2.54 32.33
CA GLY B 139 16.14 2.30 32.62
C GLY B 139 16.43 1.93 34.06
N TRP B 140 17.72 1.86 34.38
CA TRP B 140 18.19 1.53 35.73
C TRP B 140 18.86 2.71 36.36
N ALA B 141 18.36 3.12 37.52
CA ALA B 141 18.89 4.28 38.24
C ALA B 141 20.39 4.17 38.56
N THR B 142 20.89 2.94 38.72
CA THR B 142 22.29 2.67 39.06
C THR B 142 23.20 2.46 37.85
N GLN B 143 22.61 2.52 36.65
CA GLN B 143 23.38 2.37 35.41
C GLN B 143 23.48 3.71 34.68
N GLN B 144 24.70 4.05 34.27
CA GLN B 144 25.00 5.29 33.52
C GLN B 144 24.19 6.52 33.98
N ASP B 145 24.35 6.88 35.27
CA ASP B 145 23.65 8.00 35.91
C ASP B 145 22.11 7.94 35.84
N GLY B 146 21.59 6.79 35.42
CA GLY B 146 20.15 6.63 35.23
C GLY B 146 19.58 7.33 34.01
N HIS B 147 20.40 7.46 32.96
CA HIS B 147 19.93 8.02 31.70
C HIS B 147 19.15 7.00 30.95
N LEU B 148 18.07 7.44 30.29
CA LEU B 148 17.21 6.53 29.53
C LEU B 148 17.86 6.03 28.24
N VAL B 149 18.86 6.75 27.75
CA VAL B 149 19.64 6.29 26.60
C VAL B 149 21.07 5.98 27.02
N HIS B 150 21.46 4.71 26.85
CA HIS B 150 22.80 4.23 27.18
C HIS B 150 23.78 4.47 26.06
N ASP B 151 25.04 4.63 26.44
CA ASP B 151 26.14 4.80 25.51
C ASP B 151 26.93 3.50 25.39
N ILE B 152 27.29 3.13 24.16
CA ILE B 152 28.17 1.98 23.95
C ILE B 152 29.34 2.36 23.05
N PHE B 153 30.47 2.71 23.68
CA PHE B 153 31.72 3.01 22.97
C PHE B 153 32.94 2.54 23.75
N PRO B 154 34.06 2.29 23.05
CA PRO B 154 35.30 1.88 23.71
C PRO B 154 35.75 2.88 24.78
N ILE B 155 36.17 2.36 25.93
CA ILE B 155 36.63 3.19 27.04
C ILE B 155 38.02 2.74 27.48
N ARG B 156 38.99 3.66 27.39
CA ARG B 156 40.37 3.39 27.83
C ARG B 156 40.47 3.13 29.34
N SER B 157 39.56 3.73 30.11
CA SER B 157 39.47 3.54 31.55
C SER B 157 39.01 2.12 31.95
N HIS B 158 37.81 1.74 31.52
CA HIS B 158 37.23 0.43 31.81
C HIS B 158 37.77 -0.64 30.88
N GLU B 159 39.10 -0.77 30.86
CA GLU B 159 39.78 -1.64 29.91
C GLU B 159 40.50 -2.80 30.62
N LYS B 168 42.90 -12.16 26.67
CA LYS B 168 42.08 -13.34 26.40
C LYS B 168 40.62 -13.05 26.72
N GLN B 169 39.84 -12.78 25.68
CA GLN B 169 38.43 -12.39 25.83
C GLN B 169 37.49 -13.56 25.55
N LEU B 170 36.71 -13.92 26.57
CA LEU B 170 35.69 -14.96 26.44
C LEU B 170 34.47 -14.39 25.72
N LEU B 171 33.91 -15.17 24.81
CA LEU B 171 32.75 -14.73 24.01
C LEU B 171 31.42 -15.18 24.63
N THR B 172 30.72 -14.22 25.23
CA THR B 172 29.52 -14.51 26.01
C THR B 172 28.23 -13.97 25.36
N TRP B 173 27.12 -14.64 25.65
CA TRP B 173 25.80 -14.18 25.25
C TRP B 173 24.83 -14.38 26.37
N HIS B 174 23.85 -13.48 26.47
CA HIS B 174 22.85 -13.58 27.52
C HIS B 174 21.51 -13.05 27.11
N THR B 175 20.53 -13.31 27.96
CA THR B 175 19.29 -12.56 27.97
C THR B 175 19.60 -11.37 28.85
N GLU B 176 19.09 -10.19 28.48
CA GLU B 176 19.30 -8.99 29.29
C GLU B 176 18.60 -9.15 30.64
N ASP B 177 19.39 -9.00 31.72
CA ASP B 177 18.89 -9.08 33.10
C ASP B 177 17.97 -10.29 33.32
N ALA B 178 18.45 -11.46 32.90
CA ALA B 178 17.69 -12.72 32.92
C ALA B 178 17.05 -13.08 34.27
N PHE B 179 17.68 -12.64 35.37
CA PHE B 179 17.20 -12.90 36.72
C PHE B 179 15.98 -12.02 37.08
N HIS B 180 15.95 -10.81 36.51
CA HIS B 180 15.01 -9.77 36.95
C HIS B 180 13.62 -9.99 36.41
N PRO B 181 12.61 -9.94 37.28
CA PRO B 181 11.23 -10.16 36.83
C PRO B 181 10.71 -9.04 35.92
N TYR B 182 11.31 -7.86 36.02
CA TYR B 182 10.92 -6.70 35.22
C TYR B 182 12.00 -6.32 34.21
N ARG B 183 12.70 -7.33 33.72
CA ARG B 183 13.74 -7.17 32.70
C ARG B 183 13.14 -6.59 31.40
N SER B 184 14.00 -6.07 30.54
CA SER B 184 13.57 -5.52 29.25
C SER B 184 12.78 -6.55 28.43
N ASP B 185 11.71 -6.07 27.79
CA ASP B 185 10.98 -6.88 26.83
C ASP B 185 11.63 -6.80 25.45
N TYR B 186 12.21 -5.62 25.16
CA TYR B 186 12.95 -5.38 23.93
C TYR B 186 14.17 -4.48 24.18
N LEU B 187 15.17 -4.61 23.33
CA LEU B 187 16.30 -3.66 23.31
C LEU B 187 16.40 -3.02 21.94
N ILE B 188 16.76 -1.74 21.91
CA ILE B 188 16.94 -0.99 20.67
C ILE B 188 18.38 -0.47 20.57
N LEU B 189 19.10 -0.92 19.56
CA LEU B 189 20.49 -0.53 19.37
C LEU B 189 20.65 0.30 18.10
N GLY B 190 20.96 1.59 18.30
CA GLY B 190 21.18 2.52 17.19
C GLY B 190 22.67 2.73 16.92
N ALA B 191 23.11 2.27 15.75
CA ALA B 191 24.50 2.40 15.36
C ALA B 191 24.80 3.81 14.81
N LEU B 192 25.32 4.67 15.67
CA LEU B 192 25.73 6.02 15.26
C LEU B 192 26.92 5.96 14.29
N ARG B 193 27.93 5.15 14.64
CA ARG B 193 29.05 4.84 13.75
C ARG B 193 29.69 3.49 14.05
N ASN B 194 30.19 2.82 13.01
CA ASN B 194 30.75 1.48 13.11
C ASN B 194 31.77 1.23 11.99
N PRO B 195 32.91 1.96 12.03
CA PRO B 195 33.81 2.05 10.87
C PRO B 195 34.41 0.72 10.41
N ASP B 196 34.61 -0.20 11.35
CA ASP B 196 35.22 -1.50 11.01
C ASP B 196 34.21 -2.64 10.94
N HIS B 197 32.92 -2.29 10.99
CA HIS B 197 31.83 -3.24 10.80
C HIS B 197 31.85 -4.35 11.83
N VAL B 198 32.01 -3.95 13.09
CA VAL B 198 32.02 -4.91 14.20
C VAL B 198 30.58 -5.33 14.52
N PRO B 199 30.27 -6.63 14.33
CA PRO B 199 28.94 -7.16 14.52
C PRO B 199 28.52 -7.30 15.98
N THR B 200 27.21 -7.46 16.17
CA THR B 200 26.63 -7.89 17.44
C THR B 200 26.27 -9.36 17.26
N THR B 201 26.27 -10.12 18.36
CA THR B 201 25.79 -11.51 18.28
C THR B 201 24.36 -11.61 18.80
N VAL B 202 23.54 -12.36 18.06
CA VAL B 202 22.16 -12.62 18.46
C VAL B 202 21.78 -14.06 18.11
N GLY B 203 21.13 -14.73 19.07
CA GLY B 203 20.77 -16.13 18.90
C GLY B 203 19.36 -16.45 19.35
N GLU B 204 18.75 -17.40 18.65
CA GLU B 204 17.37 -17.78 18.86
C GLU B 204 17.25 -19.27 19.19
N LEU B 205 16.05 -19.70 19.58
CA LEU B 205 15.81 -21.07 20.00
C LEU B 205 15.22 -21.91 18.86
N ASP B 206 15.98 -22.89 18.38
CA ASP B 206 15.46 -23.91 17.48
C ASP B 206 14.93 -25.08 18.31
N LEU B 207 13.62 -25.33 18.23
CA LEU B 207 13.00 -26.38 19.02
C LEU B 207 13.22 -27.80 18.47
N SER B 208 13.35 -27.93 17.16
CA SER B 208 13.50 -29.23 16.51
C SER B 208 14.62 -30.08 17.13
N SER B 209 15.63 -29.39 17.68
CA SER B 209 16.79 -30.04 18.27
C SER B 209 16.50 -30.66 19.65
N LEU B 210 15.61 -30.01 20.40
CA LEU B 210 15.26 -30.45 21.76
C LEU B 210 14.09 -31.43 21.80
N SER B 211 14.15 -32.38 22.73
CA SER B 211 13.06 -33.33 22.95
C SER B 211 11.97 -32.74 23.84
N ALA B 212 10.80 -33.39 23.86
CA ALA B 212 9.66 -32.96 24.68
C ALA B 212 9.95 -33.11 26.18
N GLU B 213 10.71 -34.16 26.50
CA GLU B 213 11.16 -34.43 27.87
C GLU B 213 11.94 -33.23 28.42
N ASP B 214 12.95 -32.78 27.67
CA ASP B 214 13.81 -31.67 28.08
C ASP B 214 13.06 -30.36 28.17
N ILE B 215 12.19 -30.11 27.19
CA ILE B 215 11.37 -28.91 27.17
C ILE B 215 10.51 -28.79 28.44
N ASP B 216 9.82 -29.88 28.81
CA ASP B 216 8.95 -29.88 29.99
C ASP B 216 9.71 -29.57 31.29
N VAL B 217 10.92 -30.10 31.40
CA VAL B 217 11.77 -29.86 32.57
C VAL B 217 12.17 -28.38 32.65
N LEU B 218 12.53 -27.81 31.50
CA LEU B 218 12.96 -26.41 31.41
C LEU B 218 11.85 -25.43 31.76
N PHE B 219 10.59 -25.83 31.49
CA PHE B 219 9.41 -25.04 31.85
C PHE B 219 9.13 -24.97 33.35
N GLU B 220 9.73 -25.85 34.13
CA GLU B 220 9.44 -25.94 35.56
C GLU B 220 10.43 -25.13 36.41
N PRO B 221 9.96 -24.61 37.57
CA PRO B 221 10.78 -23.73 38.41
C PRO B 221 11.91 -24.46 39.14
N ARG B 222 13.00 -24.73 38.42
CA ARG B 222 14.08 -25.58 38.93
C ARG B 222 15.48 -24.98 38.78
N TYR B 223 15.56 -23.69 38.48
CA TYR B 223 16.84 -23.06 38.15
C TYR B 223 17.05 -21.73 38.87
N HIS B 224 18.27 -21.52 39.36
CA HIS B 224 18.64 -20.24 39.96
C HIS B 224 19.38 -19.40 38.98
N ILE B 225 18.97 -18.15 38.86
CA ILE B 225 19.70 -17.17 38.05
C ILE B 225 20.09 -15.98 38.93
N ALA B 226 21.40 -15.74 39.01
CA ALA B 226 21.96 -14.73 39.88
C ALA B 226 21.92 -13.34 39.26
N PRO B 227 21.87 -12.28 40.08
CA PRO B 227 21.84 -10.91 39.59
C PRO B 227 23.20 -10.41 39.09
N ASP B 228 23.51 -9.14 39.35
CA ASP B 228 24.84 -8.59 39.10
C ASP B 228 25.19 -7.42 40.03
N GLU B 229 26.35 -6.82 39.75
CA GLU B 229 26.90 -5.68 40.50
C GLU B 229 25.95 -4.49 40.62
N SER B 230 24.95 -4.44 39.73
CA SER B 230 23.96 -3.36 39.68
C SER B 230 23.10 -3.33 40.93
N ALA B 245 21.35 9.68 47.02
CA ALA B 245 20.22 8.83 47.38
C ALA B 245 20.47 8.10 48.70
N ARG B 246 19.43 8.06 49.54
CA ARG B 246 19.47 7.38 50.83
C ARG B 246 18.15 6.63 51.05
N PHE B 247 17.07 7.30 50.67
CA PHE B 247 15.70 6.84 50.87
C PHE B 247 15.25 5.92 49.73
N ALA B 248 14.00 5.42 49.74
CA ALA B 248 13.03 5.62 50.82
C ALA B 248 13.12 4.45 51.80
N THR B 249 12.82 3.26 51.29
CA THR B 249 13.20 2.03 51.97
C THR B 249 14.42 1.52 51.19
N ILE B 250 15.60 1.79 51.76
CA ILE B 250 16.89 1.77 51.05
C ILE B 250 17.10 0.64 50.04
N GLN B 251 17.55 1.03 48.84
CA GLN B 251 18.12 0.13 47.83
C GLN B 251 17.46 -1.26 47.69
N ARG B 252 18.18 -2.28 48.14
CA ARG B 252 17.76 -3.67 47.98
C ARG B 252 16.45 -3.94 48.72
N MET B 253 15.36 -3.95 47.94
CA MET B 253 14.01 -4.03 48.47
C MET B 253 13.40 -5.43 48.34
N ILE B 254 12.60 -5.63 47.29
CA ILE B 254 11.98 -6.92 47.02
C ILE B 254 13.10 -7.85 46.56
N ASP B 255 13.57 -8.68 47.49
CA ASP B 255 14.86 -9.36 47.35
C ASP B 255 14.83 -10.70 46.60
N GLU B 256 15.89 -11.48 46.82
CA GLU B 256 16.07 -12.80 46.22
C GLU B 256 15.09 -13.77 46.85
N ARG B 257 14.47 -14.63 46.03
CA ARG B 257 13.46 -15.54 46.55
C ARG B 257 13.50 -16.98 45.97
N PRO B 258 12.71 -17.28 44.90
CA PRO B 258 12.52 -18.68 44.55
C PRO B 258 13.40 -19.20 43.39
N LEU B 259 13.15 -20.44 42.99
CA LEU B 259 13.72 -21.02 41.76
C LEU B 259 12.73 -20.82 40.62
N GLY B 260 13.25 -20.62 39.41
CA GLY B 260 12.42 -20.33 38.25
C GLY B 260 12.71 -21.17 37.02
N PRO B 261 11.86 -21.04 35.97
CA PRO B 261 12.07 -21.81 34.74
C PRO B 261 13.03 -21.11 33.78
N LEU B 262 13.42 -21.80 32.73
CA LEU B 262 14.24 -21.20 31.67
C LEU B 262 13.42 -21.01 30.40
N LEU B 263 12.43 -21.87 30.19
CA LEU B 263 11.44 -21.70 29.14
C LEU B 263 10.06 -21.41 29.74
N TYR B 264 9.28 -20.61 29.01
CA TYR B 264 7.94 -20.20 29.42
C TYR B 264 7.16 -19.69 28.21
N GLY B 265 5.87 -19.41 28.38
CA GLY B 265 5.00 -19.08 27.25
C GLY B 265 4.44 -20.35 26.63
N SER B 266 4.44 -20.42 25.31
CA SER B 266 3.92 -21.57 24.57
C SER B 266 4.94 -22.71 24.56
N ARG B 267 4.49 -23.94 24.81
CA ARG B 267 5.39 -25.09 24.84
C ARG B 267 5.79 -25.57 23.43
N LEU B 268 5.16 -24.99 22.41
CA LEU B 268 5.48 -25.29 21.02
C LEU B 268 6.33 -24.20 20.37
N ASP B 269 6.38 -23.03 21.01
CA ASP B 269 7.21 -21.91 20.58
C ASP B 269 7.47 -21.02 21.78
N PRO B 270 8.41 -21.43 22.66
CA PRO B 270 8.60 -20.81 23.97
C PRO B 270 9.45 -19.54 23.98
N TYR B 271 9.27 -18.74 25.02
CA TYR B 271 10.20 -17.67 25.34
C TYR B 271 11.34 -18.24 26.17
N MET B 272 12.42 -17.48 26.30
CA MET B 272 13.55 -17.90 27.13
C MET B 272 14.20 -16.77 27.91
N ARG B 273 14.75 -17.11 29.06
CA ARG B 273 15.68 -16.25 29.77
C ARG B 273 16.93 -17.08 30.08
N LEU B 274 18.03 -16.73 29.43
CA LEU B 274 19.24 -17.52 29.48
C LEU B 274 20.45 -16.63 29.68
N ASP B 275 21.04 -16.72 30.87
CA ASP B 275 22.31 -16.06 31.16
C ASP B 275 23.23 -17.12 31.77
N PRO B 276 24.02 -17.81 30.91
CA PRO B 276 24.78 -19.01 31.29
C PRO B 276 25.76 -18.84 32.43
N TYR B 277 26.44 -17.69 32.49
CA TYR B 277 27.44 -17.45 33.55
C TYR B 277 26.83 -17.38 34.95
N PHE B 278 25.62 -16.83 35.07
CA PHE B 278 24.97 -16.63 36.37
C PHE B 278 23.84 -17.63 36.63
N THR B 279 23.83 -18.71 35.86
CA THR B 279 22.83 -19.78 35.99
C THR B 279 23.44 -21.03 36.65
N SER B 280 22.83 -21.46 37.75
CA SER B 280 23.21 -22.70 38.42
C SER B 280 22.00 -23.62 38.67
N VAL B 281 22.25 -24.91 38.67
CA VAL B 281 21.23 -25.93 38.94
C VAL B 281 21.64 -26.69 40.20
N PRO B 282 20.68 -26.96 41.11
CA PRO B 282 20.93 -27.82 42.26
C PRO B 282 21.50 -29.18 41.85
N GLN B 283 22.53 -29.63 42.57
CA GLN B 283 23.28 -30.85 42.22
C GLN B 283 22.40 -32.11 42.15
N ASP B 284 21.43 -32.22 43.05
CA ASP B 284 20.54 -33.38 43.10
C ASP B 284 19.58 -33.47 41.92
N ASP B 285 19.44 -32.38 41.18
CA ASP B 285 18.47 -32.26 40.09
C ASP B 285 19.12 -32.59 38.73
N THR B 286 19.25 -33.89 38.45
CA THR B 286 19.99 -34.39 37.30
C THR B 286 19.24 -34.23 35.98
N ASP B 287 17.91 -34.30 36.05
CA ASP B 287 17.06 -34.06 34.89
C ASP B 287 17.20 -32.61 34.41
N ALA B 288 17.16 -31.67 35.36
CA ALA B 288 17.31 -30.26 35.05
C ALA B 288 18.69 -29.96 34.47
N ARG B 289 19.72 -30.59 35.03
CA ARG B 289 21.08 -30.43 34.52
C ARG B 289 21.26 -30.99 33.11
N ARG B 290 20.64 -32.15 32.86
CA ARG B 290 20.61 -32.73 31.52
C ARG B 290 19.91 -31.82 30.51
N ALA B 291 18.81 -31.19 30.94
CA ALA B 291 18.00 -30.34 30.07
C ALA B 291 18.66 -28.98 29.81
N TYR B 292 19.27 -28.42 30.84
CA TYR B 292 20.04 -27.19 30.73
C TYR B 292 21.22 -27.34 29.76
N ASP B 293 21.94 -28.46 29.88
CA ASP B 293 23.02 -28.79 28.96
C ASP B 293 22.55 -28.79 27.50
N ALA B 294 21.42 -29.46 27.25
CA ALA B 294 20.88 -29.60 25.89
C ALA B 294 20.40 -28.26 25.33
N LEU B 295 19.82 -27.43 26.19
CA LEU B 295 19.36 -26.11 25.79
C LEU B 295 20.54 -25.21 25.43
N PHE B 296 21.58 -25.22 26.26
CA PHE B 296 22.77 -24.42 26.02
C PHE B 296 23.41 -24.76 24.67
N LYS B 297 23.54 -26.06 24.39
CA LYS B 297 24.13 -26.52 23.12
C LYS B 297 23.37 -26.00 21.90
N VAL B 298 22.04 -26.03 21.97
CA VAL B 298 21.16 -25.57 20.88
C VAL B 298 21.35 -24.07 20.62
N VAL B 299 21.37 -23.29 21.68
CA VAL B 299 21.46 -21.84 21.55
C VAL B 299 22.87 -21.40 21.17
N ASP B 300 23.88 -21.90 21.88
CA ASP B 300 25.28 -21.60 21.58
C ASP B 300 25.63 -21.88 20.12
N SER B 301 25.23 -23.05 19.62
CA SER B 301 25.53 -23.47 18.26
C SER B 301 24.70 -22.75 17.19
N GLY B 302 23.67 -22.02 17.64
CA GLY B 302 22.77 -21.31 16.73
C GLY B 302 23.10 -19.83 16.56
N MET B 303 24.03 -19.33 17.38
CA MET B 303 24.42 -17.91 17.39
C MET B 303 24.79 -17.37 16.01
N ARG B 304 24.33 -16.16 15.71
CA ARG B 304 24.60 -15.49 14.44
C ARG B 304 25.30 -14.16 14.70
N GLU B 305 26.09 -13.72 13.72
CA GLU B 305 26.67 -12.38 13.74
C GLU B 305 25.80 -11.44 12.92
N VAL B 306 25.38 -10.34 13.54
CA VAL B 306 24.55 -9.33 12.89
C VAL B 306 25.27 -7.99 13.03
N VAL B 307 25.59 -7.37 11.89
CA VAL B 307 26.27 -6.07 11.93
C VAL B 307 25.27 -4.93 11.90
N ALA B 308 25.42 -4.04 12.86
CA ALA B 308 24.75 -2.75 12.84
C ALA B 308 25.74 -1.71 12.32
N ASP B 309 25.75 -1.53 11.00
CA ASP B 309 26.55 -0.48 10.38
C ASP B 309 25.93 0.90 10.66
N GLN B 310 26.65 1.96 10.30
CA GLN B 310 26.16 3.32 10.44
C GLN B 310 24.77 3.50 9.82
N GLY B 311 23.84 4.03 10.60
CA GLY B 311 22.48 4.27 10.12
C GLY B 311 21.53 3.11 10.34
N ASP B 312 22.01 2.06 11.03
CA ASP B 312 21.19 0.90 11.37
C ASP B 312 20.59 1.03 12.76
N VAL B 313 19.36 0.56 12.90
CA VAL B 313 18.79 0.37 14.21
C VAL B 313 18.39 -1.10 14.36
N LEU B 314 19.06 -1.77 15.30
CA LEU B 314 18.79 -3.17 15.60
C LEU B 314 17.78 -3.30 16.75
N PHE B 315 16.72 -4.07 16.52
CA PHE B 315 15.70 -4.32 17.53
C PHE B 315 15.83 -5.76 18.02
N ILE B 316 16.11 -5.93 19.30
CA ILE B 316 16.22 -7.28 19.87
C ILE B 316 15.03 -7.58 20.78
N ASP B 317 14.37 -8.70 20.50
CA ASP B 317 13.32 -9.24 21.35
C ASP B 317 13.97 -10.02 22.48
N ASN B 318 13.92 -9.45 23.69
CA ASN B 318 14.57 -10.06 24.86
C ASN B 318 13.91 -11.36 25.34
N HIS B 319 12.80 -11.73 24.74
CA HIS B 319 12.10 -12.97 25.09
C HIS B 319 12.35 -14.08 24.11
N ARG B 320 12.76 -13.73 22.89
CA ARG B 320 13.01 -14.74 21.87
C ARG B 320 14.46 -14.87 21.45
N ALA B 321 15.33 -14.04 22.04
CA ALA B 321 16.72 -13.99 21.60
C ALA B 321 17.71 -13.57 22.65
N VAL B 322 18.86 -14.24 22.65
CA VAL B 322 20.00 -13.84 23.45
C VAL B 322 20.95 -12.97 22.61
N HIS B 323 21.77 -12.17 23.27
CA HIS B 323 22.71 -11.29 22.59
C HIS B 323 24.04 -11.18 23.29
N GLY B 324 25.08 -10.84 22.54
CA GLY B 324 26.41 -10.63 23.12
C GLY B 324 27.29 -9.70 22.32
N ARG B 325 28.21 -9.02 23.00
CA ARG B 325 29.20 -8.16 22.35
C ARG B 325 30.34 -9.00 21.75
N LEU B 326 31.02 -8.43 20.76
CA LEU B 326 32.21 -9.04 20.19
C LEU B 326 33.43 -8.16 20.48
N PRO B 327 34.53 -8.78 20.93
CA PRO B 327 35.78 -8.05 21.18
C PRO B 327 36.37 -7.50 19.89
N PHE B 328 36.90 -6.29 19.96
CA PHE B 328 37.44 -5.61 18.78
C PHE B 328 38.51 -4.59 19.16
N GLN B 329 39.50 -4.46 18.28
CA GLN B 329 40.57 -3.48 18.45
C GLN B 329 40.05 -2.05 18.25
N ALA B 330 40.19 -1.22 19.28
CA ALA B 330 39.71 0.16 19.23
C ALA B 330 40.85 1.16 19.04
N ARG B 331 40.55 2.27 18.35
CA ARG B 331 41.53 3.34 18.06
C ARG B 331 41.67 4.36 19.19
N TYR B 332 40.57 4.61 19.91
CA TYR B 332 40.50 5.58 21.01
C TYR B 332 40.75 7.04 20.58
N ASP B 333 40.53 7.33 19.30
CA ASP B 333 40.86 8.64 18.73
C ASP B 333 39.64 9.51 18.38
N GLY B 334 38.47 9.15 18.90
CA GLY B 334 37.23 9.89 18.62
C GLY B 334 36.49 9.42 17.37
N THR B 335 37.01 8.40 16.70
CA THR B 335 36.40 7.86 15.49
C THR B 335 35.86 6.43 15.71
N ASP B 336 35.82 6.00 16.97
CA ASP B 336 35.45 4.64 17.31
C ASP B 336 33.96 4.33 17.13
N ARG B 337 33.65 3.04 17.04
CA ARG B 337 32.30 2.51 17.05
C ARG B 337 31.47 3.09 18.20
N TRP B 338 30.26 3.54 17.90
CA TRP B 338 29.41 4.19 18.89
C TRP B 338 27.96 3.82 18.66
N LEU B 339 27.38 3.18 19.67
CA LEU B 339 25.96 2.80 19.64
C LEU B 339 25.22 3.45 20.79
N LYS B 340 23.91 3.58 20.62
CA LYS B 340 23.02 4.00 21.69
C LYS B 340 22.04 2.86 21.99
N ARG B 341 21.73 2.67 23.27
CA ARG B 341 20.82 1.59 23.68
C ARG B 341 19.66 2.13 24.50
N VAL B 342 18.45 1.66 24.18
CA VAL B 342 17.26 1.95 24.98
C VAL B 342 16.63 0.63 25.40
N CYS B 343 16.24 0.56 26.67
CA CYS B 343 15.48 -0.56 27.18
C CYS B 343 13.98 -0.30 27.08
N VAL B 344 13.23 -1.32 26.66
CA VAL B 344 11.80 -1.19 26.42
C VAL B 344 11.01 -2.19 27.25
N THR B 345 10.07 -1.68 28.05
CA THR B 345 9.11 -2.50 28.78
C THR B 345 7.71 -2.37 28.18
N SER B 346 6.98 -3.47 28.17
CA SER B 346 5.60 -3.49 27.69
C SER B 346 4.64 -3.00 28.77
N ASP B 347 5.02 -3.19 30.04
CA ASP B 347 4.15 -2.84 31.15
C ASP B 347 4.92 -2.11 32.26
N LEU B 348 4.96 -0.79 32.15
CA LEU B 348 5.65 0.05 33.12
C LEU B 348 5.11 -0.08 34.55
N ARG B 349 3.80 -0.25 34.69
CA ARG B 349 3.16 -0.33 36.01
C ARG B 349 3.51 -1.60 36.78
N ARG B 350 3.78 -2.67 36.04
CA ARG B 350 4.17 -3.94 36.63
C ARG B 350 5.39 -3.81 37.55
N SER B 351 6.18 -2.76 37.34
CA SER B 351 7.43 -2.56 38.08
C SER B 351 7.35 -1.46 39.15
N ARG B 352 6.13 -1.09 39.54
CA ARG B 352 5.89 0.04 40.44
C ARG B 352 6.60 -0.06 41.80
N GLU B 353 6.67 -1.26 42.36
CA GLU B 353 7.25 -1.46 43.69
C GLU B 353 8.75 -1.21 43.77
N MET B 354 9.43 -1.24 42.62
CA MET B 354 10.87 -0.98 42.55
C MET B 354 11.19 0.37 41.93
N ARG B 355 10.19 1.24 41.85
CA ARG B 355 10.36 2.58 41.28
C ARG B 355 10.01 3.63 42.33
N ALA B 356 10.89 4.62 42.48
CA ALA B 356 10.75 5.64 43.53
C ALA B 356 9.37 6.30 43.54
N THR B 357 8.87 6.65 42.36
CA THR B 357 7.56 7.29 42.22
C THR B 357 6.78 6.70 41.04
N SER B 358 5.52 7.09 40.93
CA SER B 358 4.66 6.71 39.80
C SER B 358 5.23 7.17 38.46
N ALA B 359 5.73 8.40 38.42
CA ALA B 359 6.18 9.04 37.18
C ALA B 359 7.52 8.53 36.67
N THR B 360 8.41 8.12 37.56
CA THR B 360 9.76 7.74 37.17
C THR B 360 9.84 6.40 36.43
N ARG B 361 10.69 6.37 35.41
CA ARG B 361 10.90 5.18 34.58
C ARG B 361 12.18 4.45 34.95
N LEU B 362 12.81 4.87 36.04
CA LEU B 362 14.06 4.26 36.50
C LEU B 362 13.82 3.24 37.62
N LEU B 363 14.33 2.03 37.40
CA LEU B 363 14.19 0.94 38.37
C LEU B 363 15.33 1.02 39.39
N GLY B 364 14.97 1.09 40.67
CA GLY B 364 15.94 1.16 41.75
C GLY B 364 16.04 2.55 42.36
N THR C 29 21.48 14.67 -30.39
CA THR C 29 20.01 14.80 -30.24
C THR C 29 19.42 15.67 -31.35
N PRO C 30 18.44 15.14 -32.10
CA PRO C 30 17.75 15.97 -33.07
C PRO C 30 16.96 17.10 -32.41
N SER C 31 16.78 18.19 -33.14
CA SER C 31 15.96 19.32 -32.70
C SER C 31 15.50 20.11 -33.92
N TYR C 32 14.51 20.96 -33.70
CA TYR C 32 13.85 21.69 -34.76
C TYR C 32 13.78 23.15 -34.38
N SER C 33 14.15 24.03 -35.31
CA SER C 33 14.03 25.46 -35.09
C SER C 33 13.06 26.05 -36.10
N LEU C 34 12.00 26.67 -35.60
CA LEU C 34 10.99 27.32 -36.43
C LEU C 34 11.50 28.60 -37.07
N THR C 35 11.19 28.78 -38.34
CA THR C 35 11.41 30.05 -39.03
C THR C 35 10.42 31.07 -38.47
N PRO C 36 10.77 32.38 -38.56
CA PRO C 36 9.85 33.45 -38.15
C PRO C 36 8.42 33.28 -38.65
N ALA C 37 8.25 32.88 -39.92
CA ALA C 37 6.92 32.69 -40.51
C ALA C 37 6.18 31.46 -39.96
N GLU C 38 6.92 30.38 -39.69
CA GLU C 38 6.36 29.22 -38.99
C GLU C 38 5.90 29.62 -37.58
N ALA C 39 6.79 30.31 -36.86
CA ALA C 39 6.47 30.80 -35.52
C ALA C 39 5.22 31.68 -35.53
N SER C 40 5.14 32.54 -36.55
CA SER C 40 4.07 33.51 -36.66
C SER C 40 2.72 32.84 -36.92
N ALA C 41 2.74 31.83 -37.80
CA ALA C 41 1.55 31.04 -38.11
C ALA C 41 1.09 30.18 -36.92
N VAL C 42 2.04 29.60 -36.19
CA VAL C 42 1.75 28.79 -35.00
C VAL C 42 1.07 29.62 -33.89
N ALA C 43 1.60 30.81 -33.65
CA ALA C 43 1.06 31.72 -32.63
C ALA C 43 -0.35 32.20 -32.99
N GLU C 44 -0.58 32.40 -34.28
CA GLU C 44 -1.87 32.85 -34.79
C GLU C 44 -2.92 31.74 -34.69
N LEU C 45 -2.51 30.51 -34.94
CA LEU C 45 -3.38 29.35 -34.79
C LEU C 45 -3.81 29.20 -33.33
N THR C 46 -2.88 29.43 -32.40
CA THR C 46 -3.16 29.28 -30.99
C THR C 46 -4.09 30.38 -30.46
N LEU C 47 -3.92 31.61 -30.96
CA LEU C 47 -4.85 32.71 -30.63
C LEU C 47 -6.26 32.40 -31.12
N GLU C 48 -6.37 31.86 -32.33
CA GLU C 48 -7.66 31.50 -32.93
C GLU C 48 -8.35 30.42 -32.10
N LEU C 49 -7.58 29.39 -31.77
CA LEU C 49 -8.06 28.27 -30.97
C LEU C 49 -8.45 28.70 -29.54
N ALA C 50 -7.70 29.65 -28.97
CA ALA C 50 -8.04 30.17 -27.65
C ALA C 50 -9.39 30.89 -27.64
N ALA C 51 -9.66 31.62 -28.71
CA ALA C 51 -10.97 32.28 -28.89
C ALA C 51 -12.10 31.26 -29.06
N ALA C 52 -11.84 30.18 -29.80
CA ALA C 52 -12.88 29.22 -30.16
C ALA C 52 -13.22 28.21 -29.05
N TYR C 53 -12.29 27.96 -28.14
CA TYR C 53 -12.51 26.95 -27.11
C TYR C 53 -12.44 27.52 -25.70
N GLY C 54 -13.10 26.84 -24.76
CA GLY C 54 -13.30 27.37 -23.41
C GLY C 54 -12.24 27.02 -22.39
N SER C 55 -11.72 25.80 -22.46
CA SER C 55 -10.75 25.31 -21.48
C SER C 55 -10.09 24.03 -21.97
N PHE C 56 -8.89 23.74 -21.46
CA PHE C 56 -8.35 22.38 -21.61
C PHE C 56 -9.18 21.49 -20.70
N GLY C 57 -10.06 20.72 -21.31
CA GLY C 57 -11.11 20.01 -20.58
C GLY C 57 -12.42 20.08 -21.34
N ASP C 58 -12.53 21.14 -22.15
CA ASP C 58 -13.59 21.30 -23.13
C ASP C 58 -13.68 20.05 -24.02
N PRO C 59 -14.82 19.32 -23.96
CA PRO C 59 -15.00 18.07 -24.69
C PRO C 59 -14.81 18.20 -26.21
N VAL C 60 -15.24 19.33 -26.79
CA VAL C 60 -15.14 19.55 -28.22
C VAL C 60 -13.68 19.77 -28.62
N LEU C 61 -12.94 20.50 -27.79
CA LEU C 61 -11.50 20.68 -28.00
C LEU C 61 -10.77 19.34 -27.98
N LEU C 62 -11.03 18.55 -26.94
CA LEU C 62 -10.43 17.23 -26.78
C LEU C 62 -10.72 16.36 -28.00
N ARG C 63 -11.94 16.46 -28.53
CA ARG C 63 -12.34 15.72 -29.72
C ARG C 63 -11.63 16.23 -30.99
N ASP C 64 -11.53 17.54 -31.13
CA ASP C 64 -10.94 18.15 -32.34
C ASP C 64 -9.42 18.09 -32.36
N LEU C 65 -8.83 17.78 -31.21
CA LEU C 65 -7.39 17.89 -30.98
C LEU C 65 -6.46 17.36 -32.10
N PRO C 66 -6.62 16.10 -32.54
CA PRO C 66 -5.74 15.59 -33.61
C PRO C 66 -5.92 16.32 -34.94
N ARG C 67 -7.17 16.67 -35.27
CA ARG C 67 -7.47 17.43 -36.46
C ARG C 67 -6.84 18.83 -36.36
N LEU C 68 -7.07 19.50 -35.24
CA LEU C 68 -6.50 20.82 -34.98
C LEU C 68 -4.97 20.83 -35.11
N ALA C 69 -4.33 19.82 -34.52
CA ALA C 69 -2.88 19.66 -34.56
C ALA C 69 -2.33 19.53 -35.97
N ALA C 70 -3.14 18.99 -36.89
CA ALA C 70 -2.73 18.85 -38.29
C ALA C 70 -2.72 20.19 -39.06
N ARG C 71 -3.04 21.28 -38.37
CA ARG C 71 -2.96 22.63 -38.96
C ARG C 71 -1.62 23.27 -38.62
N LEU C 72 -0.84 22.60 -37.77
CA LEU C 72 0.52 23.01 -37.47
C LEU C 72 1.37 22.84 -38.73
N PRO C 73 2.52 23.55 -38.82
CA PRO C 73 3.33 23.41 -40.03
C PRO C 73 3.70 21.95 -40.31
N GLU C 74 3.68 21.59 -41.59
CA GLU C 74 3.91 20.22 -42.04
C GLU C 74 5.23 19.66 -41.48
N GLY C 75 6.29 20.46 -41.57
CA GLY C 75 7.62 20.05 -41.14
C GLY C 75 7.69 19.74 -39.66
N VAL C 76 6.85 20.43 -38.88
CA VAL C 76 6.77 20.21 -37.45
C VAL C 76 6.16 18.83 -37.14
N GLN C 77 5.03 18.53 -37.76
CA GLN C 77 4.35 17.23 -37.57
C GLN C 77 5.27 16.08 -37.97
N ASP C 78 5.97 16.24 -39.10
CA ASP C 78 6.90 15.22 -39.58
C ASP C 78 8.02 14.99 -38.58
N PHE C 79 8.56 16.07 -38.05
CA PHE C 79 9.63 16.01 -37.06
C PHE C 79 9.21 15.21 -35.81
N LEU C 80 8.04 15.52 -35.26
CA LEU C 80 7.56 14.84 -34.06
C LEU C 80 7.18 13.39 -34.33
N ARG C 81 6.75 13.12 -35.54
CA ARG C 81 6.38 11.79 -35.94
C ARG C 81 7.63 10.90 -36.09
N GLU C 82 8.71 11.47 -36.59
CA GLU C 82 9.97 10.74 -36.75
C GLU C 82 10.56 10.35 -35.39
N PHE C 83 10.55 11.30 -34.46
CA PHE C 83 10.96 11.09 -33.08
C PHE C 83 10.12 10.01 -32.41
N LYS C 84 8.80 10.12 -32.52
CA LYS C 84 7.90 9.12 -31.95
C LYS C 84 8.14 7.72 -32.54
N LEU C 85 8.19 7.62 -33.86
CA LEU C 85 8.33 6.31 -34.52
C LEU C 85 9.71 5.68 -34.39
N ALA C 86 10.76 6.51 -34.32
CA ALA C 86 12.12 5.98 -34.19
C ALA C 86 12.33 5.26 -32.87
N ASP C 87 11.75 5.79 -31.79
CA ASP C 87 11.85 5.18 -30.46
C ASP C 87 13.34 4.96 -30.16
N ARG C 88 14.12 6.04 -30.27
CA ARG C 88 15.58 5.95 -30.17
C ARG C 88 16.10 6.96 -29.15
N HIS C 89 15.56 8.18 -29.19
CA HIS C 89 16.08 9.29 -28.40
C HIS C 89 15.26 9.60 -27.19
N GLY C 90 15.94 10.01 -26.12
CA GLY C 90 15.28 10.32 -24.86
C GLY C 90 14.45 11.58 -24.90
N HIS C 91 14.92 12.58 -25.63
CA HIS C 91 14.25 13.87 -25.70
C HIS C 91 14.46 14.53 -27.03
N THR C 92 13.61 15.49 -27.34
CA THR C 92 13.85 16.40 -28.46
C THR C 92 13.26 17.78 -28.16
N VAL C 93 13.68 18.77 -28.92
CA VAL C 93 13.25 20.15 -28.70
C VAL C 93 12.79 20.80 -30.01
N ILE C 94 11.69 21.53 -29.93
CA ILE C 94 11.31 22.49 -30.98
C ILE C 94 11.51 23.89 -30.41
N ARG C 95 12.35 24.68 -31.07
CA ARG C 95 12.70 26.01 -30.60
C ARG C 95 12.17 27.12 -31.51
N GLY C 96 12.13 28.35 -30.97
CA GLY C 96 11.79 29.53 -31.74
C GLY C 96 10.31 29.87 -31.82
N HIS C 97 9.52 29.39 -30.86
CA HIS C 97 8.12 29.81 -30.75
C HIS C 97 8.03 31.25 -30.30
N ASP C 98 6.97 31.93 -30.72
CA ASP C 98 6.71 33.28 -30.28
C ASP C 98 5.72 33.25 -29.11
N PHE C 99 6.24 33.46 -27.91
CA PHE C 99 5.40 33.48 -26.71
C PHE C 99 5.27 34.92 -26.22
N ASP C 100 4.17 35.56 -26.60
CA ASP C 100 3.92 36.97 -26.30
C ASP C 100 3.94 37.24 -24.80
N GLN C 101 5.04 37.82 -24.32
CA GLN C 101 5.28 38.01 -22.90
C GLN C 101 4.38 39.05 -22.21
N ARG C 102 3.96 40.08 -22.93
CA ARG C 102 3.03 41.07 -22.38
C ARG C 102 1.65 40.48 -22.14
N ARG C 103 1.19 39.63 -23.06
CA ARG C 103 -0.09 38.93 -22.91
C ARG C 103 -0.04 37.90 -21.79
N ILE C 104 1.04 37.12 -21.75
CA ILE C 104 1.21 36.04 -20.77
C ILE C 104 1.13 36.58 -19.33
N GLY C 105 1.70 37.77 -19.12
CA GLY C 105 1.66 38.42 -17.82
C GLY C 105 2.71 37.88 -16.87
N PRO C 106 2.64 38.30 -15.59
CA PRO C 106 3.67 37.87 -14.64
C PRO C 106 3.51 36.43 -14.17
N THR C 107 4.62 35.85 -13.69
CA THR C 107 4.61 34.53 -13.10
C THR C 107 3.89 34.60 -11.75
N PRO C 108 2.86 33.75 -11.56
CA PRO C 108 2.02 33.78 -10.36
C PRO C 108 2.76 33.37 -9.09
N ASP C 109 2.19 33.76 -7.94
CA ASP C 109 2.67 33.35 -6.62
C ASP C 109 2.36 31.86 -6.35
N HIS C 110 1.29 31.37 -6.96
CA HIS C 110 0.84 29.99 -6.77
C HIS C 110 -0.07 29.57 -7.89
N TRP C 111 -0.27 28.25 -8.01
CA TRP C 111 -1.24 27.71 -8.96
C TRP C 111 -2.59 27.55 -8.32
N ARG C 112 -2.61 27.30 -7.01
CA ARG C 112 -3.85 27.07 -6.27
C ARG C 112 -4.78 28.26 -6.28
N GLY C 113 -5.95 28.06 -6.88
CA GLY C 113 -7.03 29.04 -6.84
C GLY C 113 -7.00 30.17 -7.85
N ARG C 114 -6.06 30.14 -8.81
CA ARG C 114 -6.08 31.14 -9.87
C ARG C 114 -6.98 30.69 -11.04
N VAL C 115 -7.54 31.66 -11.74
CA VAL C 115 -8.52 31.41 -12.80
C VAL C 115 -7.93 30.54 -13.91
N ARG C 116 -8.77 29.67 -14.47
CA ARG C 116 -8.35 28.73 -15.49
C ARG C 116 -9.39 28.71 -16.61
N PRO C 117 -8.97 29.09 -17.84
CA PRO C 117 -7.61 29.45 -18.24
C PRO C 117 -7.26 30.91 -18.02
N GLY C 118 -5.98 31.18 -17.83
CA GLY C 118 -5.47 32.55 -17.75
C GLY C 118 -5.10 33.07 -19.13
N PRO C 119 -4.37 34.21 -19.17
CA PRO C 119 -4.00 34.84 -20.44
C PRO C 119 -2.99 34.01 -21.26
N GLU C 120 -2.37 33.02 -20.62
CA GLU C 120 -1.39 32.15 -21.28
C GLU C 120 -2.05 30.93 -21.96
N PHE C 121 -3.37 30.98 -22.11
CA PHE C 121 -4.16 29.89 -22.72
C PHE C 121 -3.63 29.44 -24.09
N PRO C 122 -3.37 30.38 -25.02
CA PRO C 122 -2.85 29.98 -26.33
C PRO C 122 -1.63 29.06 -26.23
N GLU C 123 -0.72 29.38 -25.31
CA GLU C 123 0.48 28.58 -25.06
C GLU C 123 0.14 27.18 -24.57
N GLU C 124 -0.85 27.09 -23.68
CA GLU C 124 -1.29 25.83 -23.12
C GLU C 124 -1.93 24.94 -24.20
N LEU C 125 -2.67 25.57 -25.10
CA LEU C 125 -3.30 24.87 -26.23
C LEU C 125 -2.25 24.32 -27.18
N LEU C 126 -1.20 25.11 -27.41
CA LEU C 126 -0.07 24.67 -28.21
C LEU C 126 0.43 23.32 -27.70
N LEU C 127 0.64 23.22 -26.40
CA LEU C 127 1.11 21.98 -25.78
C LEU C 127 0.12 20.83 -25.95
N MET C 128 -1.18 21.15 -25.89
CA MET C 128 -2.25 20.18 -26.13
C MET C 128 -2.21 19.64 -27.56
N LEU C 129 -2.03 20.53 -28.53
CA LEU C 129 -1.89 20.13 -29.93
C LEU C 129 -0.69 19.21 -30.10
N TYR C 130 0.44 19.59 -29.51
CA TYR C 130 1.62 18.73 -29.51
C TYR C 130 1.33 17.37 -28.90
N SER C 131 0.57 17.35 -27.80
CA SER C 131 0.26 16.11 -27.09
C SER C 131 -0.57 15.15 -27.95
N ALA C 132 -1.44 15.71 -28.79
CA ALA C 132 -2.30 14.93 -29.68
C ALA C 132 -1.52 14.35 -30.86
N LEU C 133 -0.35 14.89 -31.12
CA LEU C 133 0.56 14.33 -32.13
C LEU C 133 1.34 13.13 -31.58
N LEU C 134 1.56 13.10 -30.27
CA LEU C 134 2.28 11.99 -29.65
C LEU C 134 1.38 10.96 -28.98
N GLY C 135 0.13 11.32 -28.71
CA GLY C 135 -0.81 10.41 -28.04
C GLY C 135 -2.05 11.13 -27.53
N GLU C 136 -2.35 10.95 -26.25
CA GLU C 136 -3.50 11.60 -25.63
C GLU C 136 -3.06 12.37 -24.38
N PRO C 137 -3.57 13.59 -24.21
CA PRO C 137 -3.30 14.28 -22.95
C PRO C 137 -4.16 13.71 -21.84
N PHE C 138 -3.60 13.66 -20.63
CA PHE C 138 -4.31 13.13 -19.47
C PHE C 138 -3.71 13.76 -18.22
N GLY C 139 -4.46 13.68 -17.12
CA GLY C 139 -4.01 14.25 -15.86
C GLY C 139 -4.27 13.34 -14.67
N TRP C 140 -4.14 13.94 -13.48
CA TRP C 140 -4.24 13.22 -12.24
C TRP C 140 -5.19 13.95 -11.35
N ALA C 141 -6.19 13.25 -10.85
CA ALA C 141 -7.10 13.82 -9.85
C ALA C 141 -6.33 14.18 -8.58
N THR C 142 -5.16 13.56 -8.40
CA THR C 142 -4.35 13.69 -7.20
C THR C 142 -3.17 14.67 -7.29
N GLN C 143 -3.01 15.34 -8.43
CA GLN C 143 -1.94 16.30 -8.63
C GLN C 143 -2.42 17.56 -9.34
N GLN C 144 -2.08 18.71 -8.76
CA GLN C 144 -2.55 20.02 -9.23
C GLN C 144 -4.06 20.09 -9.55
N ASP C 145 -4.87 19.50 -8.65
CA ASP C 145 -6.34 19.57 -8.71
C ASP C 145 -6.94 19.08 -10.03
N GLY C 146 -6.23 18.19 -10.71
CA GLY C 146 -6.70 17.60 -11.97
C GLY C 146 -6.69 18.50 -13.19
N HIS C 147 -5.78 19.47 -13.24
CA HIS C 147 -5.60 20.27 -14.45
C HIS C 147 -4.84 19.47 -15.47
N LEU C 148 -5.28 19.53 -16.72
CA LEU C 148 -4.61 18.81 -17.81
C LEU C 148 -3.24 19.39 -18.14
N VAL C 149 -3.03 20.66 -17.77
CA VAL C 149 -1.76 21.33 -17.98
C VAL C 149 -1.23 21.80 -16.62
N HIS C 150 -0.02 21.37 -16.29
CA HIS C 150 0.58 21.67 -15.01
C HIS C 150 1.44 22.89 -15.09
N ASP C 151 1.58 23.57 -13.96
CA ASP C 151 2.49 24.70 -13.86
C ASP C 151 3.79 24.28 -13.20
N ILE C 152 4.89 24.84 -13.69
CA ILE C 152 6.19 24.66 -13.06
C ILE C 152 6.83 26.05 -12.92
N PHE C 153 6.59 26.66 -11.77
CA PHE C 153 7.27 27.88 -11.38
C PHE C 153 7.62 27.79 -9.89
N PRO C 154 8.64 28.56 -9.45
CA PRO C 154 9.01 28.46 -8.03
C PRO C 154 7.99 29.10 -7.10
N ILE C 155 7.61 28.36 -6.07
CA ILE C 155 6.74 28.86 -5.01
C ILE C 155 7.59 28.95 -3.74
N ARG C 156 7.40 30.01 -2.97
CA ARG C 156 8.22 30.26 -1.76
C ARG C 156 8.10 29.14 -0.74
N SER C 157 6.87 28.69 -0.49
CA SER C 157 6.58 27.63 0.49
C SER C 157 7.01 26.23 0.03
N HIS C 158 7.69 26.16 -1.11
CA HIS C 158 8.24 24.90 -1.62
C HIS C 158 9.70 24.99 -1.96
N GLU C 159 10.33 26.13 -1.62
CA GLU C 159 11.73 26.39 -1.92
C GLU C 159 12.67 25.23 -1.62
N ASN C 160 12.42 24.52 -0.52
CA ASN C 160 13.28 23.41 -0.10
C ASN C 160 12.70 22.01 -0.35
N ASP C 161 11.76 21.91 -1.28
CA ASP C 161 11.07 20.65 -1.55
C ASP C 161 11.51 19.94 -2.83
N GLN C 162 11.36 18.61 -2.86
CA GLN C 162 11.60 17.83 -4.07
C GLN C 162 10.39 17.87 -4.98
N LEU C 163 10.06 19.07 -5.45
CA LEU C 163 8.92 19.30 -6.32
C LEU C 163 9.35 20.20 -7.47
N GLY C 164 8.56 20.19 -8.54
CA GLY C 164 8.75 21.12 -9.65
C GLY C 164 8.62 22.57 -9.21
N MET C 165 7.87 22.77 -8.12
CA MET C 165 7.67 24.09 -7.52
C MET C 165 8.86 24.55 -6.66
N GLY C 166 9.87 23.68 -6.52
CA GLY C 166 11.08 24.00 -5.77
C GLY C 166 12.04 24.89 -6.55
N SER C 167 13.17 25.23 -5.94
CA SER C 167 14.19 26.07 -6.58
C SER C 167 15.59 25.82 -6.03
N LYS C 168 15.77 26.05 -4.73
CA LYS C 168 17.07 25.98 -4.06
C LYS C 168 17.72 24.59 -4.05
N GLN C 169 16.90 23.55 -4.03
CA GLN C 169 17.41 22.19 -3.96
C GLN C 169 17.41 21.51 -5.33
N LEU C 170 18.52 20.85 -5.65
CA LEU C 170 18.62 20.03 -6.86
C LEU C 170 17.44 19.05 -6.95
N LEU C 171 16.61 19.20 -7.98
CA LEU C 171 15.52 18.28 -8.23
C LEU C 171 16.08 16.98 -8.79
N THR C 172 16.25 16.00 -7.90
CA THR C 172 16.82 14.70 -8.24
C THR C 172 16.05 14.07 -9.39
N TRP C 173 16.78 13.46 -10.30
CA TRP C 173 16.19 12.97 -11.54
C TRP C 173 15.28 11.79 -11.34
N HIS C 174 14.34 11.63 -12.27
CA HIS C 174 13.26 10.66 -12.13
C HIS C 174 12.55 10.41 -13.43
N THR C 175 11.93 9.23 -13.54
CA THR C 175 10.87 9.00 -14.51
C THR C 175 9.63 9.67 -13.92
N GLU C 176 8.88 10.39 -14.75
CA GLU C 176 7.63 11.01 -14.31
C GLU C 176 6.63 9.96 -13.81
N ASP C 177 6.14 10.17 -12.57
CA ASP C 177 5.24 9.26 -11.87
C ASP C 177 5.71 7.79 -11.91
N ALA C 178 7.00 7.59 -11.62
CA ALA C 178 7.68 6.30 -11.76
C ALA C 178 6.97 5.13 -11.08
N PHE C 179 6.36 5.40 -9.92
CA PHE C 179 5.65 4.38 -9.14
C PHE C 179 4.41 3.82 -9.86
N HIS C 180 3.80 4.64 -10.71
CA HIS C 180 2.46 4.40 -11.24
C HIS C 180 2.48 3.59 -12.51
N PRO C 181 1.59 2.57 -12.60
CA PRO C 181 1.54 1.73 -13.80
C PRO C 181 0.94 2.40 -15.03
N TYR C 182 0.33 3.57 -14.86
CA TYR C 182 -0.23 4.31 -16.01
C TYR C 182 0.40 5.70 -16.19
N ARG C 183 1.62 5.85 -15.68
CA ARG C 183 2.41 7.06 -15.87
C ARG C 183 2.57 7.41 -17.36
N SER C 184 2.87 8.68 -17.62
CA SER C 184 3.11 9.19 -18.98
C SER C 184 4.00 8.28 -19.81
N ASP C 185 3.68 8.15 -21.09
CA ASP C 185 4.62 7.64 -22.07
C ASP C 185 5.52 8.78 -22.53
N TYR C 186 4.94 9.97 -22.64
CA TYR C 186 5.69 11.17 -23.02
C TYR C 186 5.33 12.36 -22.14
N LEU C 187 6.27 13.28 -22.08
CA LEU C 187 6.15 14.48 -21.27
C LEU C 187 6.48 15.69 -22.14
N ILE C 188 5.64 16.71 -22.05
CA ILE C 188 5.84 17.93 -22.83
C ILE C 188 6.06 19.11 -21.90
N LEU C 189 7.26 19.69 -21.95
CA LEU C 189 7.59 20.88 -21.16
C LEU C 189 7.80 22.09 -22.07
N GLY C 190 6.89 23.04 -22.00
CA GLY C 190 7.01 24.29 -22.75
C GLY C 190 7.43 25.42 -21.84
N ALA C 191 8.52 26.11 -22.21
CA ALA C 191 9.07 27.19 -21.40
C ALA C 191 8.50 28.56 -21.78
N LEU C 192 7.62 29.09 -20.92
CA LEU C 192 7.04 30.41 -21.14
C LEU C 192 8.09 31.50 -20.91
N ARG C 193 8.91 31.32 -19.88
CA ARG C 193 10.06 32.19 -19.61
C ARG C 193 11.10 31.44 -18.78
N ASN C 194 12.36 31.81 -18.97
CA ASN C 194 13.47 31.23 -18.22
C ASN C 194 14.66 32.19 -18.32
N PRO C 195 14.50 33.40 -17.76
CA PRO C 195 15.43 34.53 -17.98
C PRO C 195 16.87 34.23 -17.57
N ASP C 196 17.03 33.34 -16.58
CA ASP C 196 18.35 33.00 -16.07
C ASP C 196 18.89 31.68 -16.64
N HIS C 197 18.14 31.10 -17.60
CA HIS C 197 18.58 29.90 -18.33
C HIS C 197 18.86 28.72 -17.43
N VAL C 198 17.92 28.46 -16.52
CA VAL C 198 18.02 27.31 -15.64
C VAL C 198 17.84 26.03 -16.46
N PRO C 199 18.81 25.11 -16.40
CA PRO C 199 18.78 23.91 -17.22
C PRO C 199 17.87 22.82 -16.66
N THR C 200 17.16 22.13 -17.56
CA THR C 200 16.50 20.88 -17.21
C THR C 200 17.53 19.78 -17.44
N THR C 201 17.65 18.86 -16.50
CA THR C 201 18.55 17.72 -16.69
C THR C 201 17.77 16.56 -17.27
N VAL C 202 18.35 15.89 -18.26
CA VAL C 202 17.77 14.66 -18.81
C VAL C 202 18.87 13.66 -19.14
N GLY C 203 18.58 12.38 -18.88
CA GLY C 203 19.55 11.31 -19.09
C GLY C 203 18.91 10.08 -19.67
N GLU C 204 19.67 9.41 -20.54
CA GLU C 204 19.20 8.18 -21.17
C GLU C 204 19.86 6.96 -20.51
N LEU C 205 19.63 5.80 -21.10
CA LEU C 205 20.21 4.55 -20.63
C LEU C 205 21.31 4.13 -21.60
N ASP C 206 22.54 4.14 -21.13
CA ASP C 206 23.67 3.65 -21.91
C ASP C 206 24.10 2.30 -21.35
N LEU C 207 24.38 1.35 -22.24
CA LEU C 207 24.64 -0.03 -21.85
C LEU C 207 26.12 -0.42 -21.98
N SER C 208 26.98 0.58 -22.18
CA SER C 208 28.39 0.33 -22.46
C SER C 208 29.20 -0.19 -21.27
N SER C 209 28.57 -0.31 -20.10
CA SER C 209 29.21 -0.90 -18.93
C SER C 209 28.31 -1.90 -18.19
N LEU C 210 27.15 -2.19 -18.78
CA LEU C 210 26.19 -3.11 -18.17
C LEU C 210 26.12 -4.43 -18.92
N SER C 211 26.13 -5.52 -18.16
CA SER C 211 26.11 -6.86 -18.73
C SER C 211 24.67 -7.34 -18.93
N ALA C 212 24.52 -8.42 -19.71
CA ALA C 212 23.22 -9.07 -19.89
C ALA C 212 22.71 -9.64 -18.58
N GLU C 213 23.64 -10.02 -17.70
CA GLU C 213 23.33 -10.49 -16.36
C GLU C 213 22.76 -9.37 -15.49
N ASP C 214 23.36 -8.18 -15.58
CA ASP C 214 22.88 -7.00 -14.86
C ASP C 214 21.46 -6.66 -15.28
N ILE C 215 21.21 -6.67 -16.59
CA ILE C 215 19.93 -6.29 -17.16
C ILE C 215 18.83 -7.30 -16.80
N ASP C 216 19.14 -8.61 -16.88
CA ASP C 216 18.21 -9.66 -16.47
C ASP C 216 17.69 -9.42 -15.05
N VAL C 217 18.59 -9.13 -14.13
CA VAL C 217 18.24 -8.87 -12.72
C VAL C 217 17.34 -7.64 -12.57
N LEU C 218 17.60 -6.59 -13.36
CA LEU C 218 16.77 -5.37 -13.29
C LEU C 218 15.39 -5.52 -13.96
N PHE C 219 15.24 -6.56 -14.78
CA PHE C 219 13.96 -6.88 -15.43
C PHE C 219 12.99 -7.61 -14.50
N GLU C 220 13.43 -7.92 -13.29
CA GLU C 220 12.62 -8.67 -12.33
C GLU C 220 12.01 -7.78 -11.24
N PRO C 221 10.80 -8.14 -10.75
CA PRO C 221 10.09 -7.39 -9.70
C PRO C 221 10.78 -7.47 -8.33
N ARG C 222 11.89 -6.76 -8.20
CA ARG C 222 12.73 -6.88 -7.01
C ARG C 222 13.04 -5.53 -6.34
N TYR C 223 12.31 -4.49 -6.74
CA TYR C 223 12.62 -3.12 -6.32
C TYR C 223 11.37 -2.36 -5.91
N HIS C 224 11.53 -1.47 -4.93
CA HIS C 224 10.42 -0.67 -4.42
C HIS C 224 10.53 0.78 -4.82
N ILE C 225 9.53 1.26 -5.55
CA ILE C 225 9.42 2.70 -5.85
C ILE C 225 8.14 3.26 -5.24
N ALA C 226 8.30 4.21 -4.33
CA ALA C 226 7.19 4.88 -3.66
C ALA C 226 6.72 6.13 -4.44
N PRO C 227 5.49 6.61 -4.16
CA PRO C 227 4.98 7.83 -4.82
C PRO C 227 5.47 9.13 -4.19
N ASP C 228 5.69 10.14 -5.04
CA ASP C 228 6.21 11.44 -4.62
C ASP C 228 5.16 12.36 -3.97
N GLU C 229 5.61 13.52 -3.52
CA GLU C 229 4.81 14.41 -2.67
C GLU C 229 3.78 15.29 -3.40
N SER C 230 3.89 15.40 -4.73
CA SER C 230 2.91 16.14 -5.52
C SER C 230 1.55 15.44 -5.54
N HIS C 231 1.54 14.17 -5.12
CA HIS C 231 0.31 13.39 -5.01
C HIS C 231 -0.30 13.40 -3.63
N LEU C 232 0.37 14.02 -2.67
CA LEU C 232 -0.16 14.13 -1.32
C LEU C 232 -1.34 15.10 -1.26
N PRO C 233 -2.38 14.77 -0.47
CA PRO C 233 -3.52 15.65 -0.18
C PRO C 233 -3.09 17.04 0.28
N LYS C 234 -1.98 17.10 1.01
CA LYS C 234 -1.34 18.33 1.47
C LYS C 234 -1.18 19.38 0.35
N ASN C 235 -0.77 18.91 -0.83
CA ASN C 235 -0.44 19.79 -1.95
C ASN C 235 -1.53 19.86 -3.04
N ASN C 236 -2.78 19.61 -2.63
CA ASN C 236 -3.96 19.72 -3.47
C ASN C 236 -5.08 20.39 -2.67
N THR C 237 -6.06 20.97 -3.37
CA THR C 237 -7.22 21.57 -2.70
C THR C 237 -7.92 20.51 -1.84
N ILE C 238 -8.29 20.92 -0.63
CA ILE C 238 -8.71 20.02 0.46
C ILE C 238 -9.16 18.62 0.02
N ALA C 239 -8.43 17.62 0.51
CA ALA C 239 -8.64 16.22 0.14
C ALA C 239 -10.04 15.69 0.41
N THR C 240 -10.64 16.12 1.54
CA THR C 240 -12.01 15.75 1.88
C THR C 240 -12.96 16.13 0.76
N GLU C 241 -12.82 17.36 0.24
CA GLU C 241 -13.62 17.86 -0.87
C GLU C 241 -15.08 17.45 -0.62
N GLU C 242 -15.65 16.69 -1.56
CA GLU C 242 -16.85 15.91 -1.30
C GLU C 242 -16.52 14.44 -1.60
N GLU C 243 -15.26 14.19 -1.94
CA GLU C 243 -14.80 12.89 -2.41
C GLU C 243 -13.77 12.25 -1.48
N ALA C 244 -14.17 11.15 -0.85
CA ALA C 244 -13.34 10.43 0.10
C ALA C 244 -12.33 9.49 -0.59
N ALA C 245 -12.63 9.12 -1.84
CA ALA C 245 -11.84 8.14 -2.56
C ALA C 245 -10.88 8.76 -3.59
N ARG C 246 -10.70 10.08 -3.54
CA ARG C 246 -9.83 10.80 -4.49
C ARG C 246 -8.38 10.29 -4.45
N PHE C 247 -7.85 10.17 -3.24
CA PHE C 247 -6.47 9.72 -3.04
C PHE C 247 -6.39 8.24 -2.65
N ALA C 248 -7.48 7.49 -2.90
CA ALA C 248 -7.57 6.07 -2.56
C ALA C 248 -6.68 5.16 -3.40
N THR C 249 -6.57 5.48 -4.69
CA THR C 249 -5.75 4.70 -5.63
C THR C 249 -4.27 4.74 -5.26
N ILE C 250 -3.82 5.87 -4.74
CA ILE C 250 -2.42 6.05 -4.33
C ILE C 250 -2.16 5.53 -2.92
N GLN C 251 -3.13 5.71 -2.02
CA GLN C 251 -3.06 5.12 -0.67
C GLN C 251 -2.92 3.59 -0.71
N ARG C 252 -3.71 2.94 -1.56
CA ARG C 252 -3.59 1.51 -1.79
C ARG C 252 -2.16 1.15 -2.16
N MET C 253 -1.57 1.95 -3.06
CA MET C 253 -0.20 1.75 -3.52
C MET C 253 0.82 1.94 -2.41
N ILE C 254 0.59 2.95 -1.56
CA ILE C 254 1.42 3.22 -0.39
C ILE C 254 1.37 2.04 0.59
N ASP C 255 0.18 1.47 0.77
CA ASP C 255 -0.05 0.40 1.74
C ASP C 255 0.50 -0.98 1.33
N GLU C 256 0.22 -1.41 0.10
CA GLU C 256 0.63 -2.76 -0.33
C GLU C 256 2.10 -2.89 -0.75
N ARG C 257 2.71 -1.78 -1.17
CA ARG C 257 4.16 -1.68 -1.42
C ARG C 257 4.80 -2.66 -2.44
N PRO C 258 4.06 -3.10 -3.47
CA PRO C 258 4.55 -4.24 -4.26
C PRO C 258 5.87 -3.99 -4.99
N LEU C 259 6.67 -5.05 -5.16
CA LEU C 259 7.95 -4.94 -5.85
C LEU C 259 7.77 -5.00 -7.36
N GLY C 260 8.45 -4.11 -8.07
CA GLY C 260 8.37 -4.03 -9.52
C GLY C 260 9.74 -3.98 -10.19
N PRO C 261 9.79 -4.18 -11.51
CA PRO C 261 11.08 -4.08 -12.20
C PRO C 261 11.46 -2.61 -12.44
N LEU C 262 12.70 -2.41 -12.86
CA LEU C 262 13.20 -1.07 -13.19
C LEU C 262 13.46 -0.94 -14.69
N LEU C 263 13.66 -2.08 -15.35
CA LEU C 263 13.76 -2.14 -16.79
C LEU C 263 12.68 -3.07 -17.35
N TYR C 264 12.24 -2.80 -18.57
CA TYR C 264 11.19 -3.55 -19.23
C TYR C 264 11.25 -3.41 -20.75
N GLY C 265 10.52 -4.25 -21.46
CA GLY C 265 10.55 -4.25 -22.93
C GLY C 265 11.58 -5.22 -23.47
N SER C 266 12.42 -4.74 -24.39
CA SER C 266 13.46 -5.56 -24.99
C SER C 266 14.74 -5.49 -24.18
N ARG C 267 15.27 -6.65 -23.81
CA ARG C 267 16.52 -6.73 -23.04
C ARG C 267 17.71 -6.17 -23.80
N LEU C 268 17.58 -6.12 -25.12
CA LEU C 268 18.61 -5.56 -25.98
C LEU C 268 18.63 -4.04 -25.97
N ASP C 269 17.49 -3.44 -25.65
CA ASP C 269 17.33 -1.98 -25.67
C ASP C 269 16.18 -1.56 -24.73
N PRO C 270 16.42 -1.66 -23.41
CA PRO C 270 15.35 -1.59 -22.42
C PRO C 270 14.75 -0.20 -22.22
N TYR C 271 13.48 -0.18 -21.84
CA TYR C 271 12.83 1.01 -21.29
C TYR C 271 13.11 1.05 -19.80
N MET C 272 13.07 2.22 -19.20
CA MET C 272 13.33 2.34 -17.75
C MET C 272 12.25 3.09 -16.96
N ARG C 273 12.10 2.71 -15.69
CA ARG C 273 11.36 3.51 -14.71
C ARG C 273 12.19 3.62 -13.43
N LEU C 274 12.60 4.86 -13.11
CA LEU C 274 13.57 5.13 -12.06
C LEU C 274 13.14 6.36 -11.26
N ASP C 275 13.20 6.24 -9.93
CA ASP C 275 13.00 7.40 -9.06
C ASP C 275 13.78 7.21 -7.77
N PRO C 276 15.12 7.39 -7.84
CA PRO C 276 16.02 7.04 -6.75
C PRO C 276 15.63 7.58 -5.37
N TYR C 277 15.13 8.82 -5.32
CA TYR C 277 14.74 9.45 -4.06
C TYR C 277 13.62 8.67 -3.35
N PHE C 278 12.81 7.95 -4.12
CA PHE C 278 11.71 7.19 -3.56
C PHE C 278 11.87 5.69 -3.77
N THR C 279 13.12 5.24 -3.85
CA THR C 279 13.45 3.84 -4.08
C THR C 279 14.22 3.21 -2.92
N SER C 280 13.81 2.00 -2.55
CA SER C 280 14.59 1.13 -1.68
C SER C 280 14.62 -0.28 -2.27
N VAL C 281 15.63 -1.06 -1.88
CA VAL C 281 15.78 -2.46 -2.28
C VAL C 281 15.95 -3.31 -1.02
N PRO C 282 15.21 -4.44 -0.91
CA PRO C 282 15.35 -5.34 0.24
C PRO C 282 16.79 -5.79 0.47
N GLN C 283 17.23 -5.71 1.74
CA GLN C 283 18.62 -5.95 2.13
C GLN C 283 19.16 -7.32 1.69
N ASP C 284 18.32 -8.35 1.83
CA ASP C 284 18.71 -9.73 1.48
C ASP C 284 19.08 -9.89 0.01
N ASP C 285 18.38 -9.17 -0.86
CA ASP C 285 18.58 -9.29 -2.31
C ASP C 285 19.87 -8.58 -2.76
N THR C 286 21.00 -9.27 -2.55
CA THR C 286 22.33 -8.76 -2.90
C THR C 286 22.49 -8.48 -4.40
N ASP C 287 21.97 -9.39 -5.23
CA ASP C 287 22.05 -9.23 -6.68
C ASP C 287 21.25 -8.03 -7.18
N ALA C 288 20.11 -7.76 -6.54
CA ALA C 288 19.27 -6.60 -6.88
C ALA C 288 19.90 -5.27 -6.47
N ARG C 289 20.49 -5.21 -5.28
CA ARG C 289 21.11 -3.99 -4.78
C ARG C 289 22.34 -3.60 -5.60
N ARG C 290 23.16 -4.59 -5.95
CA ARG C 290 24.36 -4.36 -6.76
C ARG C 290 23.97 -3.91 -8.17
N ALA C 291 22.95 -4.56 -8.75
CA ALA C 291 22.42 -4.18 -10.06
C ALA C 291 21.88 -2.75 -10.06
N TYR C 292 21.06 -2.42 -9.05
CA TYR C 292 20.45 -1.09 -8.99
C TYR C 292 21.51 0.00 -8.81
N ASP C 293 22.49 -0.26 -7.94
CA ASP C 293 23.60 0.66 -7.70
C ASP C 293 24.33 0.97 -8.99
N ALA C 294 24.62 -0.07 -9.76
CA ALA C 294 25.27 0.07 -11.05
C ALA C 294 24.41 0.94 -11.96
N LEU C 295 23.12 0.62 -12.03
CA LEU C 295 22.17 1.34 -12.87
C LEU C 295 22.08 2.82 -12.52
N PHE C 296 21.95 3.13 -11.23
CA PHE C 296 21.93 4.51 -10.79
C PHE C 296 23.20 5.24 -11.24
N LYS C 297 24.35 4.61 -10.99
CA LYS C 297 25.65 5.18 -11.34
C LYS C 297 25.78 5.49 -12.83
N VAL C 298 25.33 4.56 -13.68
CA VAL C 298 25.38 4.72 -15.12
C VAL C 298 24.55 5.93 -15.55
N VAL C 299 23.30 5.98 -15.10
CA VAL C 299 22.36 7.03 -15.49
C VAL C 299 22.78 8.40 -14.95
N ASP C 300 23.30 8.41 -13.72
CA ASP C 300 23.75 9.67 -13.11
C ASP C 300 24.92 10.30 -13.88
N SER C 301 25.90 9.48 -14.27
CA SER C 301 27.07 9.99 -15.01
C SER C 301 26.72 10.37 -16.45
N GLY C 302 25.56 9.93 -16.92
CA GLY C 302 25.12 10.24 -18.28
C GLY C 302 24.18 11.42 -18.39
N MET C 303 23.78 11.99 -17.25
CA MET C 303 22.88 13.16 -17.23
C MET C 303 23.46 14.32 -18.05
N ARG C 304 22.59 14.92 -18.86
CA ARG C 304 22.93 16.09 -19.67
C ARG C 304 22.15 17.30 -19.16
N GLU C 305 22.65 18.48 -19.49
CA GLU C 305 21.92 19.71 -19.24
C GLU C 305 21.27 20.17 -20.54
N VAL C 306 19.97 20.40 -20.47
CA VAL C 306 19.19 20.85 -21.62
C VAL C 306 18.41 22.08 -21.16
N VAL C 307 18.77 23.24 -21.73
CA VAL C 307 18.10 24.48 -21.35
C VAL C 307 16.83 24.63 -22.17
N ALA C 308 15.70 24.73 -21.48
CA ALA C 308 14.44 25.09 -22.12
C ALA C 308 14.30 26.59 -21.99
N ASP C 309 14.66 27.30 -23.04
CA ASP C 309 14.56 28.75 -23.07
C ASP C 309 13.19 29.20 -23.55
N GLN C 310 12.87 30.48 -23.31
CA GLN C 310 11.61 31.05 -23.76
C GLN C 310 11.35 30.65 -25.21
N GLY C 311 10.16 30.12 -25.47
CA GLY C 311 9.78 29.71 -26.82
C GLY C 311 10.15 28.28 -27.17
N ASP C 312 10.82 27.58 -26.26
CA ASP C 312 11.24 26.20 -26.48
C ASP C 312 10.21 25.23 -25.92
N VAL C 313 9.93 24.19 -26.69
CA VAL C 313 9.10 23.09 -26.20
C VAL C 313 9.97 21.84 -26.14
N LEU C 314 10.09 21.30 -24.93
CA LEU C 314 10.89 20.10 -24.69
C LEU C 314 10.01 18.85 -24.60
N PHE C 315 10.30 17.87 -25.45
CA PHE C 315 9.57 16.62 -25.49
C PHE C 315 10.44 15.53 -24.88
N ILE C 316 9.94 14.90 -23.82
CA ILE C 316 10.68 13.84 -23.14
C ILE C 316 9.97 12.51 -23.30
N ASP C 317 10.71 11.51 -23.78
CA ASP C 317 10.21 10.14 -23.80
C ASP C 317 10.36 9.59 -22.39
N ASN C 318 9.22 9.37 -21.74
CA ASN C 318 9.21 8.95 -20.34
C ASN C 318 9.64 7.50 -20.13
N HIS C 319 9.76 6.73 -21.21
CA HIS C 319 10.29 5.37 -21.16
C HIS C 319 11.77 5.31 -21.37
N ARG C 320 12.32 6.35 -21.97
CA ARG C 320 13.71 6.32 -22.41
C ARG C 320 14.61 7.36 -21.76
N ALA C 321 14.02 8.26 -20.98
CA ALA C 321 14.79 9.28 -20.30
C ALA C 321 14.27 9.52 -18.91
N VAL C 322 15.18 9.95 -18.02
CA VAL C 322 14.81 10.51 -16.73
C VAL C 322 15.05 12.02 -16.83
N HIS C 323 14.43 12.79 -15.96
CA HIS C 323 14.61 14.23 -15.98
C HIS C 323 14.65 14.80 -14.60
N GLY C 324 15.32 15.94 -14.47
CA GLY C 324 15.35 16.70 -13.23
C GLY C 324 15.59 18.16 -13.53
N ARG C 325 15.91 18.94 -12.50
CA ARG C 325 16.17 20.37 -12.66
C ARG C 325 17.19 20.85 -11.64
N LEU C 326 18.18 21.59 -12.11
CA LEU C 326 19.26 22.10 -11.25
C LEU C 326 18.77 23.15 -10.24
N PRO C 327 19.53 23.35 -9.13
CA PRO C 327 19.21 24.39 -8.13
C PRO C 327 19.25 25.79 -8.74
N PHE C 328 18.33 26.64 -8.32
CA PHE C 328 18.37 28.05 -8.72
C PHE C 328 17.81 29.00 -7.68
N GLN C 329 18.22 30.27 -7.76
CA GLN C 329 17.73 31.30 -6.87
C GLN C 329 16.57 32.02 -7.53
N ALA C 330 15.39 31.94 -6.90
CA ALA C 330 14.17 32.55 -7.42
C ALA C 330 13.98 33.97 -6.89
N ARG C 331 13.39 34.83 -7.70
CA ARG C 331 13.14 36.22 -7.30
C ARG C 331 11.81 36.39 -6.57
N TYR C 332 10.83 35.55 -6.90
CA TYR C 332 9.46 35.61 -6.34
C TYR C 332 8.74 36.95 -6.59
N ASP C 333 9.13 37.64 -7.66
CA ASP C 333 8.62 38.99 -7.96
C ASP C 333 7.74 39.05 -9.22
N GLY C 334 7.46 37.89 -9.80
CA GLY C 334 6.62 37.79 -10.99
C GLY C 334 7.39 37.66 -12.30
N THR C 335 8.72 37.53 -12.20
CA THR C 335 9.57 37.44 -13.38
C THR C 335 10.27 36.08 -13.47
N ASP C 336 9.92 35.17 -12.56
CA ASP C 336 10.59 33.88 -12.45
C ASP C 336 10.26 32.90 -13.58
N ARG C 337 11.20 31.98 -13.81
CA ARG C 337 11.04 30.82 -14.67
C ARG C 337 9.62 30.25 -14.58
N TRP C 338 9.03 30.00 -15.74
CA TRP C 338 7.67 29.47 -15.80
C TRP C 338 7.53 28.52 -16.96
N LEU C 339 7.43 27.23 -16.63
CA LEU C 339 7.16 26.21 -17.65
C LEU C 339 5.75 25.64 -17.49
N LYS C 340 5.21 25.10 -18.59
CA LYS C 340 3.96 24.33 -18.55
C LYS C 340 4.26 22.88 -18.88
N ARG C 341 3.50 21.96 -18.29
CA ARG C 341 3.70 20.53 -18.52
C ARG C 341 2.39 19.80 -18.82
N VAL C 342 2.43 18.99 -19.87
CA VAL C 342 1.33 18.10 -20.23
C VAL C 342 1.79 16.64 -20.26
N CYS C 343 1.04 15.78 -19.56
CA CYS C 343 1.28 14.33 -19.56
C CYS C 343 0.59 13.64 -20.74
N VAL C 344 1.31 12.75 -21.42
CA VAL C 344 0.81 12.10 -22.63
C VAL C 344 0.80 10.58 -22.52
N THR C 345 -0.35 9.97 -22.79
CA THR C 345 -0.45 8.50 -22.82
C THR C 345 -0.66 7.96 -24.24
N SER C 346 0.01 6.86 -24.56
CA SER C 346 -0.15 6.19 -25.84
C SER C 346 -1.45 5.41 -25.88
N ASP C 347 -2.02 5.12 -24.71
CA ASP C 347 -3.19 4.26 -24.60
C ASP C 347 -4.01 4.63 -23.37
N LEU C 348 -4.99 5.50 -23.58
CA LEU C 348 -5.89 6.00 -22.53
C LEU C 348 -6.80 4.92 -21.97
N ARG C 349 -7.13 3.93 -22.80
CA ARG C 349 -8.00 2.83 -22.39
C ARG C 349 -7.35 1.84 -21.42
N ARG C 350 -6.03 1.78 -21.41
CA ARG C 350 -5.29 0.89 -20.52
C ARG C 350 -5.45 1.27 -19.04
N SER C 351 -5.74 2.55 -18.79
CA SER C 351 -5.93 3.03 -17.42
C SER C 351 -7.40 3.03 -16.97
N ARG C 352 -8.29 2.47 -17.78
CA ARG C 352 -9.74 2.53 -17.53
C ARG C 352 -10.17 2.13 -16.11
N GLU C 353 -9.50 1.12 -15.56
CA GLU C 353 -9.77 0.66 -14.21
C GLU C 353 -9.53 1.71 -13.10
N MET C 354 -8.71 2.72 -13.40
CA MET C 354 -8.42 3.79 -12.43
C MET C 354 -9.02 5.13 -12.81
N ARG C 355 -9.96 5.11 -13.76
CA ARG C 355 -10.68 6.31 -14.15
C ARG C 355 -12.16 6.12 -13.86
N ALA C 356 -12.79 7.15 -13.29
CA ALA C 356 -14.17 7.08 -12.83
C ALA C 356 -15.14 6.64 -13.93
N THR C 357 -15.12 7.37 -15.04
CA THR C 357 -15.94 7.08 -16.22
C THR C 357 -15.03 6.79 -17.41
N SER C 358 -15.62 6.37 -18.53
CA SER C 358 -14.85 6.14 -19.75
C SER C 358 -14.39 7.46 -20.38
N ALA C 359 -15.18 8.51 -20.19
CA ALA C 359 -14.90 9.81 -20.78
C ALA C 359 -13.78 10.60 -20.08
N THR C 360 -13.59 10.38 -18.78
CA THR C 360 -12.65 11.20 -18.00
C THR C 360 -11.17 10.89 -18.31
N ARG C 361 -10.38 11.94 -18.39
CA ARG C 361 -8.94 11.83 -18.64
C ARG C 361 -8.12 11.96 -17.36
N LEU C 362 -8.80 11.94 -16.22
CA LEU C 362 -8.13 12.13 -14.93
C LEU C 362 -8.03 10.83 -14.16
N LEU C 363 -6.82 10.44 -13.79
CA LEU C 363 -6.56 9.22 -13.07
C LEU C 363 -6.75 9.41 -11.57
N GLY C 364 -7.42 8.46 -10.93
CA GLY C 364 -7.68 8.52 -9.49
C GLY C 364 -9.02 7.91 -9.11
N THR D 29 -27.05 1.15 -32.89
CA THR D 29 -25.61 1.41 -33.20
C THR D 29 -25.46 2.54 -34.23
N PRO D 30 -24.76 3.62 -33.86
CA PRO D 30 -24.46 4.72 -34.77
C PRO D 30 -23.72 4.26 -36.02
N SER D 31 -24.07 4.85 -37.16
CA SER D 31 -23.34 4.64 -38.41
C SER D 31 -23.33 5.93 -39.22
N TYR D 32 -22.31 6.08 -40.06
CA TYR D 32 -22.13 7.29 -40.85
C TYR D 32 -22.27 6.97 -42.32
N SER D 33 -23.07 7.77 -43.02
CA SER D 33 -23.26 7.58 -44.47
C SER D 33 -22.67 8.76 -45.23
N LEU D 34 -21.76 8.45 -46.15
CA LEU D 34 -21.10 9.45 -46.96
C LEU D 34 -22.03 10.02 -48.04
N THR D 35 -22.01 11.33 -48.18
CA THR D 35 -22.67 11.99 -49.31
C THR D 35 -21.88 11.67 -50.57
N PRO D 36 -22.53 11.77 -51.76
CA PRO D 36 -21.79 11.56 -53.00
C PRO D 36 -20.54 12.43 -53.11
N ALA D 37 -20.58 13.65 -52.58
CA ALA D 37 -19.41 14.52 -52.55
C ALA D 37 -18.31 13.94 -51.66
N GLU D 38 -18.66 13.58 -50.42
CA GLU D 38 -17.72 12.96 -49.46
C GLU D 38 -17.05 11.73 -50.05
N ALA D 39 -17.86 10.84 -50.62
CA ALA D 39 -17.37 9.63 -51.28
C ALA D 39 -16.41 9.97 -52.42
N SER D 40 -16.73 11.03 -53.15
CA SER D 40 -15.93 11.46 -54.30
C SER D 40 -14.55 11.93 -53.86
N ALA D 41 -14.52 12.71 -52.77
CA ALA D 41 -13.26 13.22 -52.22
C ALA D 41 -12.36 12.10 -51.69
N VAL D 42 -12.98 11.13 -51.01
CA VAL D 42 -12.24 9.98 -50.46
C VAL D 42 -11.59 9.17 -51.56
N ALA D 43 -12.37 8.85 -52.60
CA ALA D 43 -11.86 8.06 -53.72
C ALA D 43 -10.63 8.72 -54.36
N GLU D 44 -10.71 10.03 -54.63
CA GLU D 44 -9.62 10.71 -55.32
C GLU D 44 -8.39 11.00 -54.46
N LEU D 45 -8.60 11.20 -53.15
CA LEU D 45 -7.50 11.33 -52.21
C LEU D 45 -6.76 10.00 -52.14
N THR D 46 -7.54 8.92 -52.21
CA THR D 46 -7.03 7.58 -52.11
C THR D 46 -6.24 7.20 -53.38
N LEU D 47 -6.65 7.77 -54.52
CA LEU D 47 -5.96 7.54 -55.80
C LEU D 47 -4.65 8.31 -55.89
N GLU D 48 -4.69 9.59 -55.49
CA GLU D 48 -3.47 10.41 -55.41
C GLU D 48 -2.40 9.72 -54.58
N LEU D 49 -2.81 9.21 -53.41
CA LEU D 49 -1.90 8.54 -52.49
C LEU D 49 -1.31 7.24 -53.02
N ALA D 50 -2.11 6.48 -53.78
CA ALA D 50 -1.62 5.25 -54.42
C ALA D 50 -0.57 5.54 -55.50
N ALA D 51 -0.67 6.70 -56.12
CA ALA D 51 0.26 7.10 -57.16
C ALA D 51 1.60 7.54 -56.55
N ALA D 52 1.53 8.35 -55.50
CA ALA D 52 2.71 9.01 -54.95
C ALA D 52 3.59 8.10 -54.08
N TYR D 53 2.99 7.06 -53.49
CA TYR D 53 3.71 6.10 -52.67
C TYR D 53 3.74 4.70 -53.29
N GLY D 54 4.87 4.00 -53.16
CA GLY D 54 5.08 2.70 -53.82
C GLY D 54 4.34 1.53 -53.20
N SER D 55 4.50 1.36 -51.89
CA SER D 55 3.84 0.30 -51.11
C SER D 55 3.85 0.67 -49.63
N PHE D 56 3.48 -0.28 -48.77
CA PHE D 56 3.64 -0.11 -47.32
C PHE D 56 5.08 -0.34 -46.90
N GLY D 57 5.88 -0.86 -47.82
CA GLY D 57 7.32 -1.00 -47.62
C GLY D 57 8.01 0.36 -47.58
N ASP D 58 7.30 1.40 -48.03
CA ASP D 58 7.79 2.77 -47.96
C ASP D 58 7.57 3.32 -46.55
N PRO D 59 8.68 3.53 -45.81
CA PRO D 59 8.63 4.04 -44.44
C PRO D 59 8.03 5.44 -44.33
N VAL D 60 8.11 6.21 -45.41
CA VAL D 60 7.56 7.57 -45.43
C VAL D 60 6.04 7.55 -45.42
N LEU D 61 5.45 6.59 -46.14
CA LEU D 61 4.00 6.40 -46.13
C LEU D 61 3.52 6.11 -44.70
N LEU D 62 4.17 5.16 -44.03
CA LEU D 62 3.89 4.85 -42.64
C LEU D 62 4.07 6.05 -41.72
N ARG D 63 5.08 6.88 -42.01
CA ARG D 63 5.29 8.13 -41.29
C ARG D 63 4.12 9.11 -41.51
N ASP D 64 3.75 9.34 -42.77
CA ASP D 64 2.79 10.38 -43.15
C ASP D 64 1.33 10.09 -42.78
N LEU D 65 1.02 8.80 -42.59
CA LEU D 65 -0.33 8.31 -42.27
C LEU D 65 -1.28 9.24 -41.49
N PRO D 66 -0.92 9.66 -40.25
CA PRO D 66 -1.86 10.50 -39.47
C PRO D 66 -2.16 11.86 -40.11
N ARG D 67 -1.14 12.48 -40.73
CA ARG D 67 -1.30 13.76 -41.39
C ARG D 67 -2.15 13.63 -42.65
N LEU D 68 -1.87 12.57 -43.42
CA LEU D 68 -2.68 12.22 -44.59
C LEU D 68 -4.15 12.03 -44.20
N ALA D 69 -4.37 11.36 -43.06
CA ALA D 69 -5.71 11.06 -42.58
C ALA D 69 -6.52 12.33 -42.31
N ALA D 70 -5.82 13.41 -41.98
CA ALA D 70 -6.45 14.70 -41.73
C ALA D 70 -6.92 15.38 -43.02
N ARG D 71 -6.62 14.78 -44.17
CA ARG D 71 -7.16 15.26 -45.44
C ARG D 71 -8.50 14.60 -45.78
N LEU D 72 -8.88 13.58 -45.02
CA LEU D 72 -10.20 12.95 -45.12
C LEU D 72 -11.28 13.97 -44.72
N PRO D 73 -12.53 13.77 -45.17
CA PRO D 73 -13.56 14.75 -44.84
C PRO D 73 -13.73 14.97 -43.33
N GLU D 74 -13.92 16.22 -42.92
CA GLU D 74 -14.02 16.60 -41.50
C GLU D 74 -15.04 15.78 -40.72
N GLY D 75 -16.17 15.47 -41.36
CA GLY D 75 -17.25 14.72 -40.72
C GLY D 75 -16.89 13.27 -40.44
N VAL D 76 -16.08 12.70 -41.31
CA VAL D 76 -15.53 11.36 -41.12
C VAL D 76 -14.62 11.34 -39.90
N GLN D 77 -13.70 12.29 -39.83
CA GLN D 77 -12.74 12.39 -38.74
C GLN D 77 -13.43 12.55 -37.39
N ASP D 78 -14.40 13.46 -37.34
CA ASP D 78 -15.17 13.70 -36.11
C ASP D 78 -15.91 12.45 -35.68
N PHE D 79 -16.50 11.74 -36.65
CA PHE D 79 -17.30 10.56 -36.35
C PHE D 79 -16.44 9.48 -35.68
N LEU D 80 -15.34 9.10 -36.32
CA LEU D 80 -14.42 8.10 -35.79
C LEU D 80 -13.85 8.46 -34.42
N ARG D 81 -13.39 9.71 -34.29
CA ARG D 81 -12.90 10.21 -33.01
C ARG D 81 -13.95 10.10 -31.91
N GLU D 82 -15.21 10.36 -32.26
CA GLU D 82 -16.33 10.19 -31.33
C GLU D 82 -16.54 8.73 -30.91
N PHE D 83 -16.42 7.81 -31.86
CA PHE D 83 -16.48 6.36 -31.58
C PHE D 83 -15.31 5.92 -30.70
N LYS D 84 -14.14 6.49 -30.94
CA LYS D 84 -12.94 6.17 -30.16
C LYS D 84 -13.04 6.68 -28.71
N LEU D 85 -13.27 7.98 -28.56
CA LEU D 85 -13.29 8.59 -27.23
C LEU D 85 -14.48 8.12 -26.37
N ALA D 86 -15.60 7.80 -27.01
CA ALA D 86 -16.80 7.37 -26.30
C ALA D 86 -16.60 6.03 -25.60
N ASP D 87 -15.90 5.12 -26.27
CA ASP D 87 -15.56 3.82 -25.69
C ASP D 87 -16.83 3.18 -25.12
N ARG D 88 -17.85 3.10 -25.97
CA ARG D 88 -19.17 2.64 -25.58
C ARG D 88 -19.62 1.48 -26.47
N HIS D 89 -19.51 1.65 -27.78
CA HIS D 89 -20.06 0.70 -28.73
C HIS D 89 -19.03 -0.27 -29.25
N GLY D 90 -19.47 -1.49 -29.53
CA GLY D 90 -18.59 -2.56 -30.01
C GLY D 90 -18.15 -2.39 -31.45
N HIS D 91 -18.89 -1.58 -32.20
CA HIS D 91 -18.61 -1.33 -33.62
C HIS D 91 -19.32 -0.10 -34.13
N THR D 92 -18.85 0.41 -35.27
CA THR D 92 -19.56 1.39 -36.09
C THR D 92 -19.23 1.11 -37.56
N VAL D 93 -19.99 1.72 -38.46
CA VAL D 93 -19.83 1.52 -39.90
C VAL D 93 -19.82 2.88 -40.59
N ILE D 94 -18.97 3.00 -41.63
CA ILE D 94 -19.03 4.13 -42.55
C ILE D 94 -19.43 3.59 -43.91
N ARG D 95 -20.62 3.98 -44.36
CA ARG D 95 -21.20 3.43 -45.59
C ARG D 95 -21.02 4.34 -46.78
N GLY D 96 -21.05 3.75 -47.98
CA GLY D 96 -21.14 4.52 -49.22
C GLY D 96 -19.83 5.00 -49.82
N HIS D 97 -18.76 4.23 -49.64
CA HIS D 97 -17.50 4.50 -50.33
C HIS D 97 -17.64 4.12 -51.77
N ASP D 98 -16.88 4.81 -52.62
CA ASP D 98 -16.79 4.51 -54.03
C ASP D 98 -15.63 3.54 -54.26
N PHE D 99 -15.95 2.25 -54.40
CA PHE D 99 -14.95 1.22 -54.70
C PHE D 99 -15.01 0.81 -56.17
N ASP D 100 -14.25 1.49 -57.02
CA ASP D 100 -14.23 1.20 -58.47
C ASP D 100 -14.02 -0.30 -58.71
N GLN D 101 -15.08 -0.96 -59.18
CA GLN D 101 -15.10 -2.42 -59.29
C GLN D 101 -14.26 -2.96 -60.45
N ARG D 102 -14.24 -2.21 -61.56
CA ARG D 102 -13.42 -2.58 -62.70
C ARG D 102 -11.93 -2.52 -62.35
N ARG D 103 -11.55 -1.44 -61.66
CA ARG D 103 -10.16 -1.25 -61.23
C ARG D 103 -9.71 -2.34 -60.27
N ILE D 104 -10.53 -2.63 -59.25
CA ILE D 104 -10.23 -3.63 -58.22
C ILE D 104 -9.94 -5.01 -58.82
N GLY D 105 -10.73 -5.41 -59.82
CA GLY D 105 -10.54 -6.67 -60.51
C GLY D 105 -11.14 -7.85 -59.79
N PRO D 106 -10.91 -9.08 -60.31
CA PRO D 106 -11.53 -10.27 -59.74
C PRO D 106 -10.95 -10.65 -58.39
N THR D 107 -11.81 -11.21 -57.54
CA THR D 107 -11.39 -11.76 -56.25
C THR D 107 -10.36 -12.86 -56.51
N PRO D 108 -9.15 -12.73 -55.93
CA PRO D 108 -8.05 -13.66 -56.18
C PRO D 108 -8.33 -15.08 -55.66
N ASP D 109 -7.61 -16.06 -56.21
CA ASP D 109 -7.76 -17.46 -55.81
C ASP D 109 -7.08 -17.77 -54.49
N HIS D 110 -5.92 -17.15 -54.28
CA HIS D 110 -5.18 -17.26 -53.03
C HIS D 110 -4.52 -15.96 -52.74
N TRP D 111 -4.29 -15.67 -51.46
CA TRP D 111 -3.55 -14.46 -51.06
C TRP D 111 -2.07 -14.61 -51.30
N ARG D 112 -1.58 -15.85 -51.27
CA ARG D 112 -0.18 -16.16 -51.62
C ARG D 112 0.09 -15.81 -53.08
N GLY D 113 1.33 -15.41 -53.36
CA GLY D 113 1.66 -14.88 -54.68
C GLY D 113 1.08 -13.49 -54.80
N ARG D 114 0.51 -13.17 -55.98
CA ARG D 114 -0.01 -11.84 -56.29
C ARG D 114 1.08 -10.78 -56.28
N VAL D 115 1.09 -9.94 -57.32
CA VAL D 115 1.93 -8.76 -57.30
C VAL D 115 1.41 -7.86 -56.19
N ARG D 116 2.31 -7.40 -55.33
CA ARG D 116 1.95 -6.58 -54.19
C ARG D 116 2.66 -5.22 -54.28
N PRO D 117 1.89 -4.12 -54.13
CA PRO D 117 0.46 -4.12 -53.91
C PRO D 117 -0.34 -4.25 -55.21
N GLY D 118 -1.51 -4.88 -55.11
CA GLY D 118 -2.37 -5.09 -56.27
C GLY D 118 -3.10 -3.83 -56.71
N PRO D 119 -4.05 -3.98 -57.64
CA PRO D 119 -4.78 -2.82 -58.16
C PRO D 119 -5.74 -2.21 -57.12
N GLU D 120 -6.00 -2.96 -56.05
CA GLU D 120 -6.87 -2.52 -54.96
C GLU D 120 -6.11 -1.76 -53.85
N PHE D 121 -4.89 -1.32 -54.19
CA PHE D 121 -4.05 -0.52 -53.29
C PHE D 121 -4.75 0.73 -52.72
N PRO D 122 -5.49 1.49 -53.56
CA PRO D 122 -6.26 2.63 -53.04
C PRO D 122 -7.18 2.29 -51.85
N GLU D 123 -7.78 1.10 -51.87
CA GLU D 123 -8.68 0.66 -50.79
C GLU D 123 -7.93 0.19 -49.54
N GLU D 124 -6.75 -0.39 -49.75
CA GLU D 124 -5.86 -0.75 -48.64
C GLU D 124 -5.32 0.50 -47.95
N LEU D 125 -5.01 1.53 -48.73
CA LEU D 125 -4.58 2.82 -48.21
C LEU D 125 -5.66 3.48 -47.38
N LEU D 126 -6.89 3.45 -47.86
CA LEU D 126 -8.04 4.00 -47.13
C LEU D 126 -8.11 3.40 -45.73
N LEU D 127 -7.98 2.09 -45.64
CA LEU D 127 -7.99 1.41 -44.33
C LEU D 127 -6.78 1.76 -43.45
N MET D 128 -5.65 2.10 -44.08
CA MET D 128 -4.48 2.57 -43.33
C MET D 128 -4.69 3.98 -42.78
N LEU D 129 -5.30 4.86 -43.59
CA LEU D 129 -5.68 6.19 -43.14
C LEU D 129 -6.60 6.11 -41.94
N TYR D 130 -7.61 5.25 -42.03
CA TYR D 130 -8.54 5.02 -40.93
C TYR D 130 -7.84 4.51 -39.67
N SER D 131 -6.90 3.59 -39.82
CA SER D 131 -6.20 3.02 -38.67
C SER D 131 -5.31 4.04 -37.96
N ALA D 132 -4.74 4.98 -38.73
CA ALA D 132 -3.94 6.06 -38.18
C ALA D 132 -4.79 7.04 -37.36
N LEU D 133 -6.08 7.11 -37.67
CA LEU D 133 -7.00 7.94 -36.91
C LEU D 133 -7.36 7.28 -35.60
N LEU D 134 -7.38 5.95 -35.59
CA LEU D 134 -7.73 5.19 -34.39
C LEU D 134 -6.54 4.81 -33.52
N GLY D 135 -5.36 4.66 -34.14
CA GLY D 135 -4.16 4.24 -33.41
C GLY D 135 -3.02 4.03 -34.39
N GLU D 136 -2.46 2.83 -34.40
CA GLU D 136 -1.39 2.47 -35.32
C GLU D 136 -1.67 1.14 -35.99
N PRO D 137 -1.48 1.08 -37.32
CA PRO D 137 -1.59 -0.23 -37.95
C PRO D 137 -0.37 -1.09 -37.59
N PHE D 138 -0.58 -2.38 -37.44
CA PHE D 138 0.50 -3.31 -37.17
C PHE D 138 0.14 -4.65 -37.77
N GLY D 139 1.10 -5.57 -37.83
CA GLY D 139 0.83 -6.91 -38.34
C GLY D 139 1.49 -8.00 -37.54
N TRP D 140 1.46 -9.21 -38.07
CA TRP D 140 2.06 -10.37 -37.44
C TRP D 140 3.01 -11.02 -38.39
N ALA D 141 4.19 -11.37 -37.89
CA ALA D 141 5.15 -12.12 -38.69
C ALA D 141 4.68 -13.55 -38.96
N THR D 142 3.67 -13.98 -38.20
CA THR D 142 3.18 -15.36 -38.21
C THR D 142 1.80 -15.50 -38.85
N GLN D 143 1.32 -14.42 -39.48
CA GLN D 143 0.02 -14.44 -40.17
C GLN D 143 0.08 -13.66 -41.50
N GLN D 144 -0.35 -14.32 -42.57
CA GLN D 144 -0.26 -13.79 -43.95
C GLN D 144 1.07 -13.08 -44.24
N ASP D 145 2.16 -13.74 -43.87
CA ASP D 145 3.53 -13.29 -44.15
C ASP D 145 3.83 -11.84 -43.78
N GLY D 146 3.24 -11.39 -42.67
CA GLY D 146 3.49 -10.06 -42.14
C GLY D 146 2.94 -8.89 -42.93
N HIS D 147 1.99 -9.16 -43.82
CA HIS D 147 1.27 -8.09 -44.52
C HIS D 147 0.54 -7.22 -43.52
N LEU D 148 0.57 -5.92 -43.73
CA LEU D 148 -0.11 -4.98 -42.84
C LEU D 148 -1.62 -4.96 -43.07
N VAL D 149 -2.03 -5.27 -44.29
CA VAL D 149 -3.46 -5.38 -44.61
C VAL D 149 -3.74 -6.81 -45.04
N HIS D 150 -4.59 -7.48 -44.27
CA HIS D 150 -4.94 -8.87 -44.51
C HIS D 150 -6.04 -9.03 -45.52
N ASP D 151 -5.98 -10.14 -46.25
CA ASP D 151 -7.01 -10.48 -47.23
C ASP D 151 -8.03 -11.45 -46.65
N ILE D 152 -9.30 -11.14 -46.86
CA ILE D 152 -10.40 -12.02 -46.46
C ILE D 152 -11.24 -12.39 -47.69
N PHE D 153 -11.02 -13.59 -48.20
CA PHE D 153 -11.84 -14.16 -49.27
C PHE D 153 -11.81 -15.69 -49.21
N PRO D 154 -12.85 -16.35 -49.76
CA PRO D 154 -12.86 -17.82 -49.74
C PRO D 154 -11.80 -18.47 -50.64
N ILE D 155 -10.98 -19.32 -50.04
CA ILE D 155 -10.01 -20.15 -50.75
C ILE D 155 -10.51 -21.60 -50.69
N ARG D 156 -10.43 -22.31 -51.82
CA ARG D 156 -10.97 -23.66 -51.94
C ARG D 156 -10.48 -24.60 -50.84
N SER D 157 -9.18 -24.55 -50.56
CA SER D 157 -8.54 -25.47 -49.62
C SER D 157 -8.75 -25.13 -48.14
N HIS D 158 -9.42 -24.02 -47.86
CA HIS D 158 -9.82 -23.68 -46.49
C HIS D 158 -11.32 -23.68 -46.32
N GLU D 159 -12.02 -24.39 -47.21
CA GLU D 159 -13.50 -24.43 -47.21
C GLU D 159 -14.10 -24.93 -45.91
N ASN D 160 -13.43 -25.89 -45.27
CA ASN D 160 -13.92 -26.52 -44.03
C ASN D 160 -13.29 -25.95 -42.75
N ASP D 161 -12.55 -24.85 -42.89
CA ASP D 161 -11.73 -24.30 -41.81
C ASP D 161 -12.38 -23.22 -40.96
N GLN D 162 -11.88 -23.08 -39.73
CA GLN D 162 -12.19 -21.94 -38.88
C GLN D 162 -11.24 -20.78 -39.17
N LEU D 163 -11.04 -20.49 -40.45
CA LEU D 163 -10.22 -19.37 -40.88
C LEU D 163 -11.06 -18.36 -41.66
N GLY D 164 -10.50 -17.17 -41.87
CA GLY D 164 -11.16 -16.10 -42.63
C GLY D 164 -11.32 -16.44 -44.10
N MET D 165 -10.49 -17.37 -44.58
CA MET D 165 -10.53 -17.84 -45.96
C MET D 165 -11.53 -18.97 -46.14
N GLY D 166 -12.29 -19.27 -45.09
CA GLY D 166 -13.33 -20.30 -45.13
C GLY D 166 -14.65 -19.81 -45.68
N SER D 167 -15.66 -20.69 -45.65
CA SER D 167 -17.00 -20.36 -46.17
C SER D 167 -18.08 -21.35 -45.72
N LYS D 168 -17.84 -22.64 -45.96
CA LYS D 168 -18.84 -23.68 -45.65
C LYS D 168 -19.28 -23.72 -44.19
N GLN D 169 -18.30 -23.73 -43.28
CA GLN D 169 -18.58 -23.75 -41.86
C GLN D 169 -18.83 -22.34 -41.31
N LEU D 170 -19.67 -22.25 -40.29
CA LEU D 170 -19.89 -21.02 -39.54
C LEU D 170 -18.59 -20.65 -38.85
N LEU D 171 -18.10 -19.44 -39.11
CA LEU D 171 -16.93 -18.93 -38.40
C LEU D 171 -17.36 -18.50 -37.01
N THR D 172 -17.05 -19.35 -36.02
CA THR D 172 -17.43 -19.08 -34.63
C THR D 172 -16.84 -17.75 -34.16
N TRP D 173 -17.65 -16.98 -33.44
CA TRP D 173 -17.24 -15.64 -33.03
C TRP D 173 -16.09 -15.62 -32.08
N HIS D 174 -15.35 -14.52 -32.09
CA HIS D 174 -14.08 -14.43 -31.36
C HIS D 174 -13.59 -13.02 -31.27
N THR D 175 -12.88 -12.72 -30.19
CA THR D 175 -11.98 -11.57 -30.12
C THR D 175 -10.82 -11.88 -31.05
N GLU D 176 -10.38 -10.90 -31.83
CA GLU D 176 -9.25 -11.11 -32.75
C GLU D 176 -7.97 -11.36 -31.97
N ASP D 177 -7.33 -12.49 -32.26
CA ASP D 177 -6.10 -12.91 -31.57
C ASP D 177 -6.25 -12.91 -30.05
N ALA D 178 -7.38 -13.45 -29.58
CA ALA D 178 -7.75 -13.42 -28.15
C ALA D 178 -6.65 -13.94 -27.23
N PHE D 179 -5.90 -14.93 -27.72
CA PHE D 179 -4.81 -15.55 -26.96
C PHE D 179 -3.61 -14.62 -26.72
N HIS D 180 -3.49 -13.58 -27.54
CA HIS D 180 -2.26 -12.78 -27.58
C HIS D 180 -2.32 -11.55 -26.73
N PRO D 181 -1.28 -11.32 -25.90
CA PRO D 181 -1.24 -10.15 -25.02
C PRO D 181 -1.23 -8.83 -25.79
N TYR D 182 -0.75 -8.85 -27.03
CA TYR D 182 -0.67 -7.63 -27.83
C TYR D 182 -1.62 -7.64 -29.02
N ARG D 183 -2.74 -8.34 -28.86
CA ARG D 183 -3.81 -8.37 -29.85
C ARG D 183 -4.32 -6.97 -30.16
N SER D 184 -5.00 -6.82 -31.29
CA SER D 184 -5.58 -5.55 -31.72
C SER D 184 -6.43 -4.93 -30.63
N ASP D 185 -6.35 -3.60 -30.55
CA ASP D 185 -7.34 -2.82 -29.81
C ASP D 185 -8.56 -2.58 -30.71
N TYR D 186 -8.33 -2.45 -32.02
CA TYR D 186 -9.39 -2.26 -33.02
C TYR D 186 -9.17 -3.10 -34.28
N LEU D 187 -10.27 -3.52 -34.90
CA LEU D 187 -10.25 -4.12 -36.23
C LEU D 187 -10.96 -3.24 -37.23
N ILE D 188 -10.34 -3.10 -38.40
CA ILE D 188 -10.95 -2.42 -39.53
C ILE D 188 -11.16 -3.44 -40.64
N LEU D 189 -12.41 -3.60 -41.03
CA LEU D 189 -12.80 -4.47 -42.14
C LEU D 189 -13.44 -3.63 -43.23
N GLY D 190 -12.82 -3.58 -44.39
CA GLY D 190 -13.39 -2.90 -45.55
C GLY D 190 -13.91 -3.92 -46.54
N ALA D 191 -15.16 -3.74 -46.96
CA ALA D 191 -15.81 -4.69 -47.87
C ALA D 191 -15.68 -4.25 -49.32
N LEU D 192 -14.75 -4.87 -50.04
CA LEU D 192 -14.52 -4.59 -51.45
C LEU D 192 -15.72 -5.03 -52.29
N ARG D 193 -16.24 -6.21 -51.99
CA ARG D 193 -17.49 -6.69 -52.57
C ARG D 193 -18.11 -7.77 -51.68
N ASN D 194 -19.43 -7.77 -51.60
CA ASN D 194 -20.18 -8.82 -50.91
C ASN D 194 -21.50 -9.06 -51.62
N PRO D 195 -21.44 -9.63 -52.85
CA PRO D 195 -22.60 -9.73 -53.74
C PRO D 195 -23.80 -10.45 -53.14
N ASP D 196 -23.53 -11.49 -52.35
CA ASP D 196 -24.59 -12.28 -51.72
C ASP D 196 -24.95 -11.76 -50.33
N HIS D 197 -24.37 -10.62 -49.95
CA HIS D 197 -24.67 -9.92 -48.69
C HIS D 197 -24.47 -10.78 -47.47
N VAL D 198 -23.34 -11.48 -47.42
CA VAL D 198 -23.02 -12.38 -46.31
C VAL D 198 -22.78 -11.57 -45.04
N PRO D 199 -23.54 -11.86 -43.96
CA PRO D 199 -23.43 -11.12 -42.71
C PRO D 199 -22.18 -11.43 -41.89
N THR D 200 -21.58 -10.38 -41.33
CA THR D 200 -20.58 -10.52 -40.28
C THR D 200 -21.35 -10.49 -38.98
N THR D 201 -21.07 -11.45 -38.10
CA THR D 201 -21.69 -11.42 -36.78
C THR D 201 -20.81 -10.62 -35.82
N VAL D 202 -21.44 -9.88 -34.92
CA VAL D 202 -20.73 -9.09 -33.90
C VAL D 202 -21.61 -8.93 -32.67
N GLY D 203 -21.03 -9.16 -31.49
CA GLY D 203 -21.77 -9.12 -30.23
C GLY D 203 -21.02 -8.45 -29.10
N GLU D 204 -21.77 -7.70 -28.29
CA GLU D 204 -21.21 -6.97 -27.16
C GLU D 204 -21.45 -7.75 -25.87
N LEU D 205 -21.12 -7.13 -24.73
CA LEU D 205 -21.30 -7.77 -23.43
C LEU D 205 -22.40 -7.07 -22.65
N ASP D 206 -23.49 -7.79 -22.39
CA ASP D 206 -24.56 -7.30 -21.54
C ASP D 206 -24.24 -7.67 -20.10
N LEU D 207 -23.75 -6.69 -19.34
CA LEU D 207 -23.24 -6.92 -17.99
C LEU D 207 -24.31 -7.37 -16.99
N SER D 208 -25.52 -6.87 -17.16
CA SER D 208 -26.63 -7.12 -16.23
C SER D 208 -27.07 -8.58 -16.14
N SER D 209 -26.86 -9.33 -17.22
CA SER D 209 -27.30 -10.73 -17.33
C SER D 209 -26.49 -11.70 -16.46
N LEU D 210 -25.44 -11.20 -15.81
CA LEU D 210 -24.52 -12.03 -15.04
C LEU D 210 -24.55 -11.68 -13.56
N SER D 211 -24.38 -12.70 -12.72
CA SER D 211 -24.27 -12.51 -11.27
C SER D 211 -22.92 -11.88 -10.93
N ALA D 212 -22.86 -11.21 -9.78
CA ALA D 212 -21.63 -10.54 -9.33
C ALA D 212 -20.47 -11.51 -9.11
N GLU D 213 -20.77 -12.71 -8.61
CA GLU D 213 -19.75 -13.71 -8.35
C GLU D 213 -19.20 -14.34 -9.64
N ASP D 214 -20.00 -14.36 -10.69
CA ASP D 214 -19.55 -14.83 -12.01
C ASP D 214 -18.58 -13.84 -12.62
N ILE D 215 -18.95 -12.56 -12.57
CA ILE D 215 -18.12 -11.47 -13.09
C ILE D 215 -16.76 -11.46 -12.39
N ASP D 216 -16.76 -11.58 -11.07
CA ASP D 216 -15.53 -11.59 -10.28
C ASP D 216 -14.64 -12.81 -10.57
N VAL D 217 -15.27 -13.93 -10.86
CA VAL D 217 -14.54 -15.16 -11.24
C VAL D 217 -13.90 -14.99 -12.62
N LEU D 218 -14.60 -14.31 -13.53
CA LEU D 218 -14.11 -14.06 -14.88
C LEU D 218 -12.92 -13.10 -14.92
N PHE D 219 -12.78 -12.26 -13.90
CA PHE D 219 -11.62 -11.36 -13.79
C PHE D 219 -10.34 -12.07 -13.36
N GLU D 220 -10.48 -13.31 -12.88
CA GLU D 220 -9.34 -14.08 -12.36
C GLU D 220 -8.68 -14.97 -13.44
N PRO D 221 -7.36 -15.18 -13.34
CA PRO D 221 -6.61 -15.93 -14.37
C PRO D 221 -6.89 -17.43 -14.31
N ARG D 222 -8.07 -17.83 -14.76
CA ARG D 222 -8.51 -19.22 -14.60
C ARG D 222 -8.90 -19.92 -15.91
N TYR D 223 -8.67 -19.27 -17.04
CA TYR D 223 -9.16 -19.78 -18.34
C TYR D 223 -8.03 -19.90 -19.37
N HIS D 224 -8.16 -20.90 -20.24
CA HIS D 224 -7.13 -21.15 -21.25
C HIS D 224 -7.62 -20.87 -22.65
N ILE D 225 -6.95 -19.95 -23.34
CA ILE D 225 -7.23 -19.67 -24.74
C ILE D 225 -5.98 -19.91 -25.59
N ALA D 226 -6.13 -20.77 -26.59
CA ALA D 226 -5.02 -21.20 -27.47
C ALA D 226 -4.92 -20.38 -28.76
N PRO D 227 -3.73 -20.39 -29.42
CA PRO D 227 -3.57 -19.69 -30.70
C PRO D 227 -4.38 -20.33 -31.83
N ASP D 228 -4.91 -19.50 -32.74
CA ASP D 228 -5.71 -20.01 -33.86
C ASP D 228 -4.82 -20.46 -35.02
N GLU D 229 -5.45 -21.11 -36.00
CA GLU D 229 -4.73 -21.76 -37.11
C GLU D 229 -4.00 -20.82 -38.06
N SER D 230 -4.45 -19.57 -38.16
CA SER D 230 -3.80 -18.60 -39.06
C SER D 230 -2.35 -18.36 -38.69
N HIS D 231 -1.98 -18.75 -37.46
CA HIS D 231 -0.64 -18.56 -36.94
C HIS D 231 0.26 -19.76 -37.10
N LEU D 232 -0.23 -20.78 -37.79
CA LEU D 232 0.55 -21.99 -38.05
C LEU D 232 1.46 -21.85 -39.29
N PRO D 233 2.66 -22.46 -39.24
CA PRO D 233 3.60 -22.46 -40.37
C PRO D 233 2.99 -22.94 -41.70
N LYS D 234 2.11 -23.94 -41.65
CA LYS D 234 1.41 -24.45 -42.84
C LYS D 234 0.52 -23.42 -43.52
N ASN D 235 0.09 -22.40 -42.77
CA ASN D 235 -0.74 -21.32 -43.30
C ASN D 235 0.04 -20.05 -43.65
N ASN D 236 1.38 -20.19 -43.68
CA ASN D 236 2.28 -19.13 -44.16
C ASN D 236 3.27 -19.74 -45.13
N THR D 237 4.00 -18.90 -45.88
CA THR D 237 5.08 -19.42 -46.70
C THR D 237 6.23 -19.80 -45.77
N ILE D 238 6.77 -21.01 -45.96
CA ILE D 238 7.84 -21.57 -45.13
C ILE D 238 8.89 -20.54 -44.73
N ALA D 239 9.30 -20.58 -43.46
CA ALA D 239 10.32 -19.66 -42.95
C ALA D 239 11.72 -20.00 -43.46
N THR D 240 12.54 -18.95 -43.65
CA THR D 240 13.97 -19.11 -43.96
C THR D 240 14.71 -19.48 -42.67
N GLU D 241 16.03 -19.59 -42.72
CA GLU D 241 16.82 -19.85 -41.50
C GLU D 241 17.33 -18.57 -40.84
N GLU D 242 17.13 -17.44 -41.52
CA GLU D 242 17.19 -16.11 -40.90
C GLU D 242 15.82 -15.86 -40.26
N GLU D 243 15.04 -16.93 -40.15
CA GLU D 243 13.65 -16.88 -39.76
C GLU D 243 13.33 -18.12 -38.92
N ALA D 244 14.37 -18.74 -38.37
CA ALA D 244 14.25 -19.96 -37.55
C ALA D 244 13.40 -19.73 -36.29
N ALA D 245 13.39 -18.48 -35.81
CA ALA D 245 12.63 -18.09 -34.63
C ALA D 245 11.38 -17.25 -34.97
N ARG D 246 10.83 -17.45 -36.17
CA ARG D 246 9.64 -16.72 -36.60
C ARG D 246 8.43 -17.04 -35.74
N PHE D 247 8.21 -18.32 -35.48
CA PHE D 247 7.03 -18.79 -34.76
C PHE D 247 7.32 -19.06 -33.29
N ALA D 248 8.55 -18.75 -32.87
CA ALA D 248 9.02 -19.00 -31.50
C ALA D 248 8.13 -18.43 -30.40
N THR D 249 7.70 -17.17 -30.56
CA THR D 249 6.85 -16.51 -29.56
C THR D 249 5.50 -17.20 -29.40
N ILE D 250 4.99 -17.75 -30.50
CA ILE D 250 3.72 -18.45 -30.49
C ILE D 250 3.88 -19.90 -30.00
N GLN D 251 4.99 -20.55 -30.35
CA GLN D 251 5.30 -21.87 -29.81
C GLN D 251 5.50 -21.82 -28.29
N ARG D 252 6.16 -20.78 -27.80
CA ARG D 252 6.34 -20.58 -26.36
C ARG D 252 5.00 -20.57 -25.63
N MET D 253 4.02 -19.86 -26.22
CA MET D 253 2.68 -19.74 -25.64
C MET D 253 1.93 -21.06 -25.64
N ILE D 254 2.07 -21.82 -26.74
CA ILE D 254 1.49 -23.16 -26.86
C ILE D 254 2.11 -24.11 -25.82
N ASP D 255 3.42 -24.00 -25.62
CA ASP D 255 4.15 -24.80 -24.63
C ASP D 255 3.66 -24.55 -23.20
N GLU D 256 3.48 -23.28 -22.85
CA GLU D 256 3.16 -22.89 -21.47
C GLU D 256 1.69 -23.07 -21.10
N ARG D 257 0.79 -22.87 -22.06
CA ARG D 257 -0.66 -22.94 -21.85
C ARG D 257 -1.18 -22.07 -20.68
N PRO D 258 -0.68 -20.81 -20.55
CA PRO D 258 -0.97 -20.05 -19.34
C PRO D 258 -2.45 -19.75 -19.18
N LEU D 259 -2.88 -19.55 -17.94
CA LEU D 259 -4.27 -19.22 -17.67
C LEU D 259 -4.43 -17.72 -17.53
N GLY D 260 -5.49 -17.19 -18.13
CA GLY D 260 -5.78 -15.77 -18.08
C GLY D 260 -7.27 -15.49 -17.90
N PRO D 261 -7.60 -14.24 -17.52
CA PRO D 261 -8.98 -13.81 -17.35
C PRO D 261 -9.72 -13.64 -18.68
N LEU D 262 -11.04 -13.57 -18.63
CA LEU D 262 -11.85 -13.30 -19.82
C LEU D 262 -12.44 -11.89 -19.76
N LEU D 263 -12.57 -11.37 -18.55
CA LEU D 263 -12.94 -9.97 -18.35
C LEU D 263 -11.80 -9.24 -17.65
N TYR D 264 -11.72 -7.93 -17.90
CA TYR D 264 -10.67 -7.07 -17.34
C TYR D 264 -11.06 -5.60 -17.49
N GLY D 265 -10.21 -4.69 -17.02
CA GLY D 265 -10.56 -3.27 -16.96
C GLY D 265 -11.44 -2.97 -15.75
N SER D 266 -12.38 -2.03 -15.94
CA SER D 266 -13.28 -1.61 -14.87
C SER D 266 -14.34 -2.66 -14.58
N ARG D 267 -14.48 -3.03 -13.32
CA ARG D 267 -15.42 -4.07 -12.90
C ARG D 267 -16.89 -3.69 -13.08
N LEU D 268 -17.16 -2.40 -13.21
CA LEU D 268 -18.51 -1.89 -13.47
C LEU D 268 -18.80 -1.82 -14.97
N ASP D 269 -17.74 -1.87 -15.78
CA ASP D 269 -17.83 -1.71 -17.24
C ASP D 269 -16.65 -2.45 -17.92
N PRO D 270 -16.66 -3.80 -17.90
CA PRO D 270 -15.45 -4.56 -18.23
C PRO D 270 -15.17 -4.73 -19.73
N TYR D 271 -13.90 -4.96 -20.05
CA TYR D 271 -13.50 -5.41 -21.38
C TYR D 271 -13.48 -6.93 -21.41
N MET D 272 -13.56 -7.51 -22.61
CA MET D 272 -13.53 -8.95 -22.71
C MET D 272 -12.55 -9.46 -23.78
N ARG D 273 -12.03 -10.66 -23.56
CA ARG D 273 -11.35 -11.39 -24.61
C ARG D 273 -11.89 -12.83 -24.63
N LEU D 274 -12.34 -13.27 -25.80
CA LEU D 274 -13.10 -14.50 -25.94
C LEU D 274 -12.79 -15.20 -27.25
N ASP D 275 -12.73 -16.53 -27.21
CA ASP D 275 -12.49 -17.35 -28.41
C ASP D 275 -12.88 -18.80 -28.08
N PRO D 276 -14.19 -19.08 -28.05
CA PRO D 276 -14.71 -20.38 -27.62
C PRO D 276 -14.04 -21.58 -28.28
N TYR D 277 -13.76 -21.49 -29.58
CA TYR D 277 -13.23 -22.63 -30.33
C TYR D 277 -11.86 -23.06 -29.84
N PHE D 278 -11.11 -22.13 -29.26
CA PHE D 278 -9.76 -22.41 -28.77
C PHE D 278 -9.67 -22.23 -27.25
N THR D 279 -10.82 -22.38 -26.58
CA THR D 279 -10.93 -22.22 -25.14
C THR D 279 -11.24 -23.55 -24.42
N SER D 280 -10.52 -23.79 -23.32
CA SER D 280 -10.86 -24.84 -22.37
C SER D 280 -10.78 -24.30 -20.94
N VAL D 281 -11.48 -24.96 -20.02
CA VAL D 281 -11.43 -24.63 -18.61
C VAL D 281 -11.05 -25.89 -17.82
N PRO D 282 -10.12 -25.77 -16.85
CA PRO D 282 -9.77 -26.94 -16.03
C PRO D 282 -11.01 -27.52 -15.33
N GLN D 283 -11.12 -28.85 -15.36
CA GLN D 283 -12.30 -29.55 -14.82
C GLN D 283 -12.53 -29.30 -13.33
N ASP D 284 -11.44 -29.25 -12.57
CA ASP D 284 -11.45 -28.96 -11.13
C ASP D 284 -12.28 -27.72 -10.79
N ASP D 285 -12.07 -26.65 -11.55
CA ASP D 285 -12.64 -25.34 -11.26
C ASP D 285 -14.11 -25.27 -11.65
N THR D 286 -14.98 -25.67 -10.72
CA THR D 286 -16.43 -25.60 -10.91
C THR D 286 -16.90 -24.16 -11.07
N ASP D 287 -16.25 -23.25 -10.33
CA ASP D 287 -16.59 -21.83 -10.36
C ASP D 287 -16.27 -21.15 -11.70
N ALA D 288 -15.15 -21.53 -12.31
CA ALA D 288 -14.77 -21.01 -13.62
C ALA D 288 -15.63 -21.58 -14.75
N ARG D 289 -15.96 -22.88 -14.67
CA ARG D 289 -16.77 -23.54 -15.70
C ARG D 289 -18.20 -23.00 -15.71
N ARG D 290 -18.73 -22.73 -14.52
CA ARG D 290 -20.06 -22.13 -14.40
C ARG D 290 -20.08 -20.73 -15.02
N ALA D 291 -19.11 -19.90 -14.59
CA ALA D 291 -19.02 -18.52 -15.06
C ALA D 291 -18.80 -18.42 -16.57
N TYR D 292 -17.93 -19.27 -17.11
CA TYR D 292 -17.65 -19.26 -18.54
C TYR D 292 -18.88 -19.69 -19.37
N ASP D 293 -19.55 -20.74 -18.93
CA ASP D 293 -20.80 -21.19 -19.55
C ASP D 293 -21.84 -20.07 -19.55
N ALA D 294 -21.94 -19.36 -18.44
CA ALA D 294 -22.83 -18.20 -18.32
C ALA D 294 -22.44 -17.08 -19.30
N LEU D 295 -21.14 -16.81 -19.41
CA LEU D 295 -20.65 -15.73 -20.28
C LEU D 295 -20.85 -16.06 -21.75
N PHE D 296 -20.59 -17.30 -22.14
CA PHE D 296 -20.82 -17.75 -23.51
C PHE D 296 -22.28 -17.55 -23.89
N LYS D 297 -23.19 -17.99 -23.01
CA LYS D 297 -24.63 -17.91 -23.24
C LYS D 297 -25.13 -16.47 -23.47
N VAL D 298 -24.63 -15.53 -22.66
CA VAL D 298 -24.99 -14.11 -22.78
C VAL D 298 -24.51 -13.51 -24.10
N VAL D 299 -23.23 -13.68 -24.39
CA VAL D 299 -22.62 -13.12 -25.61
C VAL D 299 -23.19 -13.76 -26.87
N ASP D 300 -23.41 -15.08 -26.83
CA ASP D 300 -23.93 -15.81 -27.99
C ASP D 300 -25.37 -15.44 -28.37
N SER D 301 -26.20 -15.19 -27.37
CA SER D 301 -27.61 -14.83 -27.62
C SER D 301 -27.77 -13.38 -28.05
N GLY D 302 -26.76 -12.56 -27.78
CA GLY D 302 -26.79 -11.14 -28.12
C GLY D 302 -26.11 -10.77 -29.43
N MET D 303 -25.63 -11.77 -30.16
CA MET D 303 -24.94 -11.55 -31.44
C MET D 303 -25.89 -10.92 -32.48
N ARG D 304 -25.47 -9.80 -33.05
CA ARG D 304 -26.21 -9.19 -34.15
C ARG D 304 -25.59 -9.58 -35.47
N GLU D 305 -26.39 -9.49 -36.54
CA GLU D 305 -25.86 -9.60 -37.88
C GLU D 305 -25.61 -8.19 -38.41
N VAL D 306 -24.45 -8.01 -39.01
CA VAL D 306 -24.06 -6.72 -39.58
C VAL D 306 -23.46 -6.99 -40.95
N VAL D 307 -24.17 -6.58 -42.00
CA VAL D 307 -23.70 -6.82 -43.35
C VAL D 307 -22.73 -5.73 -43.77
N ALA D 308 -21.49 -6.12 -44.00
CA ALA D 308 -20.52 -5.27 -44.64
C ALA D 308 -20.70 -5.45 -46.14
N ASP D 309 -21.45 -4.53 -46.75
CA ASP D 309 -21.65 -4.52 -48.19
C ASP D 309 -20.56 -3.71 -48.87
N GLN D 310 -20.43 -3.89 -50.18
CA GLN D 310 -19.48 -3.14 -50.98
C GLN D 310 -19.52 -1.66 -50.59
N GLY D 311 -18.35 -1.10 -50.28
CA GLY D 311 -18.24 0.31 -49.92
C GLY D 311 -18.41 0.56 -48.42
N ASP D 312 -18.84 -0.47 -47.69
CA ASP D 312 -18.92 -0.40 -46.23
C ASP D 312 -17.56 -0.66 -45.60
N VAL D 313 -17.26 0.09 -44.54
CA VAL D 313 -16.07 -0.16 -43.72
C VAL D 313 -16.52 -0.32 -42.26
N LEU D 314 -16.26 -1.50 -41.72
CA LEU D 314 -16.70 -1.87 -40.37
C LEU D 314 -15.56 -1.71 -39.38
N PHE D 315 -15.81 -0.94 -38.33
CA PHE D 315 -14.82 -0.69 -37.29
C PHE D 315 -15.22 -1.45 -36.03
N ILE D 316 -14.37 -2.37 -35.60
CA ILE D 316 -14.67 -3.16 -34.41
C ILE D 316 -13.75 -2.81 -33.26
N ASP D 317 -14.35 -2.61 -32.10
CA ASP D 317 -13.64 -2.40 -30.86
C ASP D 317 -13.33 -3.78 -30.31
N ASN D 318 -12.07 -4.19 -30.45
CA ASN D 318 -11.65 -5.53 -30.08
C ASN D 318 -11.70 -5.83 -28.58
N HIS D 319 -11.89 -4.79 -27.77
CA HIS D 319 -12.10 -5.00 -26.32
C HIS D 319 -13.54 -5.10 -25.91
N ARG D 320 -14.46 -4.61 -26.74
CA ARG D 320 -15.88 -4.56 -26.37
C ARG D 320 -16.78 -5.47 -27.22
N ALA D 321 -16.25 -5.98 -28.32
CA ALA D 321 -17.03 -6.83 -29.21
C ALA D 321 -16.23 -8.02 -29.75
N VAL D 322 -16.85 -9.19 -29.77
CA VAL D 322 -16.35 -10.35 -30.49
C VAL D 322 -16.99 -10.31 -31.87
N HIS D 323 -16.46 -11.09 -32.82
CA HIS D 323 -17.02 -11.11 -34.17
C HIS D 323 -16.81 -12.42 -34.84
N GLY D 324 -17.68 -12.73 -35.79
CA GLY D 324 -17.59 -13.95 -36.59
C GLY D 324 -18.22 -13.78 -37.96
N ARG D 325 -18.54 -14.88 -38.62
CA ARG D 325 -19.08 -14.84 -39.97
C ARG D 325 -19.96 -16.06 -40.25
N LEU D 326 -21.12 -15.81 -40.85
CA LEU D 326 -22.09 -16.87 -41.16
C LEU D 326 -21.65 -17.73 -42.34
N PRO D 327 -22.18 -18.97 -42.44
CA PRO D 327 -21.85 -19.84 -43.59
C PRO D 327 -22.32 -19.24 -44.91
N PHE D 328 -21.56 -19.46 -45.96
CA PHE D 328 -21.95 -19.05 -47.31
C PHE D 328 -21.33 -19.96 -48.36
N GLN D 329 -21.98 -20.05 -49.52
CA GLN D 329 -21.47 -20.85 -50.63
C GLN D 329 -20.62 -19.97 -51.53
N ALA D 330 -19.37 -20.37 -51.71
CA ALA D 330 -18.42 -19.65 -52.55
C ALA D 330 -18.46 -20.17 -53.98
N ARG D 331 -18.27 -19.25 -54.93
CA ARG D 331 -18.32 -19.60 -56.34
C ARG D 331 -16.95 -19.97 -56.92
N TYR D 332 -15.88 -19.46 -56.29
CA TYR D 332 -14.49 -19.69 -56.70
C TYR D 332 -14.20 -19.31 -58.16
N ASP D 333 -14.90 -18.29 -58.65
CA ASP D 333 -14.77 -17.86 -60.03
C ASP D 333 -14.23 -16.44 -60.16
N GLY D 334 -13.97 -15.80 -59.02
CA GLY D 334 -13.41 -14.44 -58.99
C GLY D 334 -14.44 -13.35 -58.72
N THR D 335 -15.59 -13.74 -58.17
CA THR D 335 -16.68 -12.81 -57.89
C THR D 335 -17.07 -12.84 -56.41
N ASP D 336 -16.33 -13.61 -55.62
CA ASP D 336 -16.68 -13.86 -54.21
C ASP D 336 -16.48 -12.67 -53.28
N ARG D 337 -17.24 -12.69 -52.18
CA ARG D 337 -17.10 -11.77 -51.05
C ARG D 337 -15.63 -11.52 -50.76
N TRP D 338 -15.23 -10.26 -50.82
CA TRP D 338 -13.83 -9.89 -50.64
C TRP D 338 -13.69 -8.74 -49.68
N LEU D 339 -13.09 -9.01 -48.52
CA LEU D 339 -12.83 -7.97 -47.52
C LEU D 339 -11.33 -7.81 -47.26
N LYS D 340 -10.96 -6.64 -46.76
CA LYS D 340 -9.60 -6.33 -46.33
C LYS D 340 -9.62 -6.03 -44.84
N ARG D 341 -8.58 -6.44 -44.11
CA ARG D 341 -8.52 -6.22 -42.67
C ARG D 341 -7.24 -5.51 -42.22
N VAL D 342 -7.40 -4.54 -41.32
CA VAL D 342 -6.26 -3.92 -40.64
C VAL D 342 -6.38 -4.09 -39.12
N CYS D 343 -5.31 -4.60 -38.52
CA CYS D 343 -5.17 -4.64 -37.08
C CYS D 343 -4.64 -3.29 -36.59
N VAL D 344 -5.25 -2.78 -35.52
CA VAL D 344 -4.88 -1.46 -34.99
C VAL D 344 -4.49 -1.56 -33.51
N THR D 345 -3.30 -1.04 -33.20
CA THR D 345 -2.87 -0.93 -31.80
C THR D 345 -2.86 0.52 -31.32
N SER D 346 -3.30 0.72 -30.09
CA SER D 346 -3.23 2.02 -29.42
C SER D 346 -1.81 2.32 -28.95
N ASP D 347 -1.01 1.28 -28.67
CA ASP D 347 0.33 1.46 -28.14
C ASP D 347 1.32 0.49 -28.78
N LEU D 348 2.02 0.96 -29.81
CA LEU D 348 3.00 0.15 -30.51
C LEU D 348 4.16 -0.28 -29.61
N ARG D 349 4.54 0.58 -28.67
CA ARG D 349 5.71 0.37 -27.82
C ARG D 349 5.52 -0.70 -26.73
N ARG D 350 4.26 -0.98 -26.41
CA ARG D 350 3.91 -1.99 -25.42
C ARG D 350 4.30 -3.40 -25.85
N SER D 351 4.43 -3.62 -27.16
CA SER D 351 4.78 -4.92 -27.69
C SER D 351 6.26 -5.02 -28.07
N ARG D 352 7.05 -4.03 -27.67
CA ARG D 352 8.46 -3.96 -28.07
C ARG D 352 9.21 -5.28 -27.90
N GLU D 353 8.97 -5.97 -26.78
CA GLU D 353 9.65 -7.23 -26.48
C GLU D 353 9.40 -8.34 -27.50
N MET D 354 8.28 -8.25 -28.23
CA MET D 354 7.93 -9.23 -29.25
C MET D 354 8.09 -8.69 -30.67
N ARG D 355 8.94 -7.67 -30.81
CA ARG D 355 9.25 -7.08 -32.12
C ARG D 355 10.77 -7.04 -32.29
N ALA D 356 11.25 -7.43 -33.47
CA ALA D 356 12.69 -7.57 -33.73
C ALA D 356 13.46 -6.27 -33.56
N THR D 357 12.87 -5.17 -34.02
CA THR D 357 13.47 -3.84 -33.91
C THR D 357 12.42 -2.84 -33.43
N SER D 358 12.87 -1.63 -33.09
CA SER D 358 11.96 -0.56 -32.71
C SER D 358 11.08 -0.08 -33.86
N ALA D 359 11.59 -0.16 -35.09
CA ALA D 359 10.86 0.34 -36.26
C ALA D 359 9.78 -0.62 -36.78
N THR D 360 10.01 -1.93 -36.67
CA THR D 360 9.10 -2.92 -37.24
C THR D 360 7.71 -2.92 -36.58
N ARG D 361 6.68 -3.03 -37.41
CA ARG D 361 5.28 -3.05 -36.96
C ARG D 361 4.75 -4.48 -36.93
N LEU D 362 5.66 -5.45 -37.07
CA LEU D 362 5.27 -6.85 -37.15
C LEU D 362 5.65 -7.58 -35.87
N LEU D 363 4.66 -8.25 -35.27
CA LEU D 363 4.88 -8.99 -34.04
C LEU D 363 5.35 -10.41 -34.35
N GLY D 364 6.37 -10.85 -33.61
CA GLY D 364 6.93 -12.19 -33.77
C GLY D 364 8.39 -12.23 -33.38
#